data_2N09
# 
_entry.id   2N09 
# 
_audit_conform.dict_name       mmcif_pdbx.dic 
_audit_conform.dict_version    5.403 
_audit_conform.dict_location   http://mmcif.pdb.org/dictionaries/ascii/mmcif_pdbx.dic 
# 
loop_
_database_2.database_code 
_database_2.database_id 
_database_2.pdbx_database_accession 
_database_2.pdbx_DOI 
RCSB104258   RCSB  ?            ?                   
2N09         PDB   pdb_00002n09 10.2210/pdb2n09/pdb 
26536        BMRB  ?            10.13018/BMR26536   
D_1000104258 WWPDB ?            ?                   
# 
loop_
_pdbx_audit_revision_history.ordinal 
_pdbx_audit_revision_history.data_content_type 
_pdbx_audit_revision_history.major_revision 
_pdbx_audit_revision_history.minor_revision 
_pdbx_audit_revision_history.revision_date 
_pdbx_audit_revision_history.part_number 
1 'Structure model' 1 0 2015-04-15 ? 
2 'Structure model' 1 1 2015-05-27 ? 
3 'Structure model' 1 2 2025-03-26 ? 
# 
_pdbx_audit_revision_details.ordinal             1 
_pdbx_audit_revision_details.revision_ordinal    1 
_pdbx_audit_revision_details.data_content_type   'Structure model' 
_pdbx_audit_revision_details.provider            repository 
_pdbx_audit_revision_details.type                'Initial release' 
_pdbx_audit_revision_details.description         ? 
_pdbx_audit_revision_details.details             ? 
# 
loop_
_pdbx_audit_revision_group.ordinal 
_pdbx_audit_revision_group.revision_ordinal 
_pdbx_audit_revision_group.data_content_type 
_pdbx_audit_revision_group.group 
1 2 'Structure model' 'Database references'  
2 3 'Structure model' 'Data collection'      
3 3 'Structure model' 'Database references'  
4 3 'Structure model' 'Derived calculations' 
5 3 'Structure model' 'Structure summary'    
# 
loop_
_pdbx_audit_revision_category.ordinal 
_pdbx_audit_revision_category.revision_ordinal 
_pdbx_audit_revision_category.data_content_type 
_pdbx_audit_revision_category.category 
1 3 'Structure model' chem_comp_atom            
2 3 'Structure model' chem_comp_bond            
3 3 'Structure model' database_2                
4 3 'Structure model' pdbx_entry_details        
5 3 'Structure model' pdbx_modification_feature 
6 3 'Structure model' pdbx_nmr_spectrometer     
7 3 'Structure model' struct_conn               
# 
loop_
_pdbx_audit_revision_item.ordinal 
_pdbx_audit_revision_item.revision_ordinal 
_pdbx_audit_revision_item.data_content_type 
_pdbx_audit_revision_item.item 
1  3 'Structure model' '_database_2.pdbx_DOI'                
2  3 'Structure model' '_database_2.pdbx_database_accession' 
3  3 'Structure model' '_pdbx_nmr_spectrometer.model'        
4  3 'Structure model' '_struct_conn.pdbx_dist_value'        
5  3 'Structure model' '_struct_conn.pdbx_leaving_atom_flag' 
6  3 'Structure model' '_struct_conn.ptnr1_auth_comp_id'     
7  3 'Structure model' '_struct_conn.ptnr1_auth_seq_id'      
8  3 'Structure model' '_struct_conn.ptnr1_label_comp_id'    
9  3 'Structure model' '_struct_conn.ptnr1_label_seq_id'     
10 3 'Structure model' '_struct_conn.ptnr2_auth_comp_id'     
11 3 'Structure model' '_struct_conn.ptnr2_auth_seq_id'      
12 3 'Structure model' '_struct_conn.ptnr2_label_comp_id'    
13 3 'Structure model' '_struct_conn.ptnr2_label_seq_id'     
# 
_pdbx_database_status.deposit_site                    BMRB 
_pdbx_database_status.entry_id                        2N09 
_pdbx_database_status.process_site                    RCSB 
_pdbx_database_status.recvd_initial_deposition_date   2015-03-04 
_pdbx_database_status.SG_entry                        ? 
_pdbx_database_status.status_code                     REL 
_pdbx_database_status.status_code_mr                  REL 
_pdbx_database_status.status_code_sf                  ? 
_pdbx_database_status.status_code_cs                  REL 
_pdbx_database_status.methods_development_category    ? 
_pdbx_database_status.pdb_format_compatible           Y 
_pdbx_database_status.status_code_nmr_data            ? 
# 
loop_
_pdbx_database_related.db_id 
_pdbx_database_related.db_name 
_pdbx_database_related.content_type 
_pdbx_database_related.details 
26536 BMRB unspecified . 
2N08  PDB  unspecified . 
2N0I  PDB  unspecified . 
2N0N  PDB  unspecified . 
# 
loop_
_audit_author.name 
_audit_author.pdbx_ordinal 
'Hoang, H.N.'      1  
'Song, K.'         2  
'Hill, T.A.'       3  
'Derksen, D.R.'    4  
'Edmonds, D.J.'    5  
'Kok, W.M.'        6  
'Limberakis, C.'   7  
'Liras, S.'        8  
'Loria, P.M.'      9  
'Mascitti, V.'     10 
'Mathiowetz, A.M.' 11 
'Mitchell, J.M.'   12 
'Piotrowski, D.W.' 13 
'Price, D.A.'      14 
'Stanton, R.V.'    15 
'Suen, J.Y.'       16 
'Withka, J.M.'     17 
'Griffith, D.A.'   18 
'Fairlie, D.P.'    19 
# 
_citation.id                        primary 
_citation.title                     
'Short Hydrophobic Peptides with Cyclic Constraints Are Potent Glucagon-like Peptide-1 Receptor (GLP-1R) Agonists.' 
_citation.journal_abbrev            J.Med.Chem. 
_citation.journal_volume            58 
_citation.page_first                4080 
_citation.page_last                 4085 
_citation.year                      2015 
_citation.journal_id_ASTM           JMCMAR 
_citation.country                   US 
_citation.journal_id_ISSN           0022-2623 
_citation.journal_id_CSD            0151 
_citation.book_publisher            ? 
_citation.pdbx_database_id_PubMed   25839426 
_citation.pdbx_database_id_DOI      10.1021/acs.jmedchem.5b00166 
# 
loop_
_citation_author.citation_id 
_citation_author.name 
_citation_author.ordinal 
_citation_author.identifier_ORCID 
primary 'Hoang, H.N.'      1  ? 
primary 'Song, K.'         2  ? 
primary 'Hill, T.A.'       3  ? 
primary 'Derksen, D.R.'    4  ? 
primary 'Edmonds, D.J.'    5  ? 
primary 'Kok, W.M.'        6  ? 
primary 'Limberakis, C.'   7  ? 
primary 'Liras, S.'        8  ? 
primary 'Loria, P.M.'      9  ? 
primary 'Mascitti, V.'     10 ? 
primary 'Mathiowetz, A.M.' 11 ? 
primary 'Mitchell, J.M.'   12 ? 
primary 'Piotrowski, D.W.' 13 ? 
primary 'Price, D.A.'      14 ? 
primary 'Stanton, R.V.'    15 ? 
primary 'Suen, J.Y.'       16 ? 
primary 'Withka, J.M.'     17 ? 
primary 'Griffith, D.A.'   18 ? 
primary 'Fairlie, D.P.'    19 ? 
# 
_entity.id                         1 
_entity.type                       polymer 
_entity.src_method                 syn 
_entity.pdbx_description           'Short hydrophobic peptide with cyclic constraints' 
_entity.formula_weight             1271.335 
_entity.pdbx_number_of_molecules   1 
_entity.pdbx_ec                    ? 
_entity.pdbx_mutation              ? 
_entity.pdbx_fragment              ? 
_entity.details                    ? 
# 
_entity_poly.entity_id                      1 
_entity_poly.type                           'polypeptide(L)' 
_entity_poly.nstd_linkage                   no 
_entity_poly.nstd_monomer                   yes 
_entity_poly.pdbx_seq_one_letter_code       'H(AIB)EGTFTSDFF(NH2)' 
_entity_poly.pdbx_seq_one_letter_code_can   HAEGTFTSDFFX 
_entity_poly.pdbx_strand_id                 A 
_entity_poly.pdbx_target_identifier         ? 
# 
loop_
_entity_poly_seq.entity_id 
_entity_poly_seq.num 
_entity_poly_seq.mon_id 
_entity_poly_seq.hetero 
1 1  HIS n 
1 2  AIB n 
1 3  GLU n 
1 4  GLY n 
1 5  THR n 
1 6  PHE n 
1 7  THR n 
1 8  SER n 
1 9  ASP n 
1 10 PHE n 
1 11 PHE n 
1 12 NH2 n 
# 
loop_
_chem_comp.id 
_chem_comp.type 
_chem_comp.mon_nstd_flag 
_chem_comp.name 
_chem_comp.pdbx_synonyms 
_chem_comp.formula 
_chem_comp.formula_weight 
AIB 'L-peptide linking' n 'ALPHA-AMINOISOBUTYRIC ACID' ? 'C4 H9 N O2'     103.120 
ASP 'L-peptide linking' y 'ASPARTIC ACID'              ? 'C4 H7 N O4'     133.103 
GLU 'L-peptide linking' y 'GLUTAMIC ACID'              ? 'C5 H9 N O4'     147.129 
GLY 'peptide linking'   y GLYCINE                      ? 'C2 H5 N O2'     75.067  
HIS 'L-peptide linking' y HISTIDINE                    ? 'C6 H10 N3 O2 1' 156.162 
NH2 non-polymer         . 'AMINO GROUP'                ? 'H2 N'           16.023  
PHE 'L-peptide linking' y PHENYLALANINE                ? 'C9 H11 N O2'    165.189 
SER 'L-peptide linking' y SERINE                       ? 'C3 H7 N O3'     105.093 
THR 'L-peptide linking' y THREONINE                    ? 'C4 H9 N O3'     119.119 
# 
loop_
_pdbx_poly_seq_scheme.asym_id 
_pdbx_poly_seq_scheme.entity_id 
_pdbx_poly_seq_scheme.seq_id 
_pdbx_poly_seq_scheme.mon_id 
_pdbx_poly_seq_scheme.ndb_seq_num 
_pdbx_poly_seq_scheme.pdb_seq_num 
_pdbx_poly_seq_scheme.auth_seq_num 
_pdbx_poly_seq_scheme.pdb_mon_id 
_pdbx_poly_seq_scheme.auth_mon_id 
_pdbx_poly_seq_scheme.pdb_strand_id 
_pdbx_poly_seq_scheme.pdb_ins_code 
_pdbx_poly_seq_scheme.hetero 
A 1 1  HIS 1  1  1  HIS HIS A . n 
A 1 2  AIB 2  2  2  AIB ALA A . n 
A 1 3  GLU 3  3  3  GLU GLU A . n 
A 1 4  GLY 4  4  4  GLY GLY A . n 
A 1 5  THR 5  5  5  THR THR A . n 
A 1 6  PHE 6  6  6  PHE PHE A . n 
A 1 7  THR 7  7  7  THR THR A . n 
A 1 8  SER 8  8  8  SER SER A . n 
A 1 9  ASP 9  9  9  ASP ASP A . n 
A 1 10 PHE 10 10 10 PHE PHE A . n 
A 1 11 PHE 11 11 11 PHE PHE A . n 
A 1 12 NH2 12 12 11 NH2 PHE A . n 
# 
_exptl.absorpt_coefficient_mu     ? 
_exptl.absorpt_correction_T_max   ? 
_exptl.absorpt_correction_T_min   ? 
_exptl.absorpt_correction_type    ? 
_exptl.absorpt_process_details    ? 
_exptl.crystals_number            ? 
_exptl.entry_id                   2N09 
_exptl.method                     'SOLUTION NMR' 
_exptl.method_details             ? 
# 
_struct.entry_id                  2N09 
_struct.title                     'NMR structure of a short hydrophobic 11mer peptide in DMSO-d6/H2O (1:3) solution' 
_struct.pdbx_model_details        ? 
_struct.pdbx_CASP_flag            ? 
_struct.pdbx_model_type_details   ? 
# 
_struct_keywords.entry_id        2N09 
_struct_keywords.pdbx_keywords   'DE NOVO PROTEIN' 
_struct_keywords.text            'hydrophobic peptide, GLP-1R agonist, DE NOVO PROTEIN' 
# 
_struct_asym.id                            A 
_struct_asym.pdbx_blank_PDB_chainid_flag   N 
_struct_asym.pdbx_modified                 N 
_struct_asym.entity_id                     1 
_struct_asym.details                       ? 
# 
_struct_ref.id                         1 
_struct_ref.db_name                    PDB 
_struct_ref.db_code                    2N09 
_struct_ref.pdbx_db_accession          2N09 
_struct_ref.entity_id                  1 
_struct_ref.pdbx_align_begin           ? 
_struct_ref.pdbx_seq_one_letter_code   ? 
_struct_ref.pdbx_db_isoform            ? 
# 
_struct_ref_seq.align_id                      1 
_struct_ref_seq.ref_id                        1 
_struct_ref_seq.pdbx_PDB_id_code              2N09 
_struct_ref_seq.pdbx_strand_id                A 
_struct_ref_seq.seq_align_beg                 1 
_struct_ref_seq.pdbx_seq_align_beg_ins_code   ? 
_struct_ref_seq.seq_align_end                 12 
_struct_ref_seq.pdbx_seq_align_end_ins_code   ? 
_struct_ref_seq.pdbx_db_accession             2N09 
_struct_ref_seq.db_align_beg                  1 
_struct_ref_seq.pdbx_db_align_beg_ins_code    ? 
_struct_ref_seq.db_align_end                  12 
_struct_ref_seq.pdbx_db_align_end_ins_code    ? 
_struct_ref_seq.pdbx_auth_seq_align_beg       1 
_struct_ref_seq.pdbx_auth_seq_align_end       12 
# 
_pdbx_struct_assembly.id                   1 
_pdbx_struct_assembly.details              author_defined_assembly 
_pdbx_struct_assembly.method_details       ? 
_pdbx_struct_assembly.oligomeric_details   monomeric 
_pdbx_struct_assembly.oligomeric_count     1 
# 
_pdbx_struct_assembly_gen.assembly_id       1 
_pdbx_struct_assembly_gen.oper_expression   1 
_pdbx_struct_assembly_gen.asym_id_list      A 
# 
_pdbx_struct_oper_list.id                   1 
_pdbx_struct_oper_list.type                 'identity operation' 
_pdbx_struct_oper_list.name                 1_555 
_pdbx_struct_oper_list.symmetry_operation   x,y,z 
_pdbx_struct_oper_list.matrix[1][1]         1.0000000000 
_pdbx_struct_oper_list.matrix[1][2]         0.0000000000 
_pdbx_struct_oper_list.matrix[1][3]         0.0000000000 
_pdbx_struct_oper_list.vector[1]            0.0000000000 
_pdbx_struct_oper_list.matrix[2][1]         0.0000000000 
_pdbx_struct_oper_list.matrix[2][2]         1.0000000000 
_pdbx_struct_oper_list.matrix[2][3]         0.0000000000 
_pdbx_struct_oper_list.vector[2]            0.0000000000 
_pdbx_struct_oper_list.matrix[3][1]         0.0000000000 
_pdbx_struct_oper_list.matrix[3][2]         0.0000000000 
_pdbx_struct_oper_list.matrix[3][3]         1.0000000000 
_pdbx_struct_oper_list.vector[3]            0.0000000000 
# 
_struct_biol.id        1 
_struct_biol.details   ? 
# 
_struct_conf.conf_type_id            HELX_P 
_struct_conf.id                      HELX_P1 
_struct_conf.pdbx_PDB_helix_id       1 
_struct_conf.beg_label_comp_id       GLY 
_struct_conf.beg_label_asym_id       A 
_struct_conf.beg_label_seq_id        4 
_struct_conf.pdbx_beg_PDB_ins_code   ? 
_struct_conf.end_label_comp_id       PHE 
_struct_conf.end_label_asym_id       A 
_struct_conf.end_label_seq_id        10 
_struct_conf.pdbx_end_PDB_ins_code   ? 
_struct_conf.beg_auth_comp_id        GLY 
_struct_conf.beg_auth_asym_id        A 
_struct_conf.beg_auth_seq_id         4 
_struct_conf.end_auth_comp_id        PHE 
_struct_conf.end_auth_asym_id        A 
_struct_conf.end_auth_seq_id         10 
_struct_conf.pdbx_PDB_helix_class    1 
_struct_conf.details                 ? 
_struct_conf.pdbx_PDB_helix_length   7 
# 
_struct_conf_type.id          HELX_P 
_struct_conf_type.criteria    ? 
_struct_conf_type.reference   ? 
# 
loop_
_struct_conn.id 
_struct_conn.conn_type_id 
_struct_conn.pdbx_leaving_atom_flag 
_struct_conn.pdbx_PDB_id 
_struct_conn.ptnr1_label_asym_id 
_struct_conn.ptnr1_label_comp_id 
_struct_conn.ptnr1_label_seq_id 
_struct_conn.ptnr1_label_atom_id 
_struct_conn.pdbx_ptnr1_label_alt_id 
_struct_conn.pdbx_ptnr1_PDB_ins_code 
_struct_conn.pdbx_ptnr1_standard_comp_id 
_struct_conn.ptnr1_symmetry 
_struct_conn.ptnr2_label_asym_id 
_struct_conn.ptnr2_label_comp_id 
_struct_conn.ptnr2_label_seq_id 
_struct_conn.ptnr2_label_atom_id 
_struct_conn.pdbx_ptnr2_label_alt_id 
_struct_conn.pdbx_ptnr2_PDB_ins_code 
_struct_conn.ptnr1_auth_asym_id 
_struct_conn.ptnr1_auth_comp_id 
_struct_conn.ptnr1_auth_seq_id 
_struct_conn.ptnr2_auth_asym_id 
_struct_conn.ptnr2_auth_comp_id 
_struct_conn.ptnr2_auth_seq_id 
_struct_conn.ptnr2_symmetry 
_struct_conn.pdbx_ptnr3_label_atom_id 
_struct_conn.pdbx_ptnr3_label_seq_id 
_struct_conn.pdbx_ptnr3_label_comp_id 
_struct_conn.pdbx_ptnr3_label_asym_id 
_struct_conn.pdbx_ptnr3_label_alt_id 
_struct_conn.pdbx_ptnr3_PDB_ins_code 
_struct_conn.details 
_struct_conn.pdbx_dist_value 
_struct_conn.pdbx_value_order 
_struct_conn.pdbx_role 
covale1 covale both ? A HIS 1  C ? ? ? 1_555 A AIB 2  N ? ? A HIS 1  A AIB 2  1_555 ? ? ? ? ? ? ? 1.330 ? ? 
covale2 covale both ? A AIB 2  C ? ? ? 1_555 A GLU 3  N ? ? A AIB 2  A GLU 3  1_555 ? ? ? ? ? ? ? 1.332 ? ? 
covale3 covale both ? A PHE 11 C ? ? ? 1_555 A NH2 12 N ? ? A PHE 11 A NH2 12 1_555 ? ? ? ? ? ? ? 1.328 ? ? 
# 
_struct_conn_type.id          covale 
_struct_conn_type.criteria    ? 
_struct_conn_type.reference   ? 
# 
loop_
_pdbx_modification_feature.ordinal 
_pdbx_modification_feature.label_comp_id 
_pdbx_modification_feature.label_asym_id 
_pdbx_modification_feature.label_seq_id 
_pdbx_modification_feature.label_alt_id 
_pdbx_modification_feature.modified_residue_label_comp_id 
_pdbx_modification_feature.modified_residue_label_asym_id 
_pdbx_modification_feature.modified_residue_label_seq_id 
_pdbx_modification_feature.modified_residue_label_alt_id 
_pdbx_modification_feature.auth_comp_id 
_pdbx_modification_feature.auth_asym_id 
_pdbx_modification_feature.auth_seq_id 
_pdbx_modification_feature.PDB_ins_code 
_pdbx_modification_feature.symmetry 
_pdbx_modification_feature.modified_residue_auth_comp_id 
_pdbx_modification_feature.modified_residue_auth_asym_id 
_pdbx_modification_feature.modified_residue_auth_seq_id 
_pdbx_modification_feature.modified_residue_PDB_ins_code 
_pdbx_modification_feature.modified_residue_symmetry 
_pdbx_modification_feature.comp_id_linking_atom 
_pdbx_modification_feature.modified_residue_id_linking_atom 
_pdbx_modification_feature.modified_residue_id 
_pdbx_modification_feature.ref_pcm_id 
_pdbx_modification_feature.ref_comp_id 
_pdbx_modification_feature.type 
_pdbx_modification_feature.category 
1 AIB A 2  ? .   . .  . AIB A 2  ? 1_555 .   . .  . .     . . ALA 1  AIB Methylation 'Named protein modification' 
2 NH2 A 12 ? PHE A 11 ? NH2 A 12 ? 1_555 PHE A 11 ? 1_555 . . PHE 15 NH2 None        'Terminal amidation'         
# 
_pdbx_entry_details.entry_id                   2N09 
_pdbx_entry_details.compound_details           ? 
_pdbx_entry_details.source_details             ? 
_pdbx_entry_details.nonpolymer_details         ? 
_pdbx_entry_details.sequence_details           ? 
_pdbx_entry_details.has_ligand_of_interest     ? 
_pdbx_entry_details.has_protein_modification   Y 
# 
loop_
_pdbx_validate_torsion.id 
_pdbx_validate_torsion.PDB_model_num 
_pdbx_validate_torsion.auth_comp_id 
_pdbx_validate_torsion.auth_asym_id 
_pdbx_validate_torsion.auth_seq_id 
_pdbx_validate_torsion.PDB_ins_code 
_pdbx_validate_torsion.label_alt_id 
_pdbx_validate_torsion.phi 
_pdbx_validate_torsion.psi 
1  1  AIB A 2  ? ? 57.69  -86.55  
2  1  THR A 5  ? ? 51.83  -174.81 
3  1  PHE A 10 ? ? -49.08 173.64  
4  2  AIB A 2  ? ? 56.30  -89.88  
5  2  THR A 5  ? ? 47.98  -170.67 
6  3  THR A 5  ? ? 44.55  -170.74 
7  4  AIB A 2  ? ? 60.07  -83.25  
8  4  THR A 5  ? ? 67.12  170.80  
9  5  THR A 5  ? ? 52.81  -178.68 
10 5  PHE A 10 ? ? 63.67  -79.73  
11 6  THR A 5  ? ? 55.75  -173.39 
12 6  PHE A 10 ? ? 63.47  -79.15  
13 7  AIB A 2  ? ? 57.72  -87.44  
14 7  THR A 5  ? ? 54.96  -169.61 
15 7  THR A 7  ? ? -53.50 -76.01  
16 7  PHE A 10 ? ? 65.99  -76.74  
17 8  THR A 5  ? ? 46.08  -169.77 
18 9  AIB A 2  ? ? 61.16  -84.09  
19 9  THR A 5  ? ? 55.62  176.52  
20 9  ASP A 9  ? ? -57.55 -78.48  
21 9  PHE A 10 ? ? 62.08  148.07  
22 10 THR A 5  ? ? 52.44  -172.83 
23 10 ASP A 9  ? ? -58.33 -72.86  
24 10 PHE A 10 ? ? 66.20  -71.44  
# 
_pdbx_struct_mod_residue.id               1 
_pdbx_struct_mod_residue.label_asym_id    A 
_pdbx_struct_mod_residue.label_comp_id    AIB 
_pdbx_struct_mod_residue.label_seq_id     2 
_pdbx_struct_mod_residue.auth_asym_id     A 
_pdbx_struct_mod_residue.auth_comp_id     AIB 
_pdbx_struct_mod_residue.auth_seq_id      2 
_pdbx_struct_mod_residue.PDB_ins_code     ? 
_pdbx_struct_mod_residue.parent_comp_id   ALA 
_pdbx_struct_mod_residue.details          'ALPHA-AMINOISOBUTYRIC ACID' 
# 
_pdbx_nmr_ensemble.average_constraint_violations_per_residue     ? 
_pdbx_nmr_ensemble.average_constraints_per_residue               ? 
_pdbx_nmr_ensemble.average_distance_constraint_violation         ? 
_pdbx_nmr_ensemble.average_torsion_angle_constraint_violation    ? 
_pdbx_nmr_ensemble.conformer_selection_criteria                  'structures with the lowest energy' 
_pdbx_nmr_ensemble.conformers_calculated_total_number            50 
_pdbx_nmr_ensemble.conformers_submitted_total_number             10 
_pdbx_nmr_ensemble.distance_constraint_violation_method          ? 
_pdbx_nmr_ensemble.entry_id                                      2N09 
_pdbx_nmr_ensemble.maximum_distance_constraint_violation         ? 
_pdbx_nmr_ensemble.maximum_lower_distance_constraint_violation   0.2 
_pdbx_nmr_ensemble.maximum_torsion_angle_constraint_violation    ? 
_pdbx_nmr_ensemble.maximum_upper_distance_constraint_violation   0.2 
_pdbx_nmr_ensemble.torsion_angle_constraint_violation_method     ? 
# 
_pdbx_nmr_representative.conformer_id         1 
_pdbx_nmr_representative.entry_id             2N09 
_pdbx_nmr_representative.selection_criteria   'lowest energy' 
# 
_pdbx_nmr_sample_details.contents         '1 mM peptide, 25% DMSO-d6, 75% H2O' 
_pdbx_nmr_sample_details.solution_id      1 
_pdbx_nmr_sample_details.solvent_system   '25% DMSO-d6/75% H2O' 
# 
_pdbx_nmr_exptl_sample.component             peptide-1 
_pdbx_nmr_exptl_sample.concentration         1 
_pdbx_nmr_exptl_sample.concentration_range   ? 
_pdbx_nmr_exptl_sample.concentration_units   mM 
_pdbx_nmr_exptl_sample.isotopic_labeling     ? 
_pdbx_nmr_exptl_sample.solution_id           1 
# 
_pdbx_nmr_exptl_sample_conditions.conditions_id       1 
_pdbx_nmr_exptl_sample_conditions.ionic_strength      0.01 
_pdbx_nmr_exptl_sample_conditions.pH                  7.0 
_pdbx_nmr_exptl_sample_conditions.pressure            ambient 
_pdbx_nmr_exptl_sample_conditions.pressure_units      ? 
_pdbx_nmr_exptl_sample_conditions.temperature         298 
_pdbx_nmr_exptl_sample_conditions.temperature_units   K 
# 
_pdbx_nmr_exptl.conditions_id   1 
_pdbx_nmr_exptl.experiment_id   1 
_pdbx_nmr_exptl.solution_id     1 
_pdbx_nmr_exptl.type            NOESY 
# 
_pdbx_nmr_constraints.disulfide_bond_constraints_total_count        ? 
_pdbx_nmr_constraints.entry_id                                      2N09 
_pdbx_nmr_constraints.hydrogen_bond_constraints_total_count         ? 
_pdbx_nmr_constraints.NA_alpha-angle_constraints_total_count        ? 
_pdbx_nmr_constraints.NA_beta-angle_constraints_total_count         ? 
_pdbx_nmr_constraints.NA_chi-angle_constraints_total_count          ? 
_pdbx_nmr_constraints.NA_delta-angle_constraints_total_count        ? 
_pdbx_nmr_constraints.NA_epsilon-angle_constraints_total_count      ? 
_pdbx_nmr_constraints.NA_gamma-angle_constraints_total_count        ? 
_pdbx_nmr_constraints.NA_other-angle_constraints_total_count        ? 
_pdbx_nmr_constraints.NA_sugar_pucker_constraints_total_count       ? 
_pdbx_nmr_constraints.NOE_constraints_total                         96 
_pdbx_nmr_constraints.NOE_interentity_total_count                   ? 
_pdbx_nmr_constraints.NOE_interproton_distance_evaluation           ? 
_pdbx_nmr_constraints.NOE_intraresidue_total_count                  30 
_pdbx_nmr_constraints.NOE_long_range_total_count                    ? 
_pdbx_nmr_constraints.NOE_medium_range_total_count                  60 
_pdbx_nmr_constraints.NOE_motional_averaging_correction             ? 
_pdbx_nmr_constraints.NOE_pseudoatom_corrections                    ? 
_pdbx_nmr_constraints.NOE_sequential_total_count                    ? 
_pdbx_nmr_constraints.protein_chi_angle_constraints_total_count     ? 
_pdbx_nmr_constraints.protein_other_angle_constraints_total_count   ? 
_pdbx_nmr_constraints.protein_phi_angle_constraints_total_count     ? 
_pdbx_nmr_constraints.protein_psi_angle_constraints_total_count     ? 
# 
_pdbx_nmr_refine.entry_id           2N09 
_pdbx_nmr_refine.method             'simulated annealing' 
_pdbx_nmr_refine.details            ? 
_pdbx_nmr_refine.software_ordinal   1 
# 
loop_
_pdbx_nmr_software.authors 
_pdbx_nmr_software.classification 
_pdbx_nmr_software.name 
_pdbx_nmr_software.version 
_pdbx_nmr_software.ordinal 
'Brunger, A.T. et al.' 'structure solution' xplor ? 1 
'Brunger, A.T. et al.' refinement           xplor ? 2 
# 
loop_
_chem_comp_atom.comp_id 
_chem_comp_atom.atom_id 
_chem_comp_atom.type_symbol 
_chem_comp_atom.pdbx_aromatic_flag 
_chem_comp_atom.pdbx_stereo_config 
_chem_comp_atom.pdbx_ordinal 
AIB N    N N N 1   
AIB CA   C N N 2   
AIB C    C N N 3   
AIB O    O N N 4   
AIB OXT  O N N 5   
AIB CB1  C N N 6   
AIB CB2  C N N 7   
AIB H    H N N 8   
AIB H2   H N N 9   
AIB HXT  H N N 10  
AIB HB11 H N N 11  
AIB HB12 H N N 12  
AIB HB13 H N N 13  
AIB HB21 H N N 14  
AIB HB22 H N N 15  
AIB HB23 H N N 16  
ASP N    N N N 17  
ASP CA   C N S 18  
ASP C    C N N 19  
ASP O    O N N 20  
ASP CB   C N N 21  
ASP CG   C N N 22  
ASP OD1  O N N 23  
ASP OD2  O N N 24  
ASP OXT  O N N 25  
ASP H    H N N 26  
ASP H2   H N N 27  
ASP HA   H N N 28  
ASP HB2  H N N 29  
ASP HB3  H N N 30  
ASP HD2  H N N 31  
ASP HXT  H N N 32  
GLU N    N N N 33  
GLU CA   C N S 34  
GLU C    C N N 35  
GLU O    O N N 36  
GLU CB   C N N 37  
GLU CG   C N N 38  
GLU CD   C N N 39  
GLU OE1  O N N 40  
GLU OE2  O N N 41  
GLU OXT  O N N 42  
GLU H    H N N 43  
GLU H2   H N N 44  
GLU HA   H N N 45  
GLU HB2  H N N 46  
GLU HB3  H N N 47  
GLU HG2  H N N 48  
GLU HG3  H N N 49  
GLU HE2  H N N 50  
GLU HXT  H N N 51  
GLY N    N N N 52  
GLY CA   C N N 53  
GLY C    C N N 54  
GLY O    O N N 55  
GLY OXT  O N N 56  
GLY H    H N N 57  
GLY H2   H N N 58  
GLY HA2  H N N 59  
GLY HA3  H N N 60  
GLY HXT  H N N 61  
HIS N    N N N 62  
HIS CA   C N S 63  
HIS C    C N N 64  
HIS O    O N N 65  
HIS CB   C N N 66  
HIS CG   C Y N 67  
HIS ND1  N Y N 68  
HIS CD2  C Y N 69  
HIS CE1  C Y N 70  
HIS NE2  N Y N 71  
HIS OXT  O N N 72  
HIS H    H N N 73  
HIS H2   H N N 74  
HIS HA   H N N 75  
HIS HB2  H N N 76  
HIS HB3  H N N 77  
HIS HD1  H N N 78  
HIS HD2  H N N 79  
HIS HE1  H N N 80  
HIS HE2  H N N 81  
HIS HXT  H N N 82  
NH2 N    N N N 83  
NH2 HN1  H N N 84  
NH2 HN2  H N N 85  
PHE N    N N N 86  
PHE CA   C N S 87  
PHE C    C N N 88  
PHE O    O N N 89  
PHE CB   C N N 90  
PHE CG   C Y N 91  
PHE CD1  C Y N 92  
PHE CD2  C Y N 93  
PHE CE1  C Y N 94  
PHE CE2  C Y N 95  
PHE CZ   C Y N 96  
PHE OXT  O N N 97  
PHE H    H N N 98  
PHE H2   H N N 99  
PHE HA   H N N 100 
PHE HB2  H N N 101 
PHE HB3  H N N 102 
PHE HD1  H N N 103 
PHE HD2  H N N 104 
PHE HE1  H N N 105 
PHE HE2  H N N 106 
PHE HZ   H N N 107 
PHE HXT  H N N 108 
SER N    N N N 109 
SER CA   C N S 110 
SER C    C N N 111 
SER O    O N N 112 
SER CB   C N N 113 
SER OG   O N N 114 
SER OXT  O N N 115 
SER H    H N N 116 
SER H2   H N N 117 
SER HA   H N N 118 
SER HB2  H N N 119 
SER HB3  H N N 120 
SER HG   H N N 121 
SER HXT  H N N 122 
THR N    N N N 123 
THR CA   C N S 124 
THR C    C N N 125 
THR O    O N N 126 
THR CB   C N R 127 
THR OG1  O N N 128 
THR CG2  C N N 129 
THR OXT  O N N 130 
THR H    H N N 131 
THR H2   H N N 132 
THR HA   H N N 133 
THR HB   H N N 134 
THR HG1  H N N 135 
THR HG21 H N N 136 
THR HG22 H N N 137 
THR HG23 H N N 138 
THR HXT  H N N 139 
# 
loop_
_chem_comp_bond.comp_id 
_chem_comp_bond.atom_id_1 
_chem_comp_bond.atom_id_2 
_chem_comp_bond.value_order 
_chem_comp_bond.pdbx_aromatic_flag 
_chem_comp_bond.pdbx_stereo_config 
_chem_comp_bond.pdbx_ordinal 
AIB N   CA   sing N N 1   
AIB N   H    sing N N 2   
AIB N   H2   sing N N 3   
AIB CA  C    sing N N 4   
AIB CA  CB1  sing N N 5   
AIB CA  CB2  sing N N 6   
AIB C   O    doub N N 7   
AIB C   OXT  sing N N 8   
AIB OXT HXT  sing N N 9   
AIB CB1 HB11 sing N N 10  
AIB CB1 HB12 sing N N 11  
AIB CB1 HB13 sing N N 12  
AIB CB2 HB21 sing N N 13  
AIB CB2 HB22 sing N N 14  
AIB CB2 HB23 sing N N 15  
ASP N   CA   sing N N 16  
ASP N   H    sing N N 17  
ASP N   H2   sing N N 18  
ASP CA  C    sing N N 19  
ASP CA  CB   sing N N 20  
ASP CA  HA   sing N N 21  
ASP C   O    doub N N 22  
ASP C   OXT  sing N N 23  
ASP CB  CG   sing N N 24  
ASP CB  HB2  sing N N 25  
ASP CB  HB3  sing N N 26  
ASP CG  OD1  doub N N 27  
ASP CG  OD2  sing N N 28  
ASP OD2 HD2  sing N N 29  
ASP OXT HXT  sing N N 30  
GLU N   CA   sing N N 31  
GLU N   H    sing N N 32  
GLU N   H2   sing N N 33  
GLU CA  C    sing N N 34  
GLU CA  CB   sing N N 35  
GLU CA  HA   sing N N 36  
GLU C   O    doub N N 37  
GLU C   OXT  sing N N 38  
GLU CB  CG   sing N N 39  
GLU CB  HB2  sing N N 40  
GLU CB  HB3  sing N N 41  
GLU CG  CD   sing N N 42  
GLU CG  HG2  sing N N 43  
GLU CG  HG3  sing N N 44  
GLU CD  OE1  doub N N 45  
GLU CD  OE2  sing N N 46  
GLU OE2 HE2  sing N N 47  
GLU OXT HXT  sing N N 48  
GLY N   CA   sing N N 49  
GLY N   H    sing N N 50  
GLY N   H2   sing N N 51  
GLY CA  C    sing N N 52  
GLY CA  HA2  sing N N 53  
GLY CA  HA3  sing N N 54  
GLY C   O    doub N N 55  
GLY C   OXT  sing N N 56  
GLY OXT HXT  sing N N 57  
HIS N   CA   sing N N 58  
HIS N   H    sing N N 59  
HIS N   H2   sing N N 60  
HIS CA  C    sing N N 61  
HIS CA  CB   sing N N 62  
HIS CA  HA   sing N N 63  
HIS C   O    doub N N 64  
HIS C   OXT  sing N N 65  
HIS CB  CG   sing N N 66  
HIS CB  HB2  sing N N 67  
HIS CB  HB3  sing N N 68  
HIS CG  ND1  sing Y N 69  
HIS CG  CD2  doub Y N 70  
HIS ND1 CE1  doub Y N 71  
HIS ND1 HD1  sing N N 72  
HIS CD2 NE2  sing Y N 73  
HIS CD2 HD2  sing N N 74  
HIS CE1 NE2  sing Y N 75  
HIS CE1 HE1  sing N N 76  
HIS NE2 HE2  sing N N 77  
HIS OXT HXT  sing N N 78  
NH2 N   HN1  sing N N 79  
NH2 N   HN2  sing N N 80  
PHE N   CA   sing N N 81  
PHE N   H    sing N N 82  
PHE N   H2   sing N N 83  
PHE CA  C    sing N N 84  
PHE CA  CB   sing N N 85  
PHE CA  HA   sing N N 86  
PHE C   O    doub N N 87  
PHE C   OXT  sing N N 88  
PHE CB  CG   sing N N 89  
PHE CB  HB2  sing N N 90  
PHE CB  HB3  sing N N 91  
PHE CG  CD1  doub Y N 92  
PHE CG  CD2  sing Y N 93  
PHE CD1 CE1  sing Y N 94  
PHE CD1 HD1  sing N N 95  
PHE CD2 CE2  doub Y N 96  
PHE CD2 HD2  sing N N 97  
PHE CE1 CZ   doub Y N 98  
PHE CE1 HE1  sing N N 99  
PHE CE2 CZ   sing Y N 100 
PHE CE2 HE2  sing N N 101 
PHE CZ  HZ   sing N N 102 
PHE OXT HXT  sing N N 103 
SER N   CA   sing N N 104 
SER N   H    sing N N 105 
SER N   H2   sing N N 106 
SER CA  C    sing N N 107 
SER CA  CB   sing N N 108 
SER CA  HA   sing N N 109 
SER C   O    doub N N 110 
SER C   OXT  sing N N 111 
SER CB  OG   sing N N 112 
SER CB  HB2  sing N N 113 
SER CB  HB3  sing N N 114 
SER OG  HG   sing N N 115 
SER OXT HXT  sing N N 116 
THR N   CA   sing N N 117 
THR N   H    sing N N 118 
THR N   H2   sing N N 119 
THR CA  C    sing N N 120 
THR CA  CB   sing N N 121 
THR CA  HA   sing N N 122 
THR C   O    doub N N 123 
THR C   OXT  sing N N 124 
THR CB  OG1  sing N N 125 
THR CB  CG2  sing N N 126 
THR CB  HB   sing N N 127 
THR OG1 HG1  sing N N 128 
THR CG2 HG21 sing N N 129 
THR CG2 HG22 sing N N 130 
THR CG2 HG23 sing N N 131 
THR OXT HXT  sing N N 132 
# 
_pdbx_nmr_spectrometer.field_strength    600 
_pdbx_nmr_spectrometer.manufacturer      Bruker 
_pdbx_nmr_spectrometer.model             AVANCE 
_pdbx_nmr_spectrometer.spectrometer_id   1 
_pdbx_nmr_spectrometer.type              'Bruker Avance' 
# 
_atom_sites.entry_id                    2N09 
_atom_sites.fract_transf_matrix[1][1]   1.000000 
_atom_sites.fract_transf_matrix[1][2]   0.000000 
_atom_sites.fract_transf_matrix[1][3]   0.000000 
_atom_sites.fract_transf_matrix[2][1]   0.000000 
_atom_sites.fract_transf_matrix[2][2]   1.000000 
_atom_sites.fract_transf_matrix[2][3]   0.000000 
_atom_sites.fract_transf_matrix[3][1]   0.000000 
_atom_sites.fract_transf_matrix[3][2]   0.000000 
_atom_sites.fract_transf_matrix[3][3]   1.000000 
_atom_sites.fract_transf_vector[1]      0.00000 
_atom_sites.fract_transf_vector[2]      0.00000 
_atom_sites.fract_transf_vector[3]      0.00000 
# 
loop_
_atom_type.symbol 
C 
H 
N 
O 
# 
loop_
_atom_site.group_PDB 
_atom_site.id 
_atom_site.type_symbol 
_atom_site.label_atom_id 
_atom_site.label_alt_id 
_atom_site.label_comp_id 
_atom_site.label_asym_id 
_atom_site.label_entity_id 
_atom_site.label_seq_id 
_atom_site.pdbx_PDB_ins_code 
_atom_site.Cartn_x 
_atom_site.Cartn_y 
_atom_site.Cartn_z 
_atom_site.occupancy 
_atom_site.B_iso_or_equiv 
_atom_site.pdbx_formal_charge 
_atom_site.auth_seq_id 
_atom_site.auth_comp_id 
_atom_site.auth_asym_id 
_atom_site.auth_atom_id 
_atom_site.pdbx_PDB_model_num 
ATOM   1    N N    . HIS A 1 1  ? 1.160  -3.802 -0.101  1.00 0.00 ? 1  HIS A N    1  
ATOM   2    C CA   . HIS A 1 1  ? 1.137  -5.232 0.300   1.00 0.00 ? 1  HIS A CA   1  
ATOM   3    C C    . HIS A 1 1  ? 0.936  -5.380 1.805   1.00 0.00 ? 1  HIS A C    1  
ATOM   4    O O    . HIS A 1 1  ? 1.899  -5.519 2.558   1.00 0.00 ? 1  HIS A O    1  
ATOM   5    C CB   . HIS A 1 1  ? 2.458  -5.878 -0.124  1.00 0.00 ? 1  HIS A CB   1  
ATOM   6    C CG   . HIS A 1 1  ? 2.387  -6.569 -1.451  1.00 0.00 ? 1  HIS A CG   1  
ATOM   7    N ND1  . HIS A 1 1  ? 2.512  -7.934 -1.596  1.00 0.00 ? 1  HIS A ND1  1  
ATOM   8    C CD2  . HIS A 1 1  ? 2.203  -6.075 -2.698  1.00 0.00 ? 1  HIS A CD2  1  
ATOM   9    C CE1  . HIS A 1 1  ? 2.409  -8.250 -2.875  1.00 0.00 ? 1  HIS A CE1  1  
ATOM   10   N NE2  . HIS A 1 1  ? 2.221  -7.140 -3.564  1.00 0.00 ? 1  HIS A NE2  1  
ATOM   11   H H1   . HIS A 1 1  ? 0.888  -3.707 -1.100  1.00 0.00 ? 1  HIS A H1   1  
ATOM   12   H H2   . HIS A 1 1  ? 2.115  -3.410 0.026   1.00 0.00 ? 1  HIS A H2   1  
ATOM   13   H H3   . HIS A 1 1  ? 0.493  -3.257 0.482   1.00 0.00 ? 1  HIS A H3   1  
ATOM   14   H HA   . HIS A 1 1  ? 0.322  -5.720 -0.214  1.00 0.00 ? 1  HIS A HA   1  
ATOM   15   H HB2  . HIS A 1 1  ? 3.219  -5.115 -0.187  1.00 0.00 ? 1  HIS A HB2  1  
ATOM   16   H HB3  . HIS A 1 1  ? 2.748  -6.608 0.617   1.00 0.00 ? 1  HIS A HB3  1  
ATOM   17   H HD1  . HIS A 1 1  ? 2.654  -8.576 -0.869  1.00 0.00 ? 1  HIS A HD1  1  
ATOM   18   H HD2  . HIS A 1 1  ? 2.069  -5.035 -2.963  1.00 0.00 ? 1  HIS A HD2  1  
ATOM   19   H HE1  . HIS A 1 1  ? 2.467  -9.247 -3.285  1.00 0.00 ? 1  HIS A HE1  1  
ATOM   20   H HE2  . HIS A 1 1  ? 2.208  -7.079 -4.542  1.00 0.00 ? 1  HIS A HE2  1  
HETATM 21   N N    . AIB A 1 2  ? -0.322 -5.351 2.234   1.00 0.00 ? 2  AIB A N    1  
HETATM 22   C CA   . AIB A 1 2  ? -0.661 -5.483 3.653   1.00 0.00 ? 2  AIB A CA   1  
HETATM 23   C C    . AIB A 1 2  ? 0.042  -4.381 4.456   1.00 0.00 ? 2  AIB A C    1  
HETATM 24   O O    . AIB A 1 2  ? -0.531 -3.320 4.698   1.00 0.00 ? 2  AIB A O    1  
HETATM 25   C CB1  . AIB A 1 2  ? -0.247 -6.853 4.158   1.00 0.00 ? 2  AIB A CB1  1  
HETATM 26   C CB2  . AIB A 1 2  ? -2.162 -5.364 3.832   1.00 0.00 ? 2  AIB A CB2  1  
HETATM 27   H H    . AIB A 1 2  ? -1.045 -5.238 1.581   1.00 0.00 ? 2  AIB A H    1  
HETATM 28   H HB11 . AIB A 1 2  ? 0.743  -7.087 3.794   1.00 0.00 ? 2  AIB A HB11 1  
HETATM 29   H HB12 . AIB A 1 2  ? -0.947 -7.595 3.801   1.00 0.00 ? 2  AIB A HB12 1  
HETATM 30   H HB13 . AIB A 1 2  ? -0.243 -6.852 5.238   1.00 0.00 ? 2  AIB A HB13 1  
HETATM 31   H HB21 . AIB A 1 2  ? -2.438 -5.739 4.806   1.00 0.00 ? 2  AIB A HB21 1  
HETATM 32   H HB22 . AIB A 1 2  ? -2.662 -5.942 3.069   1.00 0.00 ? 2  AIB A HB22 1  
HETATM 33   H HB23 . AIB A 1 2  ? -2.454 -4.328 3.749   1.00 0.00 ? 2  AIB A HB23 1  
ATOM   34   N N    . GLU A 1 3  ? 1.283  -4.640 4.866   1.00 0.00 ? 3  GLU A N    1  
ATOM   35   C CA   . GLU A 1 3  ? 2.051  -3.668 5.637   1.00 0.00 ? 3  GLU A CA   1  
ATOM   36   C C    . GLU A 1 3  ? 2.152  -2.340 4.893   1.00 0.00 ? 3  GLU A C    1  
ATOM   37   O O    . GLU A 1 3  ? 2.227  -1.276 5.507   1.00 0.00 ? 3  GLU A O    1  
ATOM   38   C CB   . GLU A 1 3  ? 3.450  -4.210 5.930   1.00 0.00 ? 3  GLU A CB   1  
ATOM   39   C CG   . GLU A 1 3  ? 3.450  -5.623 6.492   1.00 0.00 ? 3  GLU A CG   1  
ATOM   40   C CD   . GLU A 1 3  ? 4.403  -6.544 5.757   1.00 0.00 ? 3  GLU A CD   1  
ATOM   41   O OE1  . GLU A 1 3  ? 5.330  -6.033 5.092   1.00 0.00 ? 3  GLU A OE1  1  
ATOM   42   O OE2  . GLU A 1 3  ? 4.224  -7.777 5.846   1.00 0.00 ? 3  GLU A OE2  1  
ATOM   43   H H    . GLU A 1 3  ? 1.693  -5.501 4.644   1.00 0.00 ? 3  GLU A H    1  
ATOM   44   H HA   . GLU A 1 3  ? 1.535  -3.504 6.571   1.00 0.00 ? 3  GLU A HA   1  
ATOM   45   H HB2  . GLU A 1 3  ? 4.023  -4.210 5.014   1.00 0.00 ? 3  GLU A HB2  1  
ATOM   46   H HB3  . GLU A 1 3  ? 3.933  -3.561 6.646   1.00 0.00 ? 3  GLU A HB3  1  
ATOM   47   H HG2  . GLU A 1 3  ? 3.742  -5.582 7.531   1.00 0.00 ? 3  GLU A HG2  1  
ATOM   48   H HG3  . GLU A 1 3  ? 2.451  -6.025 6.415   1.00 0.00 ? 3  GLU A HG3  1  
ATOM   49   N N    . GLY A 1 4  ? 2.148  -2.412 3.567   1.00 0.00 ? 4  GLY A N    1  
ATOM   50   C CA   . GLY A 1 4  ? 2.236  -1.208 2.760   1.00 0.00 ? 4  GLY A CA   1  
ATOM   51   C C    . GLY A 1 4  ? 0.873  -0.620 2.448   1.00 0.00 ? 4  GLY A C    1  
ATOM   52   O O    . GLY A 1 4  ? 0.748  0.581  2.212   1.00 0.00 ? 4  GLY A O    1  
ATOM   53   H H    . GLY A 1 4  ? 2.082  -3.287 3.130   1.00 0.00 ? 4  GLY A H    1  
ATOM   54   H HA2  . GLY A 1 4  ? 2.819  -0.473 3.294   1.00 0.00 ? 4  GLY A HA2  1  
ATOM   55   H HA3  . GLY A 1 4  ? 2.734  -1.445 1.833   1.00 0.00 ? 4  GLY A HA3  1  
ATOM   56   N N    . THR A 1 5  ? -0.151 -1.470 2.447   1.00 0.00 ? 5  THR A N    1  
ATOM   57   C CA   . THR A 1 5  ? -1.513 -1.030 2.161   1.00 0.00 ? 5  THR A CA   1  
ATOM   58   C C    . THR A 1 5  ? -1.577 -0.237 0.859   1.00 0.00 ? 5  THR A C    1  
ATOM   59   O O    . THR A 1 5  ? -0.582 -0.117 0.144   1.00 0.00 ? 5  THR A O    1  
ATOM   60   C CB   . THR A 1 5  ? -2.076 -0.166 3.305   1.00 0.00 ? 5  THR A CB   1  
ATOM   61   O OG1  . THR A 1 5  ? -1.306 -0.368 4.497   1.00 0.00 ? 5  THR A OG1  1  
ATOM   62   C CG2  . THR A 1 5  ? -3.533 -0.507 3.576   1.00 0.00 ? 5  THR A CG2  1  
ATOM   63   H H    . THR A 1 5  ? 0.013  -2.416 2.643   1.00 0.00 ? 5  THR A H    1  
ATOM   64   H HA   . THR A 1 5  ? -2.132 -1.909 2.066   1.00 0.00 ? 5  THR A HA   1  
ATOM   65   H HB   . THR A 1 5  ? -2.013 0.874  3.018   1.00 0.00 ? 5  THR A HB   1  
ATOM   66   H HG1  . THR A 1 5  ? -0.932 0.469  4.783   1.00 0.00 ? 5  THR A HG1  1  
ATOM   67   H HG21 . THR A 1 5  ? -3.709 -0.522 4.641   1.00 0.00 ? 5  THR A HG21 1  
ATOM   68   H HG22 . THR A 1 5  ? -3.759 -1.478 3.160   1.00 0.00 ? 5  THR A HG22 1  
ATOM   69   H HG23 . THR A 1 5  ? -4.168 0.237  3.117   1.00 0.00 ? 5  THR A HG23 1  
ATOM   70   N N    . PHE A 1 6  ? -2.753 0.304  0.558   1.00 0.00 ? 6  PHE A N    1  
ATOM   71   C CA   . PHE A 1 6  ? -2.946 1.086  -0.658  1.00 0.00 ? 6  PHE A CA   1  
ATOM   72   C C    . PHE A 1 6  ? -2.264 2.445  -0.543  1.00 0.00 ? 6  PHE A C    1  
ATOM   73   O O    . PHE A 1 6  ? -1.777 2.992  -1.533  1.00 0.00 ? 6  PHE A O    1  
ATOM   74   C CB   . PHE A 1 6  ? -4.439 1.271  -0.937  1.00 0.00 ? 6  PHE A CB   1  
ATOM   75   C CG   . PHE A 1 6  ? -4.725 2.064  -2.182  1.00 0.00 ? 6  PHE A CG   1  
ATOM   76   C CD1  . PHE A 1 6  ? -4.861 1.431  -3.407  1.00 0.00 ? 6  PHE A CD1  1  
ATOM   77   C CD2  . PHE A 1 6  ? -4.856 3.442  -2.125  1.00 0.00 ? 6  PHE A CD2  1  
ATOM   78   C CE1  . PHE A 1 6  ? -5.123 2.158  -4.552  1.00 0.00 ? 6  PHE A CE1  1  
ATOM   79   C CE2  . PHE A 1 6  ? -5.119 4.175  -3.267  1.00 0.00 ? 6  PHE A CE2  1  
ATOM   80   C CZ   . PHE A 1 6  ? -5.252 3.532  -4.482  1.00 0.00 ? 6  PHE A CZ   1  
ATOM   81   H H    . PHE A 1 6  ? -3.509 0.173  1.168   1.00 0.00 ? 6  PHE A H    1  
ATOM   82   H HA   . PHE A 1 6  ? -2.500 0.540  -1.476  1.00 0.00 ? 6  PHE A HA   1  
ATOM   83   H HB2  . PHE A 1 6  ? -4.901 0.301  -1.050  1.00 0.00 ? 6  PHE A HB2  1  
ATOM   84   H HB3  . PHE A 1 6  ? -4.893 1.786  -0.103  1.00 0.00 ? 6  PHE A HB3  1  
ATOM   85   H HD1  . PHE A 1 6  ? -4.760 0.357  -3.462  1.00 0.00 ? 6  PHE A HD1  1  
ATOM   86   H HD2  . PHE A 1 6  ? -4.751 3.946  -1.175  1.00 0.00 ? 6  PHE A HD2  1  
ATOM   87   H HE1  . PHE A 1 6  ? -5.227 1.653  -5.501  1.00 0.00 ? 6  PHE A HE1  1  
ATOM   88   H HE2  . PHE A 1 6  ? -5.219 5.248  -3.209  1.00 0.00 ? 6  PHE A HE2  1  
ATOM   89   H HZ   . PHE A 1 6  ? -5.457 4.102  -5.377  1.00 0.00 ? 6  PHE A HZ   1  
ATOM   90   N N    . THR A 1 7  ? -2.233 2.987  0.670   1.00 0.00 ? 7  THR A N    1  
ATOM   91   C CA   . THR A 1 7  ? -1.611 4.285  0.912   1.00 0.00 ? 7  THR A CA   1  
ATOM   92   C C    . THR A 1 7  ? -0.182 4.324  0.382   1.00 0.00 ? 7  THR A C    1  
ATOM   93   O O    . THR A 1 7  ? 0.223  5.286  -0.271  1.00 0.00 ? 7  THR A O    1  
ATOM   94   C CB   . THR A 1 7  ? -1.598 4.631  2.413   1.00 0.00 ? 7  THR A CB   1  
ATOM   95   O OG1  . THR A 1 7  ? -0.919 5.875  2.623   1.00 0.00 ? 7  THR A OG1  1  
ATOM   96   C CG2  . THR A 1 7  ? -0.916 3.534  3.216   1.00 0.00 ? 7  THR A CG2  1  
ATOM   97   H H    . THR A 1 7  ? -2.638 2.504  1.420   1.00 0.00 ? 7  THR A H    1  
ATOM   98   H HA   . THR A 1 7  ? -2.196 5.035  0.398   1.00 0.00 ? 7  THR A HA   1  
ATOM   99   H HB   . THR A 1 7  ? -2.618 4.724  2.755   1.00 0.00 ? 7  THR A HB   1  
ATOM   100  H HG1  . THR A 1 7  ? -0.833 6.037  3.565   1.00 0.00 ? 7  THR A HG1  1  
ATOM   101  H HG21 . THR A 1 7  ? -1.061 2.584  2.723   1.00 0.00 ? 7  THR A HG21 1  
ATOM   102  H HG22 . THR A 1 7  ? -1.342 3.495  4.207   1.00 0.00 ? 7  THR A HG22 1  
ATOM   103  H HG23 . THR A 1 7  ? 0.142  3.745  3.287   1.00 0.00 ? 7  THR A HG23 1  
ATOM   104  N N    . SER A 1 8  ? 0.579  3.272  0.666   1.00 0.00 ? 8  SER A N    1  
ATOM   105  C CA   . SER A 1 8  ? 1.963  3.186  0.218   1.00 0.00 ? 8  SER A CA   1  
ATOM   106  C C    . SER A 1 8  ? 2.059  2.514  -1.149  1.00 0.00 ? 8  SER A C    1  
ATOM   107  O O    . SER A 1 8  ? 2.901  2.876  -1.971  1.00 0.00 ? 8  SER A O    1  
ATOM   108  C CB   . SER A 1 8  ? 2.803  2.412  1.237   1.00 0.00 ? 8  SER A CB   1  
ATOM   109  O OG   . SER A 1 8  ? 2.429  2.746  2.563   1.00 0.00 ? 8  SER A OG   1  
ATOM   110  H H    . SER A 1 8  ? 0.200  2.536  1.190   1.00 0.00 ? 8  SER A H    1  
ATOM   111  H HA   . SER A 1 8  ? 2.349  4.191  0.139   1.00 0.00 ? 8  SER A HA   1  
ATOM   112  H HB2  . SER A 1 8  ? 2.654  1.353  1.091   1.00 0.00 ? 8  SER A HB2  1  
ATOM   113  H HB3  . SER A 1 8  ? 3.846  2.653  1.097   1.00 0.00 ? 8  SER A HB3  1  
ATOM   114  H HG   . SER A 1 8  ? 2.498  3.695  2.686   1.00 0.00 ? 8  SER A HG   1  
ATOM   115  N N    . ASP A 1 9  ? 1.196  1.530  -1.383  1.00 0.00 ? 9  ASP A N    1  
ATOM   116  C CA   . ASP A 1 9  ? 1.189  0.803  -2.649  1.00 0.00 ? 9  ASP A CA   1  
ATOM   117  C C    . ASP A 1 9  ? 0.258  1.456  -3.671  1.00 0.00 ? 9  ASP A C    1  
ATOM   118  O O    . ASP A 1 9  ? -0.141 0.821  -4.648  1.00 0.00 ? 9  ASP A O    1  
ATOM   119  C CB   . ASP A 1 9  ? 0.769  -0.649 -2.419  1.00 0.00 ? 9  ASP A CB   1  
ATOM   120  C CG   . ASP A 1 9  ? 1.704  -1.378 -1.475  1.00 0.00 ? 9  ASP A CG   1  
ATOM   121  O OD1  . ASP A 1 9  ? 1.801  -0.967 -0.301  1.00 0.00 ? 9  ASP A OD1  1  
ATOM   122  O OD2  . ASP A 1 9  ? 2.341  -2.360 -1.912  1.00 0.00 ? 9  ASP A OD2  1  
ATOM   123  H H    . ASP A 1 9  ? 0.551  1.284  -0.687  1.00 0.00 ? 9  ASP A H    1  
ATOM   124  H HA   . ASP A 1 9  ? 2.195  0.816  -3.041  1.00 0.00 ? 9  ASP A HA   1  
ATOM   125  H HB2  . ASP A 1 9  ? -0.225 -0.668 -1.998  1.00 0.00 ? 9  ASP A HB2  1  
ATOM   126  H HB3  . ASP A 1 9  ? 0.763  -1.171 -3.366  1.00 0.00 ? 9  ASP A HB3  1  
ATOM   127  N N    . PHE A 1 10 ? -0.089 2.720  -3.444  1.00 0.00 ? 10 PHE A N    1  
ATOM   128  C CA   . PHE A 1 10 ? -0.976 3.447  -4.351  1.00 0.00 ? 10 PHE A CA   1  
ATOM   129  C C    . PHE A 1 10 ? -0.522 3.302  -5.802  1.00 0.00 ? 10 PHE A C    1  
ATOM   130  O O    . PHE A 1 10 ? 0.537  2.739  -6.080  1.00 0.00 ? 10 PHE A O    1  
ATOM   131  C CB   . PHE A 1 10 ? -1.031 4.927  -3.966  1.00 0.00 ? 10 PHE A CB   1  
ATOM   132  C CG   . PHE A 1 10 ? 0.278  5.644  -4.141  1.00 0.00 ? 10 PHE A CG   1  
ATOM   133  C CD1  . PHE A 1 10 ? 1.274  5.542  -3.182  1.00 0.00 ? 10 PHE A CD1  1  
ATOM   134  C CD2  . PHE A 1 10 ? 0.513  6.420  -5.265  1.00 0.00 ? 10 PHE A CD2  1  
ATOM   135  C CE1  . PHE A 1 10 ? 2.478  6.201  -3.340  1.00 0.00 ? 10 PHE A CE1  1  
ATOM   136  C CE2  . PHE A 1 10 ? 1.715  7.081  -5.430  1.00 0.00 ? 10 PHE A CE2  1  
ATOM   137  C CZ   . PHE A 1 10 ? 2.699  6.971  -4.466  1.00 0.00 ? 10 PHE A CZ   1  
ATOM   138  H H    . PHE A 1 10 ? 0.254  3.177  -2.649  1.00 0.00 ? 10 PHE A H    1  
ATOM   139  H HA   . PHE A 1 10 ? -1.964 3.024  -4.253  1.00 0.00 ? 10 PHE A HA   1  
ATOM   140  H HB2  . PHE A 1 10 ? -1.765 5.425  -4.580  1.00 0.00 ? 10 PHE A HB2  1  
ATOM   141  H HB3  . PHE A 1 10 ? -1.320 5.011  -2.928  1.00 0.00 ? 10 PHE A HB3  1  
ATOM   142  H HD1  . PHE A 1 10 ? 1.102  4.940  -2.301  1.00 0.00 ? 10 PHE A HD1  1  
ATOM   143  H HD2  . PHE A 1 10 ? -0.255 6.505  -6.019  1.00 0.00 ? 10 PHE A HD2  1  
ATOM   144  H HE1  . PHE A 1 10 ? 3.245  6.115  -2.585  1.00 0.00 ? 10 PHE A HE1  1  
ATOM   145  H HE2  . PHE A 1 10 ? 1.885  7.682  -6.310  1.00 0.00 ? 10 PHE A HE2  1  
ATOM   146  H HZ   . PHE A 1 10 ? 3.639  7.487  -4.592  1.00 0.00 ? 10 PHE A HZ   1  
ATOM   147  N N    . PHE A 1 11 ? -1.333 3.816  -6.723  1.00 0.00 ? 11 PHE A N    1  
ATOM   148  C CA   . PHE A 1 11 ? -1.017 3.743  -8.146  1.00 0.00 ? 11 PHE A CA   1  
ATOM   149  C C    . PHE A 1 11 ? -0.958 2.292  -8.615  1.00 0.00 ? 11 PHE A C    1  
ATOM   150  O O    . PHE A 1 11 ? 0.046  1.849  -9.174  1.00 0.00 ? 11 PHE A O    1  
ATOM   151  C CB   . PHE A 1 11 ? 0.312  4.444  -8.434  1.00 0.00 ? 11 PHE A CB   1  
ATOM   152  C CG   . PHE A 1 11 ? 0.674  4.468  -9.892  1.00 0.00 ? 11 PHE A CG   1  
ATOM   153  C CD1  . PHE A 1 11 ? -0.018 5.279  -10.777 1.00 0.00 ? 11 PHE A CD1  1  
ATOM   154  C CD2  . PHE A 1 11 ? 1.704  3.678  -10.377 1.00 0.00 ? 11 PHE A CD2  1  
ATOM   155  C CE1  . PHE A 1 11 ? 0.311  5.303  -12.118 1.00 0.00 ? 11 PHE A CE1  1  
ATOM   156  C CE2  . PHE A 1 11 ? 2.038  3.697  -11.718 1.00 0.00 ? 11 PHE A CE2  1  
ATOM   157  C CZ   . PHE A 1 11 ? 1.341  4.512  -12.590 1.00 0.00 ? 11 PHE A CZ   1  
ATOM   158  H H    . PHE A 1 11 ? -2.163 4.251  -6.440  1.00 0.00 ? 11 PHE A H    1  
ATOM   159  H HA   . PHE A 1 11 ? -1.805 4.250  -8.684  1.00 0.00 ? 11 PHE A HA   1  
ATOM   160  H HB2  . PHE A 1 11 ? 0.255  5.465  -8.089  1.00 0.00 ? 11 PHE A HB2  1  
ATOM   161  H HB3  . PHE A 1 11 ? 1.102  3.933  -7.903  1.00 0.00 ? 11 PHE A HB3  1  
ATOM   162  H HD1  . PHE A 1 11 ? -0.822 5.899  -10.410 1.00 0.00 ? 11 PHE A HD1  1  
ATOM   163  H HD2  . PHE A 1 11 ? 2.249  3.042  -9.696  1.00 0.00 ? 11 PHE A HD2  1  
ATOM   164  H HE1  . PHE A 1 11 ? -0.235 5.940  -12.799 1.00 0.00 ? 11 PHE A HE1  1  
ATOM   165  H HE2  . PHE A 1 11 ? 2.843  3.078  -12.084 1.00 0.00 ? 11 PHE A HE2  1  
ATOM   166  H HZ   . PHE A 1 11 ? 1.600  4.529  -13.638 1.00 0.00 ? 11 PHE A HZ   1  
HETATM 167  N N    . NH2 A 1 12 ? -2.037 1.552  -8.388  1.00 0.00 ? 12 NH2 A N    1  
HETATM 168  H HN1  . NH2 A 1 12 ? -2.026 0.616  -8.680  1.00 0.00 ? 12 NH2 A HN1  1  
HETATM 169  H HN2  . NH2 A 1 12 ? -2.800 1.971  -7.939  1.00 0.00 ? 12 NH2 A HN2  1  
ATOM   170  N N    . HIS A 1 1  ? 1.481  -4.630 -0.071  1.00 0.00 ? 1  HIS A N    2  
ATOM   171  C CA   . HIS A 1 1  ? 2.420  -5.304 0.862   1.00 0.00 ? 1  HIS A CA   2  
ATOM   172  C C    . HIS A 1 1  ? 1.849  -5.354 2.275   1.00 0.00 ? 1  HIS A C    2  
ATOM   173  O O    . HIS A 1 1  ? 2.536  -5.046 3.247   1.00 0.00 ? 1  HIS A O    2  
ATOM   174  C CB   . HIS A 1 1  ? 3.746  -4.540 0.853   1.00 0.00 ? 1  HIS A CB   2  
ATOM   175  C CG   . HIS A 1 1  ? 4.908  -5.350 1.338   1.00 0.00 ? 1  HIS A CG   2  
ATOM   176  N ND1  . HIS A 1 1  ? 5.311  -6.525 0.737   1.00 0.00 ? 1  HIS A ND1  2  
ATOM   177  C CD2  . HIS A 1 1  ? 5.757  -5.149 2.373   1.00 0.00 ? 1  HIS A CD2  2  
ATOM   178  C CE1  . HIS A 1 1  ? 6.356  -7.011 1.383   1.00 0.00 ? 1  HIS A CE1  2  
ATOM   179  N NE2  . HIS A 1 1  ? 6.647  -6.195 2.378   1.00 0.00 ? 1  HIS A NE2  2  
ATOM   180  H H1   . HIS A 1 1  ? 0.679  -5.258 -0.286  1.00 0.00 ? 1  HIS A H1   2  
ATOM   181  H H2   . HIS A 1 1  ? 1.967  -4.393 -0.959  1.00 0.00 ? 1  HIS A H2   2  
ATOM   182  H H3   . HIS A 1 1  ? 1.117  -3.755 0.357   1.00 0.00 ? 1  HIS A H3   2  
ATOM   183  H HA   . HIS A 1 1  ? 2.586  -6.311 0.515   1.00 0.00 ? 1  HIS A HA   2  
ATOM   184  H HB2  . HIS A 1 1  ? 3.962  -4.222 -0.156  1.00 0.00 ? 1  HIS A HB2  2  
ATOM   185  H HB3  . HIS A 1 1  ? 3.657  -3.671 1.489   1.00 0.00 ? 1  HIS A HB3  2  
ATOM   186  H HD1  . HIS A 1 1  ? 4.892  -6.939 -0.046  1.00 0.00 ? 1  HIS A HD1  2  
ATOM   187  H HD2  . HIS A 1 1  ? 5.739  -4.320 3.067   1.00 0.00 ? 1  HIS A HD2  2  
ATOM   188  H HE1  . HIS A 1 1  ? 6.884  -7.920 1.136   1.00 0.00 ? 1  HIS A HE1  2  
ATOM   189  H HE2  . HIS A 1 1  ? 7.332  -6.358 3.060   1.00 0.00 ? 1  HIS A HE2  2  
HETATM 190  N N    . AIB A 1 2  ? 0.584  -5.749 2.374   1.00 0.00 ? 2  AIB A N    2  
HETATM 191  C CA   . AIB A 1 2  ? -0.097 -5.848 3.669   1.00 0.00 ? 2  AIB A CA   2  
HETATM 192  C C    . AIB A 1 2  ? -0.034 -4.494 4.390   1.00 0.00 ? 2  AIB A C    2  
HETATM 193  O O    . AIB A 1 2  ? -0.922 -3.656 4.226   1.00 0.00 ? 2  AIB A O    2  
HETATM 194  C CB1  . AIB A 1 2  ? 0.552  -6.931 4.512   1.00 0.00 ? 2  AIB A CB1  2  
HETATM 195  C CB2  . AIB A 1 2  ? -1.544 -6.243 3.452   1.00 0.00 ? 2  AIB A CB2  2  
HETATM 196  H H    . AIB A 1 2  ? 0.094  -5.983 1.560   1.00 0.00 ? 2  AIB A H    2  
HETATM 197  H HB11 . AIB A 1 2  ? 1.625  -6.884 4.395   1.00 0.00 ? 2  AIB A HB11 2  
HETATM 198  H HB12 . AIB A 1 2  ? 0.196  -7.899 4.191   1.00 0.00 ? 2  AIB A HB12 2  
HETATM 199  H HB13 . AIB A 1 2  ? 0.295  -6.780 5.551   1.00 0.00 ? 2  AIB A HB13 2  
HETATM 200  H HB21 . AIB A 1 2  ? -2.117 -5.373 3.169   1.00 0.00 ? 2  AIB A HB21 2  
HETATM 201  H HB22 . AIB A 1 2  ? -1.945 -6.657 4.367   1.00 0.00 ? 2  AIB A HB22 2  
HETATM 202  H HB23 . AIB A 1 2  ? -1.602 -6.984 2.668   1.00 0.00 ? 2  AIB A HB23 2  
ATOM   203  N N    . GLU A 1 3  ? 1.015  -4.284 5.184   1.00 0.00 ? 3  GLU A N    2  
ATOM   204  C CA   . GLU A 1 3  ? 1.178  -3.035 5.920   1.00 0.00 ? 3  GLU A CA   2  
ATOM   205  C C    . GLU A 1 3  ? 1.203  -1.841 4.971   1.00 0.00 ? 3  GLU A C    2  
ATOM   206  O O    . GLU A 1 3  ? 0.776  -0.743 5.328   1.00 0.00 ? 3  GLU A O    2  
ATOM   207  C CB   . GLU A 1 3  ? 2.462  -3.073 6.753   1.00 0.00 ? 3  GLU A CB   2  
ATOM   208  C CG   . GLU A 1 3  ? 2.244  -2.744 8.221   1.00 0.00 ? 3  GLU A CG   2  
ATOM   209  C CD   . GLU A 1 3  ? 1.542  -1.416 8.422   1.00 0.00 ? 3  GLU A CD   2  
ATOM   210  O OE1  . GLU A 1 3  ? 1.772  -0.494 7.612   1.00 0.00 ? 3  GLU A OE1  2  
ATOM   211  O OE2  . GLU A 1 3  ? 0.762  -1.298 9.390   1.00 0.00 ? 3  GLU A OE2  2  
ATOM   212  H H    . GLU A 1 3  ? 1.694  -4.983 5.278   1.00 0.00 ? 3  GLU A H    2  
ATOM   213  H HA   . GLU A 1 3  ? 0.334  -2.931 6.585   1.00 0.00 ? 3  GLU A HA   2  
ATOM   214  H HB2  . GLU A 1 3  ? 2.890  -4.062 6.687   1.00 0.00 ? 3  GLU A HB2  2  
ATOM   215  H HB3  . GLU A 1 3  ? 3.165  -2.359 6.348   1.00 0.00 ? 3  GLU A HB3  2  
ATOM   216  H HG2  . GLU A 1 3  ? 1.642  -3.523 8.666   1.00 0.00 ? 3  GLU A HG2  2  
ATOM   217  H HG3  . GLU A 1 3  ? 3.204  -2.707 8.714   1.00 0.00 ? 3  GLU A HG3  2  
ATOM   218  N N    . GLY A 1 4  ? 1.706  -2.063 3.762   1.00 0.00 ? 4  GLY A N    2  
ATOM   219  C CA   . GLY A 1 4  ? 1.774  -0.996 2.782   1.00 0.00 ? 4  GLY A CA   2  
ATOM   220  C C    . GLY A 1 4  ? 0.402  -0.502 2.369   1.00 0.00 ? 4  GLY A C    2  
ATOM   221  O O    . GLY A 1 4  ? 0.198  0.696  2.178   1.00 0.00 ? 4  GLY A O    2  
ATOM   222  H H    . GLY A 1 4  ? 2.029  -2.960 3.533   1.00 0.00 ? 4  GLY A H    2  
ATOM   223  H HA2  . GLY A 1 4  ? 2.330  -0.172 3.203   1.00 0.00 ? 4  GLY A HA2  2  
ATOM   224  H HA3  . GLY A 1 4  ? 2.294  -1.358 1.907   1.00 0.00 ? 4  GLY A HA3  2  
ATOM   225  N N    . THR A 1 5  ? -0.544 -1.429 2.234   1.00 0.00 ? 5  THR A N    2  
ATOM   226  C CA   . THR A 1 5  ? -1.908 -1.083 1.841   1.00 0.00 ? 5  THR A CA   2  
ATOM   227  C C    . THR A 1 5  ? -1.920 -0.152 0.632   1.00 0.00 ? 5  THR A C    2  
ATOM   228  O O    . THR A 1 5  ? -0.887 0.083  0.005   1.00 0.00 ? 5  THR A O    2  
ATOM   229  C CB   . THR A 1 5  ? -2.672 -0.415 3.001   1.00 0.00 ? 5  THR A CB   2  
ATOM   230  O OG1  . THR A 1 5  ? -2.001 -0.666 4.240   1.00 0.00 ? 5  THR A OG1  2  
ATOM   231  C CG2  . THR A 1 5  ? -4.100 -0.934 3.078   1.00 0.00 ? 5  THR A CG2  2  
ATOM   232  H H    . THR A 1 5  ? -0.319 -2.369 2.402   1.00 0.00 ? 5  THR A H    2  
ATOM   233  H HA   . THR A 1 5  ? -2.420 -1.998 1.581   1.00 0.00 ? 5  THR A HA   2  
ATOM   234  H HB   . THR A 1 5  ? -2.702 0.651  2.827   1.00 0.00 ? 5  THR A HB   2  
ATOM   235  H HG1  . THR A 1 5  ? -1.183 -0.164 4.270   1.00 0.00 ? 5  THR A HG1  2  
ATOM   236  H HG21 . THR A 1 5  ? -4.160 -1.711 3.826   1.00 0.00 ? 5  THR A HG21 2  
ATOM   237  H HG22 . THR A 1 5  ? -4.390 -1.335 2.118   1.00 0.00 ? 5  THR A HG22 2  
ATOM   238  H HG23 . THR A 1 5  ? -4.763 -0.125 3.345   1.00 0.00 ? 5  THR A HG23 2  
ATOM   239  N N    . PHE A 1 6  ? -3.097 0.377  0.311   1.00 0.00 ? 6  PHE A N    2  
ATOM   240  C CA   . PHE A 1 6  ? -3.249 1.284  -0.820  1.00 0.00 ? 6  PHE A CA   2  
ATOM   241  C C    . PHE A 1 6  ? -2.324 2.492  -0.679  1.00 0.00 ? 6  PHE A C    2  
ATOM   242  O O    . PHE A 1 6  ? -1.775 2.985  -1.664  1.00 0.00 ? 6  PHE A O    2  
ATOM   243  C CB   . PHE A 1 6  ? -4.706 1.744  -0.935  1.00 0.00 ? 6  PHE A CB   2  
ATOM   244  C CG   . PHE A 1 6  ? -4.925 2.823  -1.959  1.00 0.00 ? 6  PHE A CG   2  
ATOM   245  C CD1  . PHE A 1 6  ? -4.303 2.759  -3.196  1.00 0.00 ? 6  PHE A CD1  2  
ATOM   246  C CD2  . PHE A 1 6  ? -5.749 3.902  -1.682  1.00 0.00 ? 6  PHE A CD2  2  
ATOM   247  C CE1  . PHE A 1 6  ? -4.501 3.752  -4.138  1.00 0.00 ? 6  PHE A CE1  2  
ATOM   248  C CE2  . PHE A 1 6  ? -5.950 4.897  -2.619  1.00 0.00 ? 6  PHE A CE2  2  
ATOM   249  C CZ   . PHE A 1 6  ? -5.326 4.821  -3.848  1.00 0.00 ? 6  PHE A CZ   2  
ATOM   250  H H    . PHE A 1 6  ? -3.885 0.152  0.850   1.00 0.00 ? 6  PHE A H    2  
ATOM   251  H HA   . PHE A 1 6  ? -2.981 0.744  -1.715  1.00 0.00 ? 6  PHE A HA   2  
ATOM   252  H HB2  . PHE A 1 6  ? -5.320 0.900  -1.209  1.00 0.00 ? 6  PHE A HB2  2  
ATOM   253  H HB3  . PHE A 1 6  ? -5.032 2.123  0.023   1.00 0.00 ? 6  PHE A HB3  2  
ATOM   254  H HD1  . PHE A 1 6  ? -3.659 1.923  -3.423  1.00 0.00 ? 6  PHE A HD1  2  
ATOM   255  H HD2  . PHE A 1 6  ? -6.237 3.962  -0.720  1.00 0.00 ? 6  PHE A HD2  2  
ATOM   256  H HE1  . PHE A 1 6  ? -4.011 3.690  -5.098  1.00 0.00 ? 6  PHE A HE1  2  
ATOM   257  H HE2  . PHE A 1 6  ? -6.595 5.732  -2.391  1.00 0.00 ? 6  PHE A HE2  2  
ATOM   258  H HZ   . PHE A 1 6  ? -5.482 5.598  -4.583  1.00 0.00 ? 6  PHE A HZ   2  
ATOM   259  N N    . THR A 1 7  ? -2.161 2.965  0.553   1.00 0.00 ? 7  THR A N    2  
ATOM   260  C CA   . THR A 1 7  ? -1.306 4.117  0.824   1.00 0.00 ? 7  THR A CA   2  
ATOM   261  C C    . THR A 1 7  ? 0.110  3.891  0.304   1.00 0.00 ? 7  THR A C    2  
ATOM   262  O O    . THR A 1 7  ? 0.725  4.796  -0.261  1.00 0.00 ? 7  THR A O    2  
ATOM   263  C CB   . THR A 1 7  ? -1.243 4.428  2.331   1.00 0.00 ? 7  THR A CB   2  
ATOM   264  O OG1  . THR A 1 7  ? -0.342 5.517  2.570   1.00 0.00 ? 7  THR A OG1  2  
ATOM   265  C CG2  . THR A 1 7  ? -0.791 3.209  3.120   1.00 0.00 ? 7  THR A CG2  2  
ATOM   266  H H    . THR A 1 7  ? -2.627 2.531  1.297   1.00 0.00 ? 7  THR A H    2  
ATOM   267  H HA   . THR A 1 7  ? -1.731 4.972  0.319   1.00 0.00 ? 7  THR A HA   2  
ATOM   268  H HB   . THR A 1 7  ? -2.231 4.709  2.668   1.00 0.00 ? 7  THR A HB   2  
ATOM   269  H HG1  . THR A 1 7  ? 0.563  5.207  2.481   1.00 0.00 ? 7  THR A HG1  2  
ATOM   270  H HG21 . THR A 1 7  ? -1.246 2.323  2.705   1.00 0.00 ? 7  THR A HG21 2  
ATOM   271  H HG22 . THR A 1 7  ? -1.089 3.317  4.153   1.00 0.00 ? 7  THR A HG22 2  
ATOM   272  H HG23 . THR A 1 7  ? 0.284  3.123  3.064   1.00 0.00 ? 7  THR A HG23 2  
ATOM   273  N N    . SER A 1 8  ? 0.621  2.679  0.493   1.00 0.00 ? 8  SER A N    2  
ATOM   274  C CA   . SER A 1 8  ? 1.964  2.338  0.039   1.00 0.00 ? 8  SER A CA   2  
ATOM   275  C C    . SER A 1 8  ? 1.945  1.875  -1.414  1.00 0.00 ? 8  SER A C    2  
ATOM   276  O O    . SER A 1 8  ? 2.929  2.029  -2.138  1.00 0.00 ? 8  SER A O    2  
ATOM   277  C CB   . SER A 1 8  ? 2.566  1.247  0.927   1.00 0.00 ? 8  SER A CB   2  
ATOM   278  O OG   . SER A 1 8  ? 3.977  1.220  0.815   1.00 0.00 ? 8  SER A OG   2  
ATOM   279  H H    . SER A 1 8  ? 0.083  1.998  0.948   1.00 0.00 ? 8  SER A H    2  
ATOM   280  H HA   . SER A 1 8  ? 2.574  3.227  0.113   1.00 0.00 ? 8  SER A HA   2  
ATOM   281  H HB2  . SER A 1 8  ? 2.302  1.439  1.957   1.00 0.00 ? 8  SER A HB2  2  
ATOM   282  H HB3  . SER A 1 8  ? 2.173  0.286  0.628   1.00 0.00 ? 8  SER A HB3  2  
ATOM   283  H HG   . SER A 1 8  ? 4.342  2.035  1.166   1.00 0.00 ? 8  SER A HG   2  
ATOM   284  N N    . ASP A 1 9  ? 0.818  1.310  -1.837  1.00 0.00 ? 9  ASP A N    2  
ATOM   285  C CA   . ASP A 1 9  ? 0.671  0.827  -3.206  1.00 0.00 ? 9  ASP A CA   2  
ATOM   286  C C    . ASP A 1 9  ? 0.901  1.955  -4.207  1.00 0.00 ? 9  ASP A C    2  
ATOM   287  O O    . ASP A 1 9  ? 1.407  1.729  -5.307  1.00 0.00 ? 9  ASP A O    2  
ATOM   288  C CB   . ASP A 1 9  ? -0.718 0.223  -3.410  1.00 0.00 ? 9  ASP A CB   2  
ATOM   289  C CG   . ASP A 1 9  ? -0.853 -1.146 -2.770  1.00 0.00 ? 9  ASP A CG   2  
ATOM   290  O OD1  . ASP A 1 9  ? 0.051  -1.985 -2.968  1.00 0.00 ? 9  ASP A OD1  2  
ATOM   291  O OD2  . ASP A 1 9  ? -1.861 -1.378 -2.071  1.00 0.00 ? 9  ASP A OD2  2  
ATOM   292  H H    . ASP A 1 9  ? 0.067  1.216  -1.216  1.00 0.00 ? 9  ASP A H    2  
ATOM   293  H HA   . ASP A 1 9  ? 1.415  0.062  -3.368  1.00 0.00 ? 9  ASP A HA   2  
ATOM   294  H HB2  . ASP A 1 9  ? -1.457 0.877  -2.973  1.00 0.00 ? 9  ASP A HB2  2  
ATOM   295  H HB3  . ASP A 1 9  ? -0.910 0.126  -4.469  1.00 0.00 ? 9  ASP A HB3  2  
ATOM   296  N N    . PHE A 1 10 ? 0.527  3.171  -3.818  1.00 0.00 ? 10 PHE A N    2  
ATOM   297  C CA   . PHE A 1 10 ? 0.694  4.335  -4.680  1.00 0.00 ? 10 PHE A CA   2  
ATOM   298  C C    . PHE A 1 10 ? -0.140 4.198  -5.951  1.00 0.00 ? 10 PHE A C    2  
ATOM   299  O O    . PHE A 1 10 ? 0.232  4.710  -7.007  1.00 0.00 ? 10 PHE A O    2  
ATOM   300  C CB   . PHE A 1 10 ? 2.171  4.520  -5.038  1.00 0.00 ? 10 PHE A CB   2  
ATOM   301  C CG   . PHE A 1 10 ? 2.847  5.614  -4.260  1.00 0.00 ? 10 PHE A CG   2  
ATOM   302  C CD1  . PHE A 1 10 ? 2.440  6.931  -4.396  1.00 0.00 ? 10 PHE A CD1  2  
ATOM   303  C CD2  . PHE A 1 10 ? 3.889  5.322  -3.395  1.00 0.00 ? 10 PHE A CD2  2  
ATOM   304  C CE1  . PHE A 1 10 ? 3.061  7.939  -3.682  1.00 0.00 ? 10 PHE A CE1  2  
ATOM   305  C CE2  . PHE A 1 10 ? 4.514  6.327  -2.679  1.00 0.00 ? 10 PHE A CE2  2  
ATOM   306  C CZ   . PHE A 1 10 ? 4.099  7.636  -2.822  1.00 0.00 ? 10 PHE A CZ   2  
ATOM   307  H H    . PHE A 1 10 ? 0.131  3.286  -2.928  1.00 0.00 ? 10 PHE A H    2  
ATOM   308  H HA   . PHE A 1 10 ? 0.355  5.202  -4.134  1.00 0.00 ? 10 PHE A HA   2  
ATOM   309  H HB2  . PHE A 1 10 ? 2.700  3.600  -4.842  1.00 0.00 ? 10 PHE A HB2  2  
ATOM   310  H HB3  . PHE A 1 10 ? 2.254  4.759  -6.089  1.00 0.00 ? 10 PHE A HB3  2  
ATOM   311  H HD1  . PHE A 1 10 ? 1.629  7.169  -5.068  1.00 0.00 ? 10 PHE A HD1  2  
ATOM   312  H HD2  . PHE A 1 10 ? 4.214  4.300  -3.282  1.00 0.00 ? 10 PHE A HD2  2  
ATOM   313  H HE1  . PHE A 1 10 ? 2.734  8.963  -3.796  1.00 0.00 ? 10 PHE A HE1  2  
ATOM   314  H HE2  . PHE A 1 10 ? 5.324  6.086  -2.006  1.00 0.00 ? 10 PHE A HE2  2  
ATOM   315  H HZ   . PHE A 1 10 ? 4.584  8.421  -2.263  1.00 0.00 ? 10 PHE A HZ   2  
ATOM   316  N N    . PHE A 1 11 ? -1.270 3.504  -5.842  1.00 0.00 ? 11 PHE A N    2  
ATOM   317  C CA   . PHE A 1 11 ? -2.158 3.300  -6.982  1.00 0.00 ? 11 PHE A CA   2  
ATOM   318  C C    . PHE A 1 11 ? -1.505 2.402  -8.029  1.00 0.00 ? 11 PHE A C    2  
ATOM   319  O O    . PHE A 1 11 ? -1.900 1.251  -8.209  1.00 0.00 ? 11 PHE A O    2  
ATOM   320  C CB   . PHE A 1 11 ? -2.542 4.644  -7.609  1.00 0.00 ? 11 PHE A CB   2  
ATOM   321  C CG   . PHE A 1 11 ? -4.021 4.812  -7.815  1.00 0.00 ? 11 PHE A CG   2  
ATOM   322  C CD1  . PHE A 1 11 ? -4.667 4.164  -8.856  1.00 0.00 ? 11 PHE A CD1  2  
ATOM   323  C CD2  . PHE A 1 11 ? -4.764 5.619  -6.969  1.00 0.00 ? 11 PHE A CD2  2  
ATOM   324  C CE1  . PHE A 1 11 ? -6.027 4.317  -9.048  1.00 0.00 ? 11 PHE A CE1  2  
ATOM   325  C CE2  . PHE A 1 11 ? -6.124 5.777  -7.156  1.00 0.00 ? 11 PHE A CE2  2  
ATOM   326  C CZ   . PHE A 1 11 ? -6.757 5.125  -8.197  1.00 0.00 ? 11 PHE A CZ   2  
ATOM   327  H H    . PHE A 1 11 ? -1.513 3.122  -4.973  1.00 0.00 ? 11 PHE A H    2  
ATOM   328  H HA   . PHE A 1 11 ? -3.053 2.814  -6.620  1.00 0.00 ? 11 PHE A HA   2  
ATOM   329  H HB2  . PHE A 1 11 ? -2.205 5.442  -6.965  1.00 0.00 ? 11 PHE A HB2  2  
ATOM   330  H HB3  . PHE A 1 11 ? -2.059 4.737  -8.571  1.00 0.00 ? 11 PHE A HB3  2  
ATOM   331  H HD1  . PHE A 1 11 ? -4.097 3.532  -9.521  1.00 0.00 ? 11 PHE A HD1  2  
ATOM   332  H HD2  . PHE A 1 11 ? -4.271 6.129  -6.155  1.00 0.00 ? 11 PHE A HD2  2  
ATOM   333  H HE1  . PHE A 1 11 ? -6.519 3.806  -9.862  1.00 0.00 ? 11 PHE A HE1  2  
ATOM   334  H HE2  . PHE A 1 11 ? -6.692 6.408  -6.489  1.00 0.00 ? 11 PHE A HE2  2  
ATOM   335  H HZ   . PHE A 1 11 ? -7.819 5.246  -8.346  1.00 0.00 ? 11 PHE A HZ   2  
HETATM 336  N N    . NH2 A 1 12 ? -0.501 2.932  -8.720  1.00 0.00 ? 12 NH2 A N    2  
HETATM 337  H HN1  . NH2 A 1 12 ? -0.064 2.377  -9.399  1.00 0.00 ? 12 NH2 A HN1  2  
HETATM 338  H HN2  . NH2 A 1 12 ? -0.240 3.855  -8.523  1.00 0.00 ? 12 NH2 A HN2  2  
ATOM   339  N N    . HIS A 1 1  ? 3.923  -7.017 2.105   1.00 0.00 ? 1  HIS A N    3  
ATOM   340  C CA   . HIS A 1 1  ? 3.825  -5.679 2.748   1.00 0.00 ? 1  HIS A CA   3  
ATOM   341  C C    . HIS A 1 1  ? 2.371  -5.230 2.865   1.00 0.00 ? 1  HIS A C    3  
ATOM   342  O O    . HIS A 1 1  ? 1.943  -4.295 2.189   1.00 0.00 ? 1  HIS A O    3  
ATOM   343  C CB   . HIS A 1 1  ? 4.627  -4.673 1.917   1.00 0.00 ? 1  HIS A CB   3  
ATOM   344  C CG   . HIS A 1 1  ? 4.473  -4.851 0.438   1.00 0.00 ? 1  HIS A CG   3  
ATOM   345  N ND1  . HIS A 1 1  ? 3.389  -4.374 -0.271  1.00 0.00 ? 1  HIS A ND1  3  
ATOM   346  C CD2  . HIS A 1 1  ? 5.275  -5.458 -0.469  1.00 0.00 ? 1  HIS A CD2  3  
ATOM   347  C CE1  . HIS A 1 1  ? 3.531  -4.683 -1.548  1.00 0.00 ? 1  HIS A CE1  3  
ATOM   348  N NE2  . HIS A 1 1  ? 4.667  -5.340 -1.694  1.00 0.00 ? 1  HIS A NE2  3  
ATOM   349  H H1   . HIS A 1 1  ? 3.381  -7.028 1.218   1.00 0.00 ? 1  HIS A H1   3  
ATOM   350  H H2   . HIS A 1 1  ? 3.542  -7.748 2.739   1.00 0.00 ? 1  HIS A H2   3  
ATOM   351  H H3   . HIS A 1 1  ? 4.917  -7.240 1.895   1.00 0.00 ? 1  HIS A H3   3  
ATOM   352  H HA   . HIS A 1 1  ? 4.253  -5.744 3.737   1.00 0.00 ? 1  HIS A HA   3  
ATOM   353  H HB2  . HIS A 1 1  ? 4.302  -3.673 2.165   1.00 0.00 ? 1  HIS A HB2  3  
ATOM   354  H HB3  . HIS A 1 1  ? 5.675  -4.774 2.158   1.00 0.00 ? 1  HIS A HB3  3  
ATOM   355  H HD1  . HIS A 1 1  ? 2.629  -3.885 0.106   1.00 0.00 ? 1  HIS A HD1  3  
ATOM   356  H HD2  . HIS A 1 1  ? 6.219  -5.946 -0.265  1.00 0.00 ? 1  HIS A HD2  3  
ATOM   357  H HE1  . HIS A 1 1  ? 2.838  -4.437 -2.338  1.00 0.00 ? 1  HIS A HE1  3  
ATOM   358  H HE2  . HIS A 1 1  ? 5.038  -5.649 -2.547  1.00 0.00 ? 1  HIS A HE2  3  
HETATM 359  N N    . AIB A 1 2  ? 1.618  -5.904 3.729   1.00 0.00 ? 2  AIB A N    3  
HETATM 360  C CA   . AIB A 1 2  ? 0.205  -5.577 3.940   1.00 0.00 ? 2  AIB A CA   3  
HETATM 361  C C    . AIB A 1 2  ? 0.083  -4.136 4.438   1.00 0.00 ? 2  AIB A C    3  
HETATM 362  O O    . AIB A 1 2  ? -0.836 -3.412 4.054   1.00 0.00 ? 2  AIB A O    3  
HETATM 363  C CB1  . AIB A 1 2  ? -0.397 -6.525 4.958   1.00 0.00 ? 2  AIB A CB1  3  
HETATM 364  C CB2  . AIB A 1 2  ? -0.564 -5.743 2.643   1.00 0.00 ? 2  AIB A CB2  3  
HETATM 365  H H    . AIB A 1 2  ? 2.017  -6.640 4.239   1.00 0.00 ? 2  AIB A H    3  
HETATM 366  H HB11 . AIB A 1 2  ? -0.102 -6.221 5.951   1.00 0.00 ? 2  AIB A HB11 3  
HETATM 367  H HB12 . AIB A 1 2  ? -0.043 -7.528 4.769   1.00 0.00 ? 2  AIB A HB12 3  
HETATM 368  H HB13 . AIB A 1 2  ? -1.474 -6.503 4.879   1.00 0.00 ? 2  AIB A HB13 3  
HETATM 369  H HB21 . AIB A 1 2  ? 0.051  -5.422 1.816   1.00 0.00 ? 2  AIB A HB21 3  
HETATM 370  H HB22 . AIB A 1 2  ? -1.461 -5.143 2.679   1.00 0.00 ? 2  AIB A HB22 3  
HETATM 371  H HB23 . AIB A 1 2  ? -0.830 -6.782 2.513   1.00 0.00 ? 2  AIB A HB23 3  
ATOM   372  N N    . GLU A 1 3  ? 1.015  -3.729 5.293   1.00 0.00 ? 3  GLU A N    3  
ATOM   373  C CA   . GLU A 1 3  ? 1.012  -2.377 5.843   1.00 0.00 ? 3  GLU A CA   3  
ATOM   374  C C    . GLU A 1 3  ? 0.970  -1.335 4.730   1.00 0.00 ? 3  GLU A C    3  
ATOM   375  O O    . GLU A 1 3  ? 0.437  -0.239 4.913   1.00 0.00 ? 3  GLU A O    3  
ATOM   376  C CB   . GLU A 1 3  ? 2.245  -2.159 6.720   1.00 0.00 ? 3  GLU A CB   3  
ATOM   377  C CG   . GLU A 1 3  ? 2.082  -2.685 8.137   1.00 0.00 ? 3  GLU A CG   3  
ATOM   378  C CD   . GLU A 1 3  ? 2.719  -4.048 8.329   1.00 0.00 ? 3  GLU A CD   3  
ATOM   379  O OE1  . GLU A 1 3  ? 3.705  -4.347 7.623   1.00 0.00 ? 3  GLU A OE1  3  
ATOM   380  O OE2  . GLU A 1 3  ? 2.233  -4.814 9.187   1.00 0.00 ? 3  GLU A OE2  3  
ATOM   381  H H    . GLU A 1 3  ? 1.723  -4.351 5.562   1.00 0.00 ? 3  GLU A H    3  
ATOM   382  H HA   . GLU A 1 3  ? 0.127  -2.271 6.452   1.00 0.00 ? 3  GLU A HA   3  
ATOM   383  H HB2  . GLU A 1 3  ? 3.089  -2.659 6.268   1.00 0.00 ? 3  GLU A HB2  3  
ATOM   384  H HB3  . GLU A 1 3  ? 2.452  -1.100 6.775   1.00 0.00 ? 3  GLU A HB3  3  
ATOM   385  H HG2  . GLU A 1 3  ? 2.543  -1.989 8.822   1.00 0.00 ? 3  GLU A HG2  3  
ATOM   386  H HG3  . GLU A 1 3  ? 1.028  -2.762 8.359   1.00 0.00 ? 3  GLU A HG3  3  
ATOM   387  N N    . GLY A 1 4  ? 1.532  -1.682 3.577   1.00 0.00 ? 4  GLY A N    3  
ATOM   388  C CA   . GLY A 1 4  ? 1.541  -0.765 2.453   1.00 0.00 ? 4  GLY A CA   3  
ATOM   389  C C    . GLY A 1 4  ? 0.154  -0.533 1.890   1.00 0.00 ? 4  GLY A C    3  
ATOM   390  O O    . GLY A 1 4  ? -0.215 0.600  1.580   1.00 0.00 ? 4  GLY A O    3  
ATOM   391  H H    . GLY A 1 4  ? 1.940  -2.569 3.488   1.00 0.00 ? 4  GLY A H    3  
ATOM   392  H HA2  . GLY A 1 4  ? 1.951  0.181  2.777   1.00 0.00 ? 4  GLY A HA2  3  
ATOM   393  H HA3  . GLY A 1 4  ? 2.171  -1.171 1.675   1.00 0.00 ? 4  GLY A HA3  3  
ATOM   394  N N    . THR A 1 5  ? -0.615 -1.613 1.761   1.00 0.00 ? 5  THR A N    3  
ATOM   395  C CA   . THR A 1 5  ? -1.979 -1.545 1.237   1.00 0.00 ? 5  THR A CA   3  
ATOM   396  C C    . THR A 1 5  ? -2.071 -0.657 -0.003  1.00 0.00 ? 5  THR A C    3  
ATOM   397  O O    . THR A 1 5  ? -1.055 -0.236 -0.557  1.00 0.00 ? 5  THR A O    3  
ATOM   398  C CB   . THR A 1 5  ? -2.969 -1.038 2.307   1.00 0.00 ? 5  THR A CB   3  
ATOM   399  O OG1  . THR A 1 5  ? -4.310 -1.108 1.807   1.00 0.00 ? 5  THR A OG1  3  
ATOM   400  C CG2  . THR A 1 5  ? -2.651 0.392  2.718   1.00 0.00 ? 5  THR A CG2  3  
ATOM   401  H H    . THR A 1 5  ? -0.255 -2.484 2.030   1.00 0.00 ? 5  THR A H    3  
ATOM   402  H HA   . THR A 1 5  ? -2.272 -2.549 0.962   1.00 0.00 ? 5  THR A HA   3  
ATOM   403  H HB   . THR A 1 5  ? -2.886 -1.672 3.178   1.00 0.00 ? 5  THR A HB   3  
ATOM   404  H HG1  . THR A 1 5  ? -4.536 -2.023 1.626   1.00 0.00 ? 5  THR A HG1  3  
ATOM   405  H HG21 . THR A 1 5  ? -2.378 0.966  1.846   1.00 0.00 ? 5  THR A HG21 3  
ATOM   406  H HG22 . THR A 1 5  ? -1.830 0.392  3.419   1.00 0.00 ? 5  THR A HG22 3  
ATOM   407  H HG23 . THR A 1 5  ? -3.521 0.835  3.181   1.00 0.00 ? 5  THR A HG23 3  
ATOM   408  N N    . PHE A 1 6  ? -3.299 -0.382 -0.436  1.00 0.00 ? 6  PHE A N    3  
ATOM   409  C CA   . PHE A 1 6  ? -3.537 0.451  -1.613  1.00 0.00 ? 6  PHE A CA   3  
ATOM   410  C C    . PHE A 1 6  ? -2.832 1.799  -1.487  1.00 0.00 ? 6  PHE A C    3  
ATOM   411  O O    . PHE A 1 6  ? -2.264 2.307  -2.455  1.00 0.00 ? 6  PHE A O    3  
ATOM   412  C CB   . PHE A 1 6  ? -5.042 0.661  -1.809  1.00 0.00 ? 6  PHE A CB   3  
ATOM   413  C CG   . PHE A 1 6  ? -5.386 1.572  -2.953  1.00 0.00 ? 6  PHE A CG   3  
ATOM   414  C CD1  . PHE A 1 6  ? -4.821 1.380  -4.205  1.00 0.00 ? 6  PHE A CD1  3  
ATOM   415  C CD2  . PHE A 1 6  ? -6.277 2.618  -2.777  1.00 0.00 ? 6  PHE A CD2  3  
ATOM   416  C CE1  . PHE A 1 6  ? -5.139 2.217  -5.258  1.00 0.00 ? 6  PHE A CE1  3  
ATOM   417  C CE2  . PHE A 1 6  ? -6.599 3.458  -3.826  1.00 0.00 ? 6  PHE A CE2  3  
ATOM   418  C CZ   . PHE A 1 6  ? -6.029 3.257  -5.069  1.00 0.00 ? 6  PHE A CZ   3  
ATOM   419  H H    . PHE A 1 6  ? -4.067 -0.752 0.048   1.00 0.00 ? 6  PHE A H    3  
ATOM   420  H HA   . PHE A 1 6  ? -3.141 -0.070 -2.471  1.00 0.00 ? 6  PHE A HA   3  
ATOM   421  H HB2  . PHE A 1 6  ? -5.508 -0.295 -1.996  1.00 0.00 ? 6  PHE A HB2  3  
ATOM   422  H HB3  . PHE A 1 6  ? -5.457 1.087  -0.907  1.00 0.00 ? 6  PHE A HB3  3  
ATOM   423  H HD1  . PHE A 1 6  ? -4.127 0.567  -4.354  1.00 0.00 ? 6  PHE A HD1  3  
ATOM   424  H HD2  . PHE A 1 6  ? -6.723 2.776  -1.806  1.00 0.00 ? 6  PHE A HD2  3  
ATOM   425  H HE1  . PHE A 1 6  ? -4.693 2.057  -6.229  1.00 0.00 ? 6  PHE A HE1  3  
ATOM   426  H HE2  . PHE A 1 6  ? -7.294 4.271  -3.676  1.00 0.00 ? 6  PHE A HE2  3  
ATOM   427  H HZ   . PHE A 1 6  ? -6.278 3.912  -5.891  1.00 0.00 ? 6  PHE A HZ   3  
ATOM   428  N N    . THR A 1 7  ? -2.875 2.376  -0.291  1.00 0.00 ? 7  THR A N    3  
ATOM   429  C CA   . THR A 1 7  ? -2.244 3.668  -0.036  1.00 0.00 ? 7  THR A CA   3  
ATOM   430  C C    . THR A 1 7  ? -0.789 3.682  -0.499  1.00 0.00 ? 7  THR A C    3  
ATOM   431  O O    . THR A 1 7  ? -0.381 4.549  -1.271  1.00 0.00 ? 7  THR A O    3  
ATOM   432  C CB   . THR A 1 7  ? -2.297 4.031  1.460   1.00 0.00 ? 7  THR A CB   3  
ATOM   433  O OG1  . THR A 1 7  ? -3.385 3.346  2.092   1.00 0.00 ? 7  THR A OG1  3  
ATOM   434  C CG2  . THR A 1 7  ? -2.459 5.532  1.648   1.00 0.00 ? 7  THR A CG2  3  
ATOM   435  H H    . THR A 1 7  ? -3.346 1.924  0.440   1.00 0.00 ? 7  THR A H    3  
ATOM   436  H HA   . THR A 1 7  ? -2.792 4.419  -0.586  1.00 0.00 ? 7  THR A HA   3  
ATOM   437  H HB   . THR A 1 7  ? -1.370 3.723  1.923   1.00 0.00 ? 7  THR A HB   3  
ATOM   438  H HG1  . THR A 1 7  ? -3.061 2.864  2.856   1.00 0.00 ? 7  THR A HG1  3  
ATOM   439  H HG21 . THR A 1 7  ? -2.551 5.754  2.701   1.00 0.00 ? 7  THR A HG21 3  
ATOM   440  H HG22 . THR A 1 7  ? -3.346 5.866  1.131   1.00 0.00 ? 7  THR A HG22 3  
ATOM   441  H HG23 . THR A 1 7  ? -1.594 6.040  1.248   1.00 0.00 ? 7  THR A HG23 3  
ATOM   442  N N    . SER A 1 8  ? -0.009 2.718  -0.019  1.00 0.00 ? 8  SER A N    3  
ATOM   443  C CA   . SER A 1 8  ? 1.401  2.623  -0.382  1.00 0.00 ? 8  SER A CA   3  
ATOM   444  C C    . SER A 1 8  ? 1.576  1.945  -1.738  1.00 0.00 ? 8  SER A C    3  
ATOM   445  O O    . SER A 1 8  ? 2.392  2.372  -2.554  1.00 0.00 ? 8  SER A O    3  
ATOM   446  C CB   . SER A 1 8  ? 2.173  1.852  0.688   1.00 0.00 ? 8  SER A CB   3  
ATOM   447  O OG   . SER A 1 8  ? 1.801  2.272  1.990   1.00 0.00 ? 8  SER A OG   3  
ATOM   448  H H    . SER A 1 8  ? -0.390 2.056  0.595   1.00 0.00 ? 8  SER A H    3  
ATOM   449  H HA   . SER A 1 8  ? 1.794  3.627  -0.442  1.00 0.00 ? 8  SER A HA   3  
ATOM   450  H HB2  . SER A 1 8  ? 1.963  0.797  0.590   1.00 0.00 ? 8  SER A HB2  3  
ATOM   451  H HB3  . SER A 1 8  ? 3.232  2.021  0.557   1.00 0.00 ? 8  SER A HB3  3  
ATOM   452  H HG   . SER A 1 8  ? 2.568  2.245  2.567   1.00 0.00 ? 8  SER A HG   3  
ATOM   453  N N    . ASP A 1 9  ? 0.809  0.884  -1.969  1.00 0.00 ? 9  ASP A N    3  
ATOM   454  C CA   . ASP A 1 9  ? 0.883  0.143  -3.226  1.00 0.00 ? 9  ASP A CA   3  
ATOM   455  C C    . ASP A 1 9  ? 0.728  1.075  -4.424  1.00 0.00 ? 9  ASP A C    3  
ATOM   456  O O    . ASP A 1 9  ? 1.621  1.174  -5.265  1.00 0.00 ? 9  ASP A O    3  
ATOM   457  C CB   . ASP A 1 9  ? -0.194 -0.943 -3.272  1.00 0.00 ? 9  ASP A CB   3  
ATOM   458  C CG   . ASP A 1 9  ? 0.265  -2.240 -2.637  1.00 0.00 ? 9  ASP A CG   3  
ATOM   459  O OD1  . ASP A 1 9  ? 1.465  -2.567 -2.755  1.00 0.00 ? 9  ASP A OD1  3  
ATOM   460  O OD2  . ASP A 1 9  ? -0.576 -2.932 -2.024  1.00 0.00 ? 9  ASP A OD2  3  
ATOM   461  H H    . ASP A 1 9  ? 0.180  0.590  -1.279  1.00 0.00 ? 9  ASP A H    3  
ATOM   462  H HA   . ASP A 1 9  ? 1.855  -0.327 -3.276  1.00 0.00 ? 9  ASP A HA   3  
ATOM   463  H HB2  . ASP A 1 9  ? -1.069 -0.595 -2.744  1.00 0.00 ? 9  ASP A HB2  3  
ATOM   464  H HB3  . ASP A 1 9  ? -0.455 -1.139 -4.301  1.00 0.00 ? 9  ASP A HB3  3  
ATOM   465  N N    . PHE A 1 10 ? -0.411 1.755  -4.494  1.00 0.00 ? 10 PHE A N    3  
ATOM   466  C CA   . PHE A 1 10 ? -0.684 2.679  -5.589  1.00 0.00 ? 10 PHE A CA   3  
ATOM   467  C C    . PHE A 1 10 ? -0.640 4.124  -5.104  1.00 0.00 ? 10 PHE A C    3  
ATOM   468  O O    . PHE A 1 10 ? -0.312 4.392  -3.948  1.00 0.00 ? 10 PHE A O    3  
ATOM   469  C CB   . PHE A 1 10 ? -2.049 2.376  -6.210  1.00 0.00 ? 10 PHE A CB   3  
ATOM   470  C CG   . PHE A 1 10 ? -1.973 1.475  -7.408  1.00 0.00 ? 10 PHE A CG   3  
ATOM   471  C CD1  . PHE A 1 10 ? -1.180 0.339  -7.388  1.00 0.00 ? 10 PHE A CD1  3  
ATOM   472  C CD2  . PHE A 1 10 ? -2.694 1.763  -8.557  1.00 0.00 ? 10 PHE A CD2  3  
ATOM   473  C CE1  . PHE A 1 10 ? -1.106 -0.493 -8.489  1.00 0.00 ? 10 PHE A CE1  3  
ATOM   474  C CE2  . PHE A 1 10 ? -2.624 0.936  -9.661  1.00 0.00 ? 10 PHE A CE2  3  
ATOM   475  C CZ   . PHE A 1 10 ? -1.829 -0.194 -9.627  1.00 0.00 ? 10 PHE A CZ   3  
ATOM   476  H H    . PHE A 1 10 ? -1.085 1.633  -3.793  1.00 0.00 ? 10 PHE A H    3  
ATOM   477  H HA   . PHE A 1 10 ? 0.082  2.540  -6.338  1.00 0.00 ? 10 PHE A HA   3  
ATOM   478  H HB2  . PHE A 1 10 ? -2.673 1.895  -5.472  1.00 0.00 ? 10 PHE A HB2  3  
ATOM   479  H HB3  . PHE A 1 10 ? -2.511 3.302  -6.518  1.00 0.00 ? 10 PHE A HB3  3  
ATOM   480  H HD1  . PHE A 1 10 ? -0.614 0.104  -6.498  1.00 0.00 ? 10 PHE A HD1  3  
ATOM   481  H HD2  . PHE A 1 10 ? -3.315 2.646  -8.584  1.00 0.00 ? 10 PHE A HD2  3  
ATOM   482  H HE1  . PHE A 1 10 ? -0.484 -1.375 -8.459  1.00 0.00 ? 10 PHE A HE1  3  
ATOM   483  H HE2  . PHE A 1 10 ? -3.190 1.171  -10.550 1.00 0.00 ? 10 PHE A HE2  3  
ATOM   484  H HZ   . PHE A 1 10 ? -1.773 -0.842 -10.489 1.00 0.00 ? 10 PHE A HZ   3  
ATOM   485  N N    . PHE A 1 11 ? -0.976 5.052  -5.995  1.00 0.00 ? 11 PHE A N    3  
ATOM   486  C CA   . PHE A 1 11 ? -0.977 6.472  -5.659  1.00 0.00 ? 11 PHE A CA   3  
ATOM   487  C C    . PHE A 1 11 ? 0.441  6.970  -5.395  1.00 0.00 ? 11 PHE A C    3  
ATOM   488  O O    . PHE A 1 11 ? 1.043  7.635  -6.239  1.00 0.00 ? 11 PHE A O    3  
ATOM   489  C CB   . PHE A 1 11 ? -1.861 6.731  -4.437  1.00 0.00 ? 11 PHE A CB   3  
ATOM   490  C CG   . PHE A 1 11 ? -3.153 7.423  -4.767  1.00 0.00 ? 11 PHE A CG   3  
ATOM   491  C CD1  . PHE A 1 11 ? -3.917 7.015  -5.848  1.00 0.00 ? 11 PHE A CD1  3  
ATOM   492  C CD2  . PHE A 1 11 ? -3.601 8.485  -3.997  1.00 0.00 ? 11 PHE A CD2  3  
ATOM   493  C CE1  . PHE A 1 11 ? -5.104 7.651  -6.155  1.00 0.00 ? 11 PHE A CE1  3  
ATOM   494  C CE2  . PHE A 1 11 ? -4.788 9.125  -4.299  1.00 0.00 ? 11 PHE A CE2  3  
ATOM   495  C CZ   . PHE A 1 11 ? -5.540 8.708  -5.380  1.00 0.00 ? 11 PHE A CZ   3  
ATOM   496  H H    . PHE A 1 11 ? -1.229 4.775  -6.900  1.00 0.00 ? 11 PHE A H    3  
ATOM   497  H HA   . PHE A 1 11 ? -1.381 7.009  -6.504  1.00 0.00 ? 11 PHE A HA   3  
ATOM   498  H HB2  . PHE A 1 11 ? -2.102 5.788  -3.968  1.00 0.00 ? 11 PHE A HB2  3  
ATOM   499  H HB3  . PHE A 1 11 ? -1.323 7.349  -3.734  1.00 0.00 ? 11 PHE A HB3  3  
ATOM   500  H HD1  . PHE A 1 11 ? -3.577 6.188  -6.456  1.00 0.00 ? 11 PHE A HD1  3  
ATOM   501  H HD2  . PHE A 1 11 ? -3.012 8.811  -3.152  1.00 0.00 ? 11 PHE A HD2  3  
ATOM   502  H HE1  . PHE A 1 11 ? -5.692 7.324  -7.001  1.00 0.00 ? 11 PHE A HE1  3  
ATOM   503  H HE2  . PHE A 1 11 ? -5.126 9.951  -3.690  1.00 0.00 ? 11 PHE A HE2  3  
ATOM   504  H HZ   . PHE A 1 11 ? -6.467 9.207  -5.617  1.00 0.00 ? 11 PHE A HZ   3  
HETATM 505  N N    . NH2 A 1 12 ? 0.974  6.649  -4.222  1.00 0.00 ? 12 NH2 A N    3  
HETATM 506  H HN1  . NH2 A 1 12 ? 1.884  6.958  -4.028  1.00 0.00 ? 12 NH2 A HN1  3  
HETATM 507  H HN2  . NH2 A 1 12 ? 0.436  6.118  -3.600  1.00 0.00 ? 12 NH2 A HN2  3  
ATOM   508  N N    . HIS A 1 1  ? 2.731  -2.954 0.338   1.00 0.00 ? 1  HIS A N    4  
ATOM   509  C CA   . HIS A 1 1  ? 2.919  -4.413 0.558   1.00 0.00 ? 1  HIS A CA   4  
ATOM   510  C C    . HIS A 1 1  ? 2.196  -4.880 1.817   1.00 0.00 ? 1  HIS A C    4  
ATOM   511  O O    . HIS A 1 1  ? 2.766  -4.877 2.908   1.00 0.00 ? 1  HIS A O    4  
ATOM   512  C CB   . HIS A 1 1  ? 4.419  -4.703 0.669   1.00 0.00 ? 1  HIS A CB   4  
ATOM   513  C CG   . HIS A 1 1  ? 5.170  -3.695 1.482   1.00 0.00 ? 1  HIS A CG   4  
ATOM   514  N ND1  . HIS A 1 1  ? 4.698  -3.183 2.673   1.00 0.00 ? 1  HIS A ND1  4  
ATOM   515  C CD2  . HIS A 1 1  ? 6.368  -3.101 1.269   1.00 0.00 ? 1  HIS A CD2  4  
ATOM   516  C CE1  . HIS A 1 1  ? 5.572  -2.318 3.156   1.00 0.00 ? 1  HIS A CE1  4  
ATOM   517  N NE2  . HIS A 1 1  ? 6.595  -2.251 2.324   1.00 0.00 ? 1  HIS A NE2  4  
ATOM   518  H H1   . HIS A 1 1  ? 1.815  -2.778 -0.123  1.00 0.00 ? 1  HIS A H1   4  
ATOM   519  H H2   . HIS A 1 1  ? 3.488  -2.583 -0.269  1.00 0.00 ? 1  HIS A H2   4  
ATOM   520  H H3   . HIS A 1 1  ? 2.752  -2.451 1.248   1.00 0.00 ? 1  HIS A H3   4  
ATOM   521  H HA   . HIS A 1 1  ? 2.518  -4.942 -0.294  1.00 0.00 ? 1  HIS A HA   4  
ATOM   522  H HB2  . HIS A 1 1  ? 4.557  -5.669 1.130   1.00 0.00 ? 1  HIS A HB2  4  
ATOM   523  H HB3  . HIS A 1 1  ? 4.848  -4.719 -0.322  1.00 0.00 ? 1  HIS A HB3  4  
ATOM   524  H HD1  . HIS A 1 1  ? 3.848  -3.418 3.100   1.00 0.00 ? 1  HIS A HD1  4  
ATOM   525  H HD2  . HIS A 1 1  ? 7.024  -3.265 0.426   1.00 0.00 ? 1  HIS A HD2  4  
ATOM   526  H HE1  . HIS A 1 1  ? 5.468  -1.763 4.077   1.00 0.00 ? 1  HIS A HE1  4  
ATOM   527  H HE2  . HIS A 1 1  ? 7.339  -1.617 2.395   1.00 0.00 ? 1  HIS A HE2  4  
HETATM 528  N N    . AIB A 1 2  ? 0.939  -5.282 1.656   1.00 0.00 ? 2  AIB A N    4  
HETATM 529  C CA   . AIB A 1 2  ? 0.127  -5.757 2.781   1.00 0.00 ? 2  AIB A CA   4  
HETATM 530  C C    . AIB A 1 2  ? -0.003 -4.644 3.826   1.00 0.00 ? 2  AIB A C    4  
HETATM 531  O O    . AIB A 1 2  ? -0.993 -3.913 3.844   1.00 0.00 ? 2  AIB A O    4  
HETATM 532  C CB1  . AIB A 1 2  ? 0.769  -6.987 3.397   1.00 0.00 ? 2  AIB A CB1  4  
HETATM 533  C CB2  . AIB A 1 2  ? -1.248 -6.157 2.284   1.00 0.00 ? 2  AIB A CB2  4  
HETATM 534  H H    . AIB A 1 2  ? 0.543  -5.262 0.759   1.00 0.00 ? 2  AIB A H    4  
HETATM 535  H HB11 . AIB A 1 2  ? 0.541  -7.853 2.795   1.00 0.00 ? 2  AIB A HB11 4  
HETATM 536  H HB12 . AIB A 1 2  ? 0.383  -7.130 4.396   1.00 0.00 ? 2  AIB A HB12 4  
HETATM 537  H HB13 . AIB A 1 2  ? 1.839  -6.850 3.441   1.00 0.00 ? 2  AIB A HB13 4  
HETATM 538  H HB21 . AIB A 1 2  ? -1.729 -6.784 3.022   1.00 0.00 ? 2  AIB A HB21 4  
HETATM 539  H HB22 . AIB A 1 2  ? -1.152 -6.703 1.357   1.00 0.00 ? 2  AIB A HB22 4  
HETATM 540  H HB23 . AIB A 1 2  ? -1.844 -5.271 2.121   1.00 0.00 ? 2  AIB A HB23 4  
ATOM   541  N N    . GLU A 1 3  ? 1.001  -4.519 4.691   1.00 0.00 ? 3  GLU A N    4  
ATOM   542  C CA   . GLU A 1 3  ? 0.992  -3.496 5.730   1.00 0.00 ? 3  GLU A CA   4  
ATOM   543  C C    . GLU A 1 3  ? 1.009  -2.100 5.115   1.00 0.00 ? 3  GLU A C    4  
ATOM   544  O O    . GLU A 1 3  ? 0.488  -1.149 5.698   1.00 0.00 ? 3  GLU A O    4  
ATOM   545  C CB   . GLU A 1 3  ? 2.196  -3.672 6.657   1.00 0.00 ? 3  GLU A CB   4  
ATOM   546  C CG   . GLU A 1 3  ? 2.191  -2.727 7.847   1.00 0.00 ? 3  GLU A CG   4  
ATOM   547  C CD   . GLU A 1 3  ? 3.589  -2.345 8.294   1.00 0.00 ? 3  GLU A CD   4  
ATOM   548  O OE1  . GLU A 1 3  ? 4.483  -2.248 7.428   1.00 0.00 ? 3  GLU A OE1  4  
ATOM   549  O OE2  . GLU A 1 3  ? 3.789  -2.144 9.511   1.00 0.00 ? 3  GLU A OE2  4  
ATOM   550  H H    . GLU A 1 3  ? 1.765  -5.129 4.627   1.00 0.00 ? 3  GLU A H    4  
ATOM   551  H HA   . GLU A 1 3  ? 0.085  -3.613 6.304   1.00 0.00 ? 3  GLU A HA   4  
ATOM   552  H HB2  . GLU A 1 3  ? 2.202  -4.685 7.031   1.00 0.00 ? 3  GLU A HB2  4  
ATOM   553  H HB3  . GLU A 1 3  ? 3.100  -3.501 6.092   1.00 0.00 ? 3  GLU A HB3  4  
ATOM   554  H HG2  . GLU A 1 3  ? 1.660  -1.827 7.574   1.00 0.00 ? 3  GLU A HG2  4  
ATOM   555  H HG3  . GLU A 1 3  ? 1.684  -3.207 8.671   1.00 0.00 ? 3  GLU A HG3  4  
ATOM   556  N N    . GLY A 1 4  ? 1.612  -1.985 3.936   1.00 0.00 ? 4  GLY A N    4  
ATOM   557  C CA   . GLY A 1 4  ? 1.685  -0.702 3.262   1.00 0.00 ? 4  GLY A CA   4  
ATOM   558  C C    . GLY A 1 4  ? 0.318  -0.140 2.921   1.00 0.00 ? 4  GLY A C    4  
ATOM   559  O O    . GLY A 1 4  ? 0.175  1.059  2.684   1.00 0.00 ? 4  GLY A O    4  
ATOM   560  H H    . GLY A 1 4  ? 2.010  -2.780 3.520   1.00 0.00 ? 4  GLY A H    4  
ATOM   561  H HA2  . GLY A 1 4  ? 2.200  -0.001 3.903   1.00 0.00 ? 4  GLY A HA2  4  
ATOM   562  H HA3  . GLY A 1 4  ? 2.251  -0.820 2.350   1.00 0.00 ? 4  GLY A HA3  4  
ATOM   563  N N    . THR A 1 5  ? -0.691 -1.008 2.895   1.00 0.00 ? 5  THR A N    4  
ATOM   564  C CA   . THR A 1 5  ? -2.051 -0.588 2.580   1.00 0.00 ? 5  THR A CA   4  
ATOM   565  C C    . THR A 1 5  ? -2.162 -0.134 1.128   1.00 0.00 ? 5  THR A C    4  
ATOM   566  O O    . THR A 1 5  ? -1.156 0.009  0.433   1.00 0.00 ? 5  THR A O    4  
ATOM   567  C CB   . THR A 1 5  ? -2.519 0.554  3.503   1.00 0.00 ? 5  THR A CB   4  
ATOM   568  O OG1  . THR A 1 5  ? -1.732 0.569  4.700   1.00 0.00 ? 5  THR A OG1  4  
ATOM   569  C CG2  . THR A 1 5  ? -3.989 0.395  3.860   1.00 0.00 ? 5  THR A CG2  4  
ATOM   570  H H    . THR A 1 5  ? -0.516 -1.951 3.092   1.00 0.00 ? 5  THR A H    4  
ATOM   571  H HA   . THR A 1 5  ? -2.704 -1.436 2.731   1.00 0.00 ? 5  THR A HA   4  
ATOM   572  H HB   . THR A 1 5  ? -2.388 1.493  2.984   1.00 0.00 ? 5  THR A HB   4  
ATOM   573  H HG1  . THR A 1 5  ? -1.583 1.477  4.974   1.00 0.00 ? 5  THR A HG1  4  
ATOM   574  H HG21 . THR A 1 5  ? -4.497 1.338  3.720   1.00 0.00 ? 5  THR A HG21 4  
ATOM   575  H HG22 . THR A 1 5  ? -4.079 0.089  4.891   1.00 0.00 ? 5  THR A HG22 4  
ATOM   576  H HG23 . THR A 1 5  ? -4.437 -0.352 3.222   1.00 0.00 ? 5  THR A HG23 4  
ATOM   577  N N    . PHE A 1 6  ? -3.392 0.090  0.675   1.00 0.00 ? 6  PHE A N    4  
ATOM   578  C CA   . PHE A 1 6  ? -3.633 0.527  -0.695  1.00 0.00 ? 6  PHE A CA   4  
ATOM   579  C C    . PHE A 1 6  ? -2.902 1.834  -0.990  1.00 0.00 ? 6  PHE A C    4  
ATOM   580  O O    . PHE A 1 6  ? -2.513 2.097  -2.128  1.00 0.00 ? 6  PHE A O    4  
ATOM   581  C CB   . PHE A 1 6  ? -5.133 0.702  -0.943  1.00 0.00 ? 6  PHE A CB   4  
ATOM   582  C CG   . PHE A 1 6  ? -5.480 0.934  -2.385  1.00 0.00 ? 6  PHE A CG   4  
ATOM   583  C CD1  . PHE A 1 6  ? -5.056 0.050  -3.365  1.00 0.00 ? 6  PHE A CD1  4  
ATOM   584  C CD2  . PHE A 1 6  ? -6.232 2.036  -2.762  1.00 0.00 ? 6  PHE A CD2  4  
ATOM   585  C CE1  . PHE A 1 6  ? -5.375 0.262  -4.693  1.00 0.00 ? 6  PHE A CE1  4  
ATOM   586  C CE2  . PHE A 1 6  ? -6.552 2.252  -4.089  1.00 0.00 ? 6  PHE A CE2  4  
ATOM   587  C CZ   . PHE A 1 6  ? -6.123 1.364  -5.055  1.00 0.00 ? 6  PHE A CZ   4  
ATOM   588  H H    . PHE A 1 6  ? -4.154 -0.042 1.275   1.00 0.00 ? 6  PHE A H    4  
ATOM   589  H HA   . PHE A 1 6  ? -3.256 -0.238 -1.358  1.00 0.00 ? 6  PHE A HA   4  
ATOM   590  H HB2  . PHE A 1 6  ? -5.650 -0.187 -0.615  1.00 0.00 ? 6  PHE A HB2  4  
ATOM   591  H HB3  . PHE A 1 6  ? -5.487 1.549  -0.373  1.00 0.00 ? 6  PHE A HB3  4  
ATOM   592  H HD1  . PHE A 1 6  ? -4.471 -0.813 -3.083  1.00 0.00 ? 6  PHE A HD1  4  
ATOM   593  H HD2  . PHE A 1 6  ? -6.567 2.730  -2.007  1.00 0.00 ? 6  PHE A HD2  4  
ATOM   594  H HE1  . PHE A 1 6  ? -5.037 -0.434 -5.447  1.00 0.00 ? 6  PHE A HE1  4  
ATOM   595  H HE2  . PHE A 1 6  ? -7.138 3.115  -4.369  1.00 0.00 ? 6  PHE A HE2  4  
ATOM   596  H HZ   . PHE A 1 6  ? -6.373 1.532  -6.093  1.00 0.00 ? 6  PHE A HZ   4  
ATOM   597  N N    . THR A 1 7  ? -2.717 2.650  0.044   1.00 0.00 ? 7  THR A N    4  
ATOM   598  C CA   . THR A 1 7  ? -2.032 3.928  -0.106  1.00 0.00 ? 7  THR A CA   4  
ATOM   599  C C    . THR A 1 7  ? -0.602 3.731  -0.597  1.00 0.00 ? 7  THR A C    4  
ATOM   600  O O    . THR A 1 7  ? -0.206 4.284  -1.623  1.00 0.00 ? 7  THR A O    4  
ATOM   601  C CB   . THR A 1 7  ? -2.003 4.709  1.221   1.00 0.00 ? 7  THR A CB   4  
ATOM   602  O OG1  . THR A 1 7  ? -1.062 4.113  2.122   1.00 0.00 ? 7  THR A OG1  4  
ATOM   603  C CG2  . THR A 1 7  ? -3.382 4.734  1.864   1.00 0.00 ? 7  THR A CG2  4  
ATOM   604  H H    . THR A 1 7  ? -3.049 2.386  0.927   1.00 0.00 ? 7  THR A H    4  
ATOM   605  H HA   . THR A 1 7  ? -2.575 4.514  -0.833  1.00 0.00 ? 7  THR A HA   4  
ATOM   606  H HB   . THR A 1 7  ? -1.700 5.725  1.016   1.00 0.00 ? 7  THR A HB   4  
ATOM   607  H HG1  . THR A 1 7  ? -1.387 3.254  2.402   1.00 0.00 ? 7  THR A HG1  4  
ATOM   608  H HG21 . THR A 1 7  ? -3.425 3.997  2.652   1.00 0.00 ? 7  THR A HG21 4  
ATOM   609  H HG22 . THR A 1 7  ? -4.131 4.510  1.119   1.00 0.00 ? 7  THR A HG22 4  
ATOM   610  H HG23 . THR A 1 7  ? -3.568 5.714  2.278   1.00 0.00 ? 7  THR A HG23 4  
ATOM   611  N N    . SER A 1 8  ? 0.169  2.940  0.143   1.00 0.00 ? 8  SER A N    4  
ATOM   612  C CA   . SER A 1 8  ? 1.556  2.670  -0.218  1.00 0.00 ? 8  SER A CA   4  
ATOM   613  C C    . SER A 1 8  ? 1.636  1.692  -1.385  1.00 0.00 ? 8  SER A C    4  
ATOM   614  O O    . SER A 1 8  ? 2.554  1.759  -2.201  1.00 0.00 ? 8  SER A O    4  
ATOM   615  C CB   . SER A 1 8  ? 2.317  2.111  0.985   1.00 0.00 ? 8  SER A CB   4  
ATOM   616  O OG   . SER A 1 8  ? 2.197  2.965  2.108   1.00 0.00 ? 8  SER A OG   4  
ATOM   617  H H    . SER A 1 8  ? -0.204 2.528  0.950   1.00 0.00 ? 8  SER A H    4  
ATOM   618  H HA   . SER A 1 8  ? 2.008  3.605  -0.516  1.00 0.00 ? 8  SER A HA   4  
ATOM   619  H HB2  . SER A 1 8  ? 1.917  1.140  1.242   1.00 0.00 ? 8  SER A HB2  4  
ATOM   620  H HB3  . SER A 1 8  ? 3.363  2.012  0.733   1.00 0.00 ? 8  SER A HB3  4  
ATOM   621  H HG   . SER A 1 8  ? 2.992  2.905  2.643   1.00 0.00 ? 8  SER A HG   4  
ATOM   622  N N    . ASP A 1 9  ? 0.668  0.785  -1.459  1.00 0.00 ? 9  ASP A N    4  
ATOM   623  C CA   . ASP A 1 9  ? 0.630  -0.207 -2.527  1.00 0.00 ? 9  ASP A CA   4  
ATOM   624  C C    . ASP A 1 9  ? 0.552  0.466  -3.894  1.00 0.00 ? 9  ASP A C    4  
ATOM   625  O O    . ASP A 1 9  ? 1.440  0.299  -4.730  1.00 0.00 ? 9  ASP A O    4  
ATOM   626  C CB   . ASP A 1 9  ? -0.562 -1.145 -2.337  1.00 0.00 ? 9  ASP A CB   4  
ATOM   627  C CG   . ASP A 1 9  ? -0.205 -2.379 -1.533  1.00 0.00 ? 9  ASP A CG   4  
ATOM   628  O OD1  . ASP A 1 9  ? 0.241  -2.226 -0.376  1.00 0.00 ? 9  ASP A OD1  4  
ATOM   629  O OD2  . ASP A 1 9  ? -0.368 -3.500 -2.060  1.00 0.00 ? 9  ASP A OD2  4  
ATOM   630  H H    . ASP A 1 9  ? -0.037 0.782  -0.778  1.00 0.00 ? 9  ASP A H    4  
ATOM   631  H HA   . ASP A 1 9  ? 1.542  -0.783 -2.474  1.00 0.00 ? 9  ASP A HA   4  
ATOM   632  H HB2  . ASP A 1 9  ? -1.350 -0.617 -1.820  1.00 0.00 ? 9  ASP A HB2  4  
ATOM   633  H HB3  . ASP A 1 9  ? -0.922 -1.461 -3.306  1.00 0.00 ? 9  ASP A HB3  4  
ATOM   634  N N    . PHE A 1 10 ? -0.516 1.225  -4.114  1.00 0.00 ? 10 PHE A N    4  
ATOM   635  C CA   . PHE A 1 10 ? -0.711 1.922  -5.381  1.00 0.00 ? 10 PHE A CA   4  
ATOM   636  C C    . PHE A 1 10 ? -0.113 3.325  -5.328  1.00 0.00 ? 10 PHE A C    4  
ATOM   637  O O    . PHE A 1 10 ? 0.017  3.916  -4.255  1.00 0.00 ? 10 PHE A O    4  
ATOM   638  C CB   . PHE A 1 10 ? -2.200 2.001  -5.719  1.00 0.00 ? 10 PHE A CB   4  
ATOM   639  C CG   . PHE A 1 10 ? -2.510 1.664  -7.150  1.00 0.00 ? 10 PHE A CG   4  
ATOM   640  C CD1  . PHE A 1 10 ? -2.358 2.613  -8.148  1.00 0.00 ? 10 PHE A CD1  4  
ATOM   641  C CD2  . PHE A 1 10 ? -2.952 0.397  -7.496  1.00 0.00 ? 10 PHE A CD2  4  
ATOM   642  C CE1  . PHE A 1 10 ? -2.643 2.305  -9.465  1.00 0.00 ? 10 PHE A CE1  4  
ATOM   643  C CE2  . PHE A 1 10 ? -3.238 0.084  -8.812  1.00 0.00 ? 10 PHE A CE2  4  
ATOM   644  C CZ   . PHE A 1 10 ? -3.083 1.040  -9.797  1.00 0.00 ? 10 PHE A CZ   4  
ATOM   645  H H    . PHE A 1 10 ? -1.191 1.319  -3.409  1.00 0.00 ? 10 PHE A H    4  
ATOM   646  H HA   . PHE A 1 10 ? -0.204 1.357  -6.149  1.00 0.00 ? 10 PHE A HA   4  
ATOM   647  H HB2  . PHE A 1 10 ? -2.742 1.309  -5.091  1.00 0.00 ? 10 PHE A HB2  4  
ATOM   648  H HB3  . PHE A 1 10 ? -2.555 3.004  -5.530  1.00 0.00 ? 10 PHE A HB3  4  
ATOM   649  H HD1  . PHE A 1 10 ? -2.013 3.603  -7.889  1.00 0.00 ? 10 PHE A HD1  4  
ATOM   650  H HD2  . PHE A 1 10 ? -3.073 -0.350 -6.727  1.00 0.00 ? 10 PHE A HD2  4  
ATOM   651  H HE1  . PHE A 1 10 ? -2.521 3.054  -10.233 1.00 0.00 ? 10 PHE A HE1  4  
ATOM   652  H HE2  . PHE A 1 10 ? -3.583 -0.907 -9.069  1.00 0.00 ? 10 PHE A HE2  4  
ATOM   653  H HZ   . PHE A 1 10 ? -3.307 0.797  -10.826 1.00 0.00 ? 10 PHE A HZ   4  
ATOM   654  N N    . PHE A 1 11 ? 0.250  3.853  -6.493  1.00 0.00 ? 11 PHE A N    4  
ATOM   655  C CA   . PHE A 1 11 ? 0.834  5.187  -6.580  1.00 0.00 ? 11 PHE A CA   4  
ATOM   656  C C    . PHE A 1 11 ? -0.146 6.242  -6.077  1.00 0.00 ? 11 PHE A C    4  
ATOM   657  O O    . PHE A 1 11 ? -1.294 6.299  -6.517  1.00 0.00 ? 11 PHE A O    4  
ATOM   658  C CB   . PHE A 1 11 ? 1.239  5.497  -8.022  1.00 0.00 ? 11 PHE A CB   4  
ATOM   659  C CG   . PHE A 1 11 ? 2.598  4.971  -8.388  1.00 0.00 ? 11 PHE A CG   4  
ATOM   660  C CD1  . PHE A 1 11 ? 3.684  5.179  -7.553  1.00 0.00 ? 11 PHE A CD1  4  
ATOM   661  C CD2  . PHE A 1 11 ? 2.789  4.270  -9.568  1.00 0.00 ? 11 PHE A CD2  4  
ATOM   662  C CE1  . PHE A 1 11 ? 4.935  4.697  -7.888  1.00 0.00 ? 11 PHE A CE1  4  
ATOM   663  C CE2  . PHE A 1 11 ? 4.037  3.786  -9.909  1.00 0.00 ? 11 PHE A CE2  4  
ATOM   664  C CZ   . PHE A 1 11 ? 5.112  4.000  -9.067  1.00 0.00 ? 11 PHE A CZ   4  
ATOM   665  H H    . PHE A 1 11 ? 0.122  3.333  -7.314  1.00 0.00 ? 11 PHE A H    4  
ATOM   666  H HA   . PHE A 1 11 ? 1.714  5.204  -5.955  1.00 0.00 ? 11 PHE A HA   4  
ATOM   667  H HB2  . PHE A 1 11 ? 0.519  5.053  -8.694  1.00 0.00 ? 11 PHE A HB2  4  
ATOM   668  H HB3  . PHE A 1 11 ? 1.245  6.567  -8.163  1.00 0.00 ? 11 PHE A HB3  4  
ATOM   669  H HD1  . PHE A 1 11 ? 3.546  5.723  -6.630  1.00 0.00 ? 11 PHE A HD1  4  
ATOM   670  H HD2  . PHE A 1 11 ? 1.949  4.103  -10.226 1.00 0.00 ? 11 PHE A HD2  4  
ATOM   671  H HE1  . PHE A 1 11 ? 5.774  4.866  -7.229  1.00 0.00 ? 11 PHE A HE1  4  
ATOM   672  H HE2  . PHE A 1 11 ? 4.173  3.241  -10.831 1.00 0.00 ? 11 PHE A HE2  4  
ATOM   673  H HZ   . PHE A 1 11 ? 6.089  3.622  -9.331  1.00 0.00 ? 11 PHE A HZ   4  
HETATM 674  N N    . NH2 A 1 12 ? 0.309  7.081  -5.152  1.00 0.00 ? 12 NH2 A N    4  
HETATM 675  H HN1  . NH2 A 1 12 ? -0.300 7.769  -4.812  1.00 0.00 ? 12 NH2 A HN1  4  
HETATM 676  H HN2  . NH2 A 1 12 ? 1.234  6.976  -4.848  1.00 0.00 ? 12 NH2 A HN2  4  
ATOM   677  N N    . HIS A 1 1  ? 2.211  -6.668 -0.103  1.00 0.00 ? 1  HIS A N    5  
ATOM   678  C CA   . HIS A 1 1  ? 2.555  -5.900 1.122   1.00 0.00 ? 1  HIS A CA   5  
ATOM   679  C C    . HIS A 1 1  ? 1.303  -5.338 1.788   1.00 0.00 ? 1  HIS A C    5  
ATOM   680  O O    . HIS A 1 1  ? 0.845  -4.245 1.452   1.00 0.00 ? 1  HIS A O    5  
ATOM   681  C CB   . HIS A 1 1  ? 3.504  -4.764 0.735   1.00 0.00 ? 1  HIS A CB   5  
ATOM   682  C CG   . HIS A 1 1  ? 4.652  -5.210 -0.119  1.00 0.00 ? 1  HIS A CG   5  
ATOM   683  N ND1  . HIS A 1 1  ? 5.944  -5.317 0.353   1.00 0.00 ? 1  HIS A ND1  5  
ATOM   684  C CD2  . HIS A 1 1  ? 4.696  -5.579 -1.420  1.00 0.00 ? 1  HIS A CD2  5  
ATOM   685  C CE1  . HIS A 1 1  ? 6.733  -5.732 -0.623  1.00 0.00 ? 1  HIS A CE1  5  
ATOM   686  N NE2  . HIS A 1 1  ? 6.000  -5.899 -1.708  1.00 0.00 ? 1  HIS A NE2  5  
ATOM   687  H H1   . HIS A 1 1  ? 3.030  -7.231 -0.412  1.00 0.00 ? 1  HIS A H1   5  
ATOM   688  H H2   . HIS A 1 1  ? 1.943  -6.018 -0.869  1.00 0.00 ? 1  HIS A H2   5  
ATOM   689  H H3   . HIS A 1 1  ? 1.415  -7.308 0.089   1.00 0.00 ? 1  HIS A H3   5  
ATOM   690  H HA   . HIS A 1 1  ? 3.055  -6.561 1.814   1.00 0.00 ? 1  HIS A HA   5  
ATOM   691  H HB2  . HIS A 1 1  ? 2.954  -4.015 0.186   1.00 0.00 ? 1  HIS A HB2  5  
ATOM   692  H HB3  . HIS A 1 1  ? 3.909  -4.321 1.633   1.00 0.00 ? 1  HIS A HB3  5  
ATOM   693  H HD1  . HIS A 1 1  ? 6.238  -5.118 1.265   1.00 0.00 ? 1  HIS A HD1  5  
ATOM   694  H HD2  . HIS A 1 1  ? 3.861  -5.615 -2.106  1.00 0.00 ? 1  HIS A HD2  5  
ATOM   695  H HE1  . HIS A 1 1  ? 7.796  -5.906 -0.545  1.00 0.00 ? 1  HIS A HE1  5  
ATOM   696  H HE2  . HIS A 1 1  ? 6.345  -6.146 -2.592  1.00 0.00 ? 1  HIS A HE2  5  
HETATM 697  N N    . AIB A 1 2  ? 0.752  -6.094 2.733   1.00 0.00 ? 2  AIB A N    5  
HETATM 698  C CA   . AIB A 1 2  ? -0.454 -5.674 3.451   1.00 0.00 ? 2  AIB A CA   5  
HETATM 699  C C    . AIB A 1 2  ? -0.189 -4.343 4.162   1.00 0.00 ? 2  AIB A C    5  
HETATM 700  O O    . AIB A 1 2  ? -0.952 -3.386 4.016   1.00 0.00 ? 2  AIB A O    5  
HETATM 701  C CB1  . AIB A 1 2  ? -0.844 -6.732 4.464   1.00 0.00 ? 2  AIB A CB1  5  
HETATM 702  C CB2  . AIB A 1 2  ? -1.606 -5.522 2.477   1.00 0.00 ? 2  AIB A CB2  5  
HETATM 703  H H    . AIB A 1 2  ? 1.163  -6.955 2.956   1.00 0.00 ? 2  AIB A H    5  
HETATM 704  H HB11 . AIB A 1 2  ? -1.097 -7.647 3.950   1.00 0.00 ? 2  AIB A HB11 5  
HETATM 705  H HB12 . AIB A 1 2  ? -1.697 -6.390 5.032   1.00 0.00 ? 2  AIB A HB12 5  
HETATM 706  H HB13 . AIB A 1 2  ? -0.015 -6.912 5.133   1.00 0.00 ? 2  AIB A HB13 5  
HETATM 707  H HB21 . AIB A 1 2  ? -1.674 -6.405 1.859   1.00 0.00 ? 2  AIB A HB21 5  
HETATM 708  H HB22 . AIB A 1 2  ? -1.437 -4.657 1.851   1.00 0.00 ? 2  AIB A HB22 5  
HETATM 709  H HB23 . AIB A 1 2  ? -2.528 -5.395 3.025   1.00 0.00 ? 2  AIB A HB23 5  
ATOM   710  N N    . GLU A 1 3  ? 0.896  -4.291 4.927   1.00 0.00 ? 3  GLU A N    5  
ATOM   711  C CA   . GLU A 1 3  ? 1.260  -3.082 5.660   1.00 0.00 ? 3  GLU A CA   5  
ATOM   712  C C    . GLU A 1 3  ? 1.366  -1.884 4.719   1.00 0.00 ? 3  GLU A C    5  
ATOM   713  O O    . GLU A 1 3  ? 1.168  -0.741 5.131   1.00 0.00 ? 3  GLU A O    5  
ATOM   714  C CB   . GLU A 1 3  ? 2.586  -3.285 6.395   1.00 0.00 ? 3  GLU A CB   5  
ATOM   715  C CG   . GLU A 1 3  ? 3.035  -2.068 7.188   1.00 0.00 ? 3  GLU A CG   5  
ATOM   716  C CD   . GLU A 1 3  ? 1.986  -1.595 8.175   1.00 0.00 ? 3  GLU A CD   5  
ATOM   717  O OE1  . GLU A 1 3  ? 1.408  -2.448 8.881   1.00 0.00 ? 3  GLU A OE1  5  
ATOM   718  O OE2  . GLU A 1 3  ? 1.742  -0.372 8.242   1.00 0.00 ? 3  GLU A OE2  5  
ATOM   719  H H    . GLU A 1 3  ? 1.466  -5.085 5.004   1.00 0.00 ? 3  GLU A H    5  
ATOM   720  H HA   . GLU A 1 3  ? 0.484  -2.887 6.383   1.00 0.00 ? 3  GLU A HA   5  
ATOM   721  H HB2  . GLU A 1 3  ? 2.482  -4.115 7.079   1.00 0.00 ? 3  GLU A HB2  5  
ATOM   722  H HB3  . GLU A 1 3  ? 3.354  -3.520 5.672   1.00 0.00 ? 3  GLU A HB3  5  
ATOM   723  H HG2  . GLU A 1 3  ? 3.933  -2.321 7.734   1.00 0.00 ? 3  GLU A HG2  5  
ATOM   724  H HG3  . GLU A 1 3  ? 3.249  -1.264 6.499   1.00 0.00 ? 3  GLU A HG3  5  
ATOM   725  N N    . GLY A 1 4  ? 1.676  -2.153 3.454   1.00 0.00 ? 4  GLY A N    5  
ATOM   726  C CA   . GLY A 1 4  ? 1.799  -1.087 2.479   1.00 0.00 ? 4  GLY A CA   5  
ATOM   727  C C    . GLY A 1 4  ? 0.474  -0.409 2.192   1.00 0.00 ? 4  GLY A C    5  
ATOM   728  O O    . GLY A 1 4  ? 0.401  0.817  2.110   1.00 0.00 ? 4  GLY A O    5  
ATOM   729  H H    . GLY A 1 4  ? 1.822  -3.083 3.182   1.00 0.00 ? 4  GLY A H    5  
ATOM   730  H HA2  . GLY A 1 4  ? 2.495  -0.349 2.855   1.00 0.00 ? 4  GLY A HA2  5  
ATOM   731  H HA3  . GLY A 1 4  ? 2.189  -1.497 1.559   1.00 0.00 ? 4  GLY A HA3  5  
ATOM   732  N N    . THR A 1 5  ? -0.577 -1.210 2.040   1.00 0.00 ? 5  THR A N    5  
ATOM   733  C CA   . THR A 1 5  ? -1.909 -0.684 1.762   1.00 0.00 ? 5  THR A CA   5  
ATOM   734  C C    . THR A 1 5  ? -1.894 0.255  0.558   1.00 0.00 ? 5  THR A C    5  
ATOM   735  O O    . THR A 1 5  ? -0.852 0.469  -0.061  1.00 0.00 ? 5  THR A O    5  
ATOM   736  C CB   . THR A 1 5  ? -2.482 0.068  2.978   1.00 0.00 ? 5  THR A CB   5  
ATOM   737  O OG1  . THR A 1 5  ? -1.797 -0.335 4.171   1.00 0.00 ? 5  THR A OG1  5  
ATOM   738  C CG2  . THR A 1 5  ? -3.971 -0.199 3.129   1.00 0.00 ? 5  THR A CG2  5  
ATOM   739  H H    . THR A 1 5  ? -0.453 -2.179 2.119   1.00 0.00 ? 5  THR A H    5  
ATOM   740  H HA   . THR A 1 5  ? -2.558 -1.520 1.545   1.00 0.00 ? 5  THR A HA   5  
ATOM   741  H HB   . THR A 1 5  ? -2.335 1.129  2.831   1.00 0.00 ? 5  THR A HB   5  
ATOM   742  H HG1  . THR A 1 5  ? -1.000 0.188  4.276   1.00 0.00 ? 5  THR A HG1  5  
ATOM   743  H HG21 . THR A 1 5  ? -4.235 -1.091 2.578   1.00 0.00 ? 5  THR A HG21 5  
ATOM   744  H HG22 . THR A 1 5  ? -4.529 0.640  2.741   1.00 0.00 ? 5  THR A HG22 5  
ATOM   745  H HG23 . THR A 1 5  ? -4.209 -0.338 4.172   1.00 0.00 ? 5  THR A HG23 5  
ATOM   746  N N    . PHE A 1 6  ? -3.056 0.812  0.234   1.00 0.00 ? 6  PHE A N    5  
ATOM   747  C CA   . PHE A 1 6  ? -3.176 1.729  -0.892  1.00 0.00 ? 6  PHE A CA   5  
ATOM   748  C C    . PHE A 1 6  ? -2.343 2.988  -0.664  1.00 0.00 ? 6  PHE A C    5  
ATOM   749  O O    . PHE A 1 6  ? -1.901 3.631  -1.617  1.00 0.00 ? 6  PHE A O    5  
ATOM   750  C CB   . PHE A 1 6  ? -4.642 2.107  -1.114  1.00 0.00 ? 6  PHE A CB   5  
ATOM   751  C CG   . PHE A 1 6  ? -4.882 2.860  -2.392  1.00 0.00 ? 6  PHE A CG   5  
ATOM   752  C CD1  . PHE A 1 6  ? -4.942 2.192  -3.604  1.00 0.00 ? 6  PHE A CD1  5  
ATOM   753  C CD2  . PHE A 1 6  ? -5.049 4.236  -2.380  1.00 0.00 ? 6  PHE A CD2  5  
ATOM   754  C CE1  . PHE A 1 6  ? -5.163 2.883  -4.782  1.00 0.00 ? 6  PHE A CE1  5  
ATOM   755  C CE2  . PHE A 1 6  ? -5.271 4.931  -3.553  1.00 0.00 ? 6  PHE A CE2  5  
ATOM   756  C CZ   . PHE A 1 6  ? -5.328 4.254  -4.755  1.00 0.00 ? 6  PHE A CZ   5  
ATOM   757  H H    . PHE A 1 6  ? -3.851 0.603  0.768   1.00 0.00 ? 6  PHE A H    5  
ATOM   758  H HA   . PHE A 1 6  ? -2.808 1.223  -1.772  1.00 0.00 ? 6  PHE A HA   5  
ATOM   759  H HB2  . PHE A 1 6  ? -5.238 1.208  -1.143  1.00 0.00 ? 6  PHE A HB2  5  
ATOM   760  H HB3  . PHE A 1 6  ? -4.974 2.727  -0.294  1.00 0.00 ? 6  PHE A HB3  5  
ATOM   761  H HD1  . PHE A 1 6  ? -4.813 1.120  -3.626  1.00 0.00 ? 6  PHE A HD1  5  
ATOM   762  H HD2  . PHE A 1 6  ? -5.004 4.766  -1.440  1.00 0.00 ? 6  PHE A HD2  5  
ATOM   763  H HE1  . PHE A 1 6  ? -5.207 2.351  -5.720  1.00 0.00 ? 6  PHE A HE1  5  
ATOM   764  H HE2  . PHE A 1 6  ? -5.400 6.003  -3.529  1.00 0.00 ? 6  PHE A HE2  5  
ATOM   765  H HZ   . PHE A 1 6  ? -5.500 4.795  -5.674  1.00 0.00 ? 6  PHE A HZ   5  
ATOM   766  N N    . THR A 1 7  ? -2.133 3.333  0.603   1.00 0.00 ? 7  THR A N    5  
ATOM   767  C CA   . THR A 1 7  ? -1.354 4.515  0.955   1.00 0.00 ? 7  THR A CA   5  
ATOM   768  C C    . THR A 1 7  ? 0.037  4.467  0.329   1.00 0.00 ? 7  THR A C    5  
ATOM   769  O O    . THR A 1 7  ? 0.400  5.332  -0.466  1.00 0.00 ? 7  THR A O    5  
ATOM   770  C CB   . THR A 1 7  ? -1.211 4.658  2.482   1.00 0.00 ? 7  THR A CB   5  
ATOM   771  O OG1  . THR A 1 7  ? -2.496 4.557  3.106   1.00 0.00 ? 7  THR A OG1  5  
ATOM   772  C CG2  . THR A 1 7  ? -0.569 5.989  2.843   1.00 0.00 ? 7  THR A CG2  5  
ATOM   773  H H    . THR A 1 7  ? -2.511 2.781  1.318   1.00 0.00 ? 7  THR A H    5  
ATOM   774  H HA   . THR A 1 7  ? -1.876 5.384  0.581   1.00 0.00 ? 7  THR A HA   5  
ATOM   775  H HB   . THR A 1 7  ? -0.579 3.861  2.846   1.00 0.00 ? 7  THR A HB   5  
ATOM   776  H HG1  . THR A 1 7  ? -2.729 3.632  3.213   1.00 0.00 ? 7  THR A HG1  5  
ATOM   777  H HG21 . THR A 1 7  ? 0.478  5.837  3.063   1.00 0.00 ? 7  THR A HG21 5  
ATOM   778  H HG22 . THR A 1 7  ? -1.062 6.404  3.711   1.00 0.00 ? 7  THR A HG22 5  
ATOM   779  H HG23 . THR A 1 7  ? -0.666 6.673  2.013   1.00 0.00 ? 7  THR A HG23 5  
ATOM   780  N N    . SER A 1 8  ? 0.810  3.450  0.695   1.00 0.00 ? 8  SER A N    5  
ATOM   781  C CA   . SER A 1 8  ? 2.161  3.290  0.170   1.00 0.00 ? 8  SER A CA   5  
ATOM   782  C C    . SER A 1 8  ? 2.134  2.655  -1.217  1.00 0.00 ? 8  SER A C    5  
ATOM   783  O O    . SER A 1 8  ? 2.910  3.027  -2.095  1.00 0.00 ? 8  SER A O    5  
ATOM   784  C CB   . SER A 1 8  ? 3.000  2.433  1.119   1.00 0.00 ? 8  SER A CB   5  
ATOM   785  O OG   . SER A 1 8  ? 2.682  1.058  0.983   1.00 0.00 ? 8  SER A OG   5  
ATOM   786  H H    . SER A 1 8  ? 0.464  2.791  1.334   1.00 0.00 ? 8  SER A H    5  
ATOM   787  H HA   . SER A 1 8  ? 2.606  4.270  0.096   1.00 0.00 ? 8  SER A HA   5  
ATOM   788  H HB2  . SER A 1 8  ? 4.047  2.569  0.894   1.00 0.00 ? 8  SER A HB2  5  
ATOM   789  H HB3  . SER A 1 8  ? 2.809  2.734  2.138   1.00 0.00 ? 8  SER A HB3  5  
ATOM   790  H HG   . SER A 1 8  ? 3.006  0.736  0.139   1.00 0.00 ? 8  SER A HG   5  
ATOM   791  N N    . ASP A 1 9  ? 1.233  1.696  -1.406  1.00 0.00 ? 9  ASP A N    5  
ATOM   792  C CA   . ASP A 1 9  ? 1.104  1.010  -2.685  1.00 0.00 ? 9  ASP A CA   5  
ATOM   793  C C    . ASP A 1 9  ? 0.730  1.986  -3.797  1.00 0.00 ? 9  ASP A C    5  
ATOM   794  O O    . ASP A 1 9  ? 1.010  1.740  -4.970  1.00 0.00 ? 9  ASP A O    5  
ATOM   795  C CB   . ASP A 1 9  ? 0.054  -0.098 -2.589  1.00 0.00 ? 9  ASP A CB   5  
ATOM   796  C CG   . ASP A 1 9  ? -0.030 -0.928 -3.855  1.00 0.00 ? 9  ASP A CG   5  
ATOM   797  O OD1  . ASP A 1 9  ? 1.029  -1.388 -4.334  1.00 0.00 ? 9  ASP A OD1  5  
ATOM   798  O OD2  . ASP A 1 9  ? -1.152 -1.116 -4.370  1.00 0.00 ? 9  ASP A OD2  5  
ATOM   799  H H    . ASP A 1 9  ? 0.642  1.444  -0.666  1.00 0.00 ? 9  ASP A H    5  
ATOM   800  H HA   . ASP A 1 9  ? 2.060  0.566  -2.920  1.00 0.00 ? 9  ASP A HA   5  
ATOM   801  H HB2  . ASP A 1 9  ? 0.304  -0.753 -1.769  1.00 0.00 ? 9  ASP A HB2  5  
ATOM   802  H HB3  . ASP A 1 9  ? -0.914 0.347  -2.408  1.00 0.00 ? 9  ASP A HB3  5  
ATOM   803  N N    . PHE A 1 10 ? 0.095  3.094  -3.421  1.00 0.00 ? 10 PHE A N    5  
ATOM   804  C CA   . PHE A 1 10 ? -0.318 4.108  -4.387  1.00 0.00 ? 10 PHE A CA   5  
ATOM   805  C C    . PHE A 1 10 ? -1.351 3.546  -5.361  1.00 0.00 ? 10 PHE A C    5  
ATOM   806  O O    . PHE A 1 10 ? -2.549 3.782  -5.212  1.00 0.00 ? 10 PHE A O    5  
ATOM   807  C CB   . PHE A 1 10 ? 0.898  4.643  -5.151  1.00 0.00 ? 10 PHE A CB   5  
ATOM   808  C CG   . PHE A 1 10 ? 0.547  5.597  -6.259  1.00 0.00 ? 10 PHE A CG   5  
ATOM   809  C CD1  . PHE A 1 10 ? -0.218 6.725  -6.005  1.00 0.00 ? 10 PHE A CD1  5  
ATOM   810  C CD2  . PHE A 1 10 ? 0.982  5.365  -7.554  1.00 0.00 ? 10 PHE A CD2  5  
ATOM   811  C CE1  . PHE A 1 10 ? -0.542 7.603  -7.022  1.00 0.00 ? 10 PHE A CE1  5  
ATOM   812  C CE2  . PHE A 1 10 ? 0.660  6.240  -8.576  1.00 0.00 ? 10 PHE A CE2  5  
ATOM   813  C CZ   . PHE A 1 10 ? -0.102 7.360  -8.308  1.00 0.00 ? 10 PHE A CZ   5  
ATOM   814  H H    . PHE A 1 10 ? -0.102 3.233  -2.472  1.00 0.00 ? 10 PHE A H    5  
ATOM   815  H HA   . PHE A 1 10 ? -0.769 4.920  -3.836  1.00 0.00 ? 10 PHE A HA   5  
ATOM   816  H HB2  . PHE A 1 10 ? 1.546  5.163  -4.462  1.00 0.00 ? 10 PHE A HB2  5  
ATOM   817  H HB3  . PHE A 1 10 ? 1.436  3.814  -5.586  1.00 0.00 ? 10 PHE A HB3  5  
ATOM   818  H HD1  . PHE A 1 10 ? -0.561 6.916  -4.998  1.00 0.00 ? 10 PHE A HD1  5  
ATOM   819  H HD2  . PHE A 1 10 ? 1.577  4.490  -7.765  1.00 0.00 ? 10 PHE A HD2  5  
ATOM   820  H HE1  . PHE A 1 10 ? -1.138 8.478  -6.810  1.00 0.00 ? 10 PHE A HE1  5  
ATOM   821  H HE2  . PHE A 1 10 ? 1.004  6.047  -9.580  1.00 0.00 ? 10 PHE A HE2  5  
ATOM   822  H HZ   . PHE A 1 10 ? -0.355 8.045  -9.104  1.00 0.00 ? 10 PHE A HZ   5  
ATOM   823  N N    . PHE A 1 11 ? -0.879 2.806  -6.359  1.00 0.00 ? 11 PHE A N    5  
ATOM   824  C CA   . PHE A 1 11 ? -1.765 2.215  -7.356  1.00 0.00 ? 11 PHE A CA   5  
ATOM   825  C C    . PHE A 1 11 ? -1.049 1.118  -8.136  1.00 0.00 ? 11 PHE A C    5  
ATOM   826  O O    . PHE A 1 11 ? -1.586 0.027  -8.328  1.00 0.00 ? 11 PHE A O    5  
ATOM   827  C CB   . PHE A 1 11 ? -2.272 3.292  -8.316  1.00 0.00 ? 11 PHE A CB   5  
ATOM   828  C CG   . PHE A 1 11 ? -3.665 3.040  -8.819  1.00 0.00 ? 11 PHE A CG   5  
ATOM   829  C CD1  . PHE A 1 11 ? -3.942 1.930  -9.601  1.00 0.00 ? 11 PHE A CD1  5  
ATOM   830  C CD2  . PHE A 1 11 ? -4.696 3.914  -8.511  1.00 0.00 ? 11 PHE A CD2  5  
ATOM   831  C CE1  . PHE A 1 11 ? -5.222 1.696  -10.066 1.00 0.00 ? 11 PHE A CE1  5  
ATOM   832  C CE2  . PHE A 1 11 ? -5.977 3.685  -8.974  1.00 0.00 ? 11 PHE A CE2  5  
ATOM   833  C CZ   . PHE A 1 11 ? -6.241 2.575  -9.753  1.00 0.00 ? 11 PHE A CZ   5  
ATOM   834  H H    . PHE A 1 11 ? 0.086  2.654  -6.428  1.00 0.00 ? 11 PHE A H    5  
ATOM   835  H HA   . PHE A 1 11 ? -2.606 1.782  -6.837  1.00 0.00 ? 11 PHE A HA   5  
ATOM   836  H HB2  . PHE A 1 11 ? -2.270 4.246  -7.809  1.00 0.00 ? 11 PHE A HB2  5  
ATOM   837  H HB3  . PHE A 1 11 ? -1.613 3.342  -9.170  1.00 0.00 ? 11 PHE A HB3  5  
ATOM   838  H HD1  . PHE A 1 11 ? -3.146 1.243  -9.846  1.00 0.00 ? 11 PHE A HD1  5  
ATOM   839  H HD2  . PHE A 1 11 ? -4.489 4.781  -7.903  1.00 0.00 ? 11 PHE A HD2  5  
ATOM   840  H HE1  . PHE A 1 11 ? -5.425 0.828  -10.675 1.00 0.00 ? 11 PHE A HE1  5  
ATOM   841  H HE2  . PHE A 1 11 ? -6.772 4.373  -8.727  1.00 0.00 ? 11 PHE A HE2  5  
ATOM   842  H HZ   . PHE A 1 11 ? -7.241 2.394  -10.115 1.00 0.00 ? 11 PHE A HZ   5  
HETATM 843  N N    . NH2 A 1 12 ? 0.166  1.408  -8.587  1.00 0.00 ? 12 NH2 A N    5  
HETATM 844  H HN1  . NH2 A 1 12 ? 0.650  0.721  -9.092  1.00 0.00 ? 12 NH2 A HN1  5  
HETATM 845  H HN2  . NH2 A 1 12 ? 0.531  2.298  -8.396  1.00 0.00 ? 12 NH2 A HN2  5  
ATOM   846  N N    . HIS A 1 1  ? 3.323  -6.657 0.223   1.00 0.00 ? 1  HIS A N    6  
ATOM   847  C CA   . HIS A 1 1  ? 3.296  -5.932 1.519   1.00 0.00 ? 1  HIS A CA   6  
ATOM   848  C C    . HIS A 1 1  ? 1.958  -5.232 1.732   1.00 0.00 ? 1  HIS A C    6  
ATOM   849  O O    . HIS A 1 1  ? 1.827  -4.033 1.487   1.00 0.00 ? 1  HIS A O    6  
ATOM   850  C CB   . HIS A 1 1  ? 4.437  -4.911 1.535   1.00 0.00 ? 1  HIS A CB   6  
ATOM   851  C CG   . HIS A 1 1  ? 4.585  -4.150 0.254   1.00 0.00 ? 1  HIS A CG   6  
ATOM   852  N ND1  . HIS A 1 1  ? 3.613  -3.300 -0.234  1.00 0.00 ? 1  HIS A ND1  6  
ATOM   853  C CD2  . HIS A 1 1  ? 5.598  -4.113 -0.644  1.00 0.00 ? 1  HIS A CD2  6  
ATOM   854  C CE1  . HIS A 1 1  ? 4.024  -2.775 -1.376  1.00 0.00 ? 1  HIS A CE1  6  
ATOM   855  N NE2  . HIS A 1 1  ? 5.225  -3.251 -1.645  1.00 0.00 ? 1  HIS A NE2  6  
ATOM   856  H H1   . HIS A 1 1  ? 2.795  -7.551 0.302   1.00 0.00 ? 1  HIS A H1   6  
ATOM   857  H H2   . HIS A 1 1  ? 4.304  -6.872 -0.048  1.00 0.00 ? 1  HIS A H2   6  
ATOM   858  H H3   . HIS A 1 1  ? 2.889  -6.076 -0.523  1.00 0.00 ? 1  HIS A H3   6  
ATOM   859  H HA   . HIS A 1 1  ? 3.448  -6.647 2.315   1.00 0.00 ? 1  HIS A HA   6  
ATOM   860  H HB2  . HIS A 1 1  ? 4.260  -4.197 2.325   1.00 0.00 ? 1  HIS A HB2  6  
ATOM   861  H HB3  . HIS A 1 1  ? 5.368  -5.426 1.726   1.00 0.00 ? 1  HIS A HB3  6  
ATOM   862  H HD1  . HIS A 1 1  ? 2.752  -3.111 0.192   1.00 0.00 ? 1  HIS A HD1  6  
ATOM   863  H HD2  . HIS A 1 1  ? 6.529  -4.660 -0.582  1.00 0.00 ? 1  HIS A HD2  6  
ATOM   864  H HE1  . HIS A 1 1  ? 3.471  -2.074 -1.984  1.00 0.00 ? 1  HIS A HE1  6  
ATOM   865  H HE2  . HIS A 1 1  ? 5.723  -3.090 -2.473  1.00 0.00 ? 1  HIS A HE2  6  
HETATM 866  N N    . AIB A 1 2  ? 0.967  -5.990 2.190   1.00 0.00 ? 2  AIB A N    6  
HETATM 867  C CA   . AIB A 1 2  ? -0.369 -5.443 2.437   1.00 0.00 ? 2  AIB A CA   6  
HETATM 868  C C    . AIB A 1 2  ? -0.282 -4.319 3.473   1.00 0.00 ? 2  AIB A C    6  
HETATM 869  O O    . AIB A 1 2  ? -1.104 -3.404 3.479   1.00 0.00 ? 2  AIB A O    6  
HETATM 870  C CB1  . AIB A 1 2  ? -1.288 -6.539 2.940   1.00 0.00 ? 2  AIB A CB1  6  
HETATM 871  C CB2  . AIB A 1 2  ? -0.954 -4.909 1.144   1.00 0.00 ? 2  AIB A CB2  6  
HETATM 872  H H    . AIB A 1 2  ? 1.134  -6.939 2.366   1.00 0.00 ? 2  AIB A H    6  
HETATM 873  H HB11 . AIB A 1 2  ? -1.066 -6.749 3.975   1.00 0.00 ? 2  AIB A HB11 6  
HETATM 874  H HB12 . AIB A 1 2  ? -1.140 -7.432 2.350   1.00 0.00 ? 2  AIB A HB12 6  
HETATM 875  H HB13 . AIB A 1 2  ? -2.315 -6.217 2.851   1.00 0.00 ? 2  AIB A HB13 6  
HETATM 876  H HB21 . AIB A 1 2  ? -0.174 -4.441 0.562   1.00 0.00 ? 2  AIB A HB21 6  
HETATM 877  H HB22 . AIB A 1 2  ? -1.720 -4.181 1.370   1.00 0.00 ? 2  AIB A HB22 6  
HETATM 878  H HB23 . AIB A 1 2  ? -1.385 -5.722 0.581   1.00 0.00 ? 2  AIB A HB23 6  
ATOM   879  N N    . GLU A 1 3  ? 0.718  -4.397 4.347   1.00 0.00 ? 3  GLU A N    6  
ATOM   880  C CA   . GLU A 1 3  ? 0.909  -3.387 5.383   1.00 0.00 ? 3  GLU A CA   6  
ATOM   881  C C    . GLU A 1 3  ? 0.984  -1.988 4.777   1.00 0.00 ? 3  GLU A C    6  
ATOM   882  O O    . GLU A 1 3  ? 0.618  -1.003 5.418   1.00 0.00 ? 3  GLU A O    6  
ATOM   883  C CB   . GLU A 1 3  ? 2.179  -3.681 6.184   1.00 0.00 ? 3  GLU A CB   6  
ATOM   884  C CG   . GLU A 1 3  ? 1.980  -3.603 7.689   1.00 0.00 ? 3  GLU A CG   6  
ATOM   885  C CD   . GLU A 1 3  ? 3.269  -3.804 8.460   1.00 0.00 ? 3  GLU A CD   6  
ATOM   886  O OE1  . GLU A 1 3  ? 3.597  -4.968 8.773   1.00 0.00 ? 3  GLU A OE1  6  
ATOM   887  O OE2  . GLU A 1 3  ? 3.949  -2.799 8.752   1.00 0.00 ? 3  GLU A OE2  6  
ATOM   888  H H    . GLU A 1 3  ? 1.343  -5.150 4.294   1.00 0.00 ? 3  GLU A H    6  
ATOM   889  H HA   . GLU A 1 3  ? 0.058  -3.432 6.047   1.00 0.00 ? 3  GLU A HA   6  
ATOM   890  H HB2  . GLU A 1 3  ? 2.523  -4.676 5.939   1.00 0.00 ? 3  GLU A HB2  6  
ATOM   891  H HB3  . GLU A 1 3  ? 2.942  -2.969 5.906   1.00 0.00 ? 3  GLU A HB3  6  
ATOM   892  H HG2  . GLU A 1 3  ? 1.579  -2.632 7.935   1.00 0.00 ? 3  GLU A HG2  6  
ATOM   893  H HG3  . GLU A 1 3  ? 1.276  -4.368 7.986   1.00 0.00 ? 3  GLU A HG3  6  
ATOM   894  N N    . GLY A 1 4  ? 1.458  -1.909 3.537   1.00 0.00 ? 4  GLY A N    6  
ATOM   895  C CA   . GLY A 1 4  ? 1.569  -0.627 2.867   1.00 0.00 ? 4  GLY A CA   6  
ATOM   896  C C    . GLY A 1 4  ? 0.218  -0.004 2.580   1.00 0.00 ? 4  GLY A C    6  
ATOM   897  O O    . GLY A 1 4  ? 0.094  1.219  2.502   1.00 0.00 ? 4  GLY A O    6  
ATOM   898  H H    . GLY A 1 4  ? 1.734  -2.727 3.074   1.00 0.00 ? 4  GLY A H    6  
ATOM   899  H HA2  . GLY A 1 4  ? 2.139  0.046  3.492   1.00 0.00 ? 4  GLY A HA2  6  
ATOM   900  H HA3  . GLY A 1 4  ? 2.094  -0.766 1.933   1.00 0.00 ? 4  GLY A HA3  6  
ATOM   901  N N    . THR A 1 5  ? -0.799 -0.846 2.422   1.00 0.00 ? 5  THR A N    6  
ATOM   902  C CA   . THR A 1 5  ? -2.152 -0.374 2.141   1.00 0.00 ? 5  THR A CA   6  
ATOM   903  C C    . THR A 1 5  ? -2.181 0.509  0.899   1.00 0.00 ? 5  THR A C    6  
ATOM   904  O O    . THR A 1 5  ? -1.177 0.647  0.200   1.00 0.00 ? 5  THR A O    6  
ATOM   905  C CB   . THR A 1 5  ? -2.734 0.413  3.331   1.00 0.00 ? 5  THR A CB   6  
ATOM   906  O OG1  . THR A 1 5  ? -2.161 1.725  3.380   1.00 0.00 ? 5  THR A OG1  6  
ATOM   907  C CG2  . THR A 1 5  ? -2.467 -0.310 4.643   1.00 0.00 ? 5  THR A CG2  6  
ATOM   908  H H    . THR A 1 5  ? -0.637 -1.809 2.496   1.00 0.00 ? 5  THR A H    6  
ATOM   909  H HA   . THR A 1 5  ? -2.776 -1.239 1.970   1.00 0.00 ? 5  THR A HA   6  
ATOM   910  H HB   . THR A 1 5  ? -3.802 0.499  3.198   1.00 0.00 ? 5  THR A HB   6  
ATOM   911  H HG1  . THR A 1 5  ? -2.852 2.370  3.548   1.00 0.00 ? 5  THR A HG1  6  
ATOM   912  H HG21 . THR A 1 5  ? -2.357 -1.369 4.456   1.00 0.00 ? 5  THR A HG21 6  
ATOM   913  H HG22 . THR A 1 5  ? -3.293 -0.148 5.319   1.00 0.00 ? 5  THR A HG22 6  
ATOM   914  H HG23 . THR A 1 5  ? -1.559 0.072  5.086   1.00 0.00 ? 5  THR A HG23 6  
ATOM   915  N N    . PHE A 1 6  ? -3.339 1.105  0.628   1.00 0.00 ? 6  PHE A N    6  
ATOM   916  C CA   . PHE A 1 6  ? -3.500 1.975  -0.533  1.00 0.00 ? 6  PHE A CA   6  
ATOM   917  C C    . PHE A 1 6  ? -2.481 3.111  -0.514  1.00 0.00 ? 6  PHE A C    6  
ATOM   918  O O    . PHE A 1 6  ? -2.009 3.552  -1.562  1.00 0.00 ? 6  PHE A O    6  
ATOM   919  C CB   . PHE A 1 6  ? -4.921 2.548  -0.570  1.00 0.00 ? 6  PHE A CB   6  
ATOM   920  C CG   . PHE A 1 6  ? -5.153 3.516  -1.696  1.00 0.00 ? 6  PHE A CG   6  
ATOM   921  C CD1  . PHE A 1 6  ? -4.667 3.251  -2.967  1.00 0.00 ? 6  PHE A CD1  6  
ATOM   922  C CD2  . PHE A 1 6  ? -5.856 4.691  -1.483  1.00 0.00 ? 6  PHE A CD2  6  
ATOM   923  C CE1  . PHE A 1 6  ? -4.878 4.140  -4.004  1.00 0.00 ? 6  PHE A CE1  6  
ATOM   924  C CE2  . PHE A 1 6  ? -6.069 5.584  -2.516  1.00 0.00 ? 6  PHE A CE2  6  
ATOM   925  C CZ   . PHE A 1 6  ? -5.580 5.308  -3.777  1.00 0.00 ? 6  PHE A CZ   6  
ATOM   926  H H    . PHE A 1 6  ? -4.103 0.956  1.222   1.00 0.00 ? 6  PHE A H    6  
ATOM   927  H HA   . PHE A 1 6  ? -3.341 1.379  -1.418  1.00 0.00 ? 6  PHE A HA   6  
ATOM   928  H HB2  . PHE A 1 6  ? -5.625 1.738  -0.679  1.00 0.00 ? 6  PHE A HB2  6  
ATOM   929  H HB3  . PHE A 1 6  ? -5.115 3.065  0.359   1.00 0.00 ? 6  PHE A HB3  6  
ATOM   930  H HD1  . PHE A 1 6  ? -4.117 2.338  -3.145  1.00 0.00 ? 6  PHE A HD1  6  
ATOM   931  H HD2  . PHE A 1 6  ? -6.238 4.909  -0.497  1.00 0.00 ? 6  PHE A HD2  6  
ATOM   932  H HE1  . PHE A 1 6  ? -4.495 3.922  -4.989  1.00 0.00 ? 6  PHE A HE1  6  
ATOM   933  H HE2  . PHE A 1 6  ? -6.619 6.496  -2.337  1.00 0.00 ? 6  PHE A HE2  6  
ATOM   934  H HZ   . PHE A 1 6  ? -5.746 6.004  -4.586  1.00 0.00 ? 6  PHE A HZ   6  
ATOM   935  N N    . THR A 1 7  ? -2.148 3.582  0.683   1.00 0.00 ? 7  THR A N    6  
ATOM   936  C CA   . THR A 1 7  ? -1.187 4.669  0.836   1.00 0.00 ? 7  THR A CA   6  
ATOM   937  C C    . THR A 1 7  ? 0.162  4.306  0.225   1.00 0.00 ? 7  THR A C    6  
ATOM   938  O O    . THR A 1 7  ? 0.649  4.989  -0.677  1.00 0.00 ? 7  THR A O    6  
ATOM   939  C CB   . THR A 1 7  ? -0.986 5.034  2.319   1.00 0.00 ? 7  THR A CB   6  
ATOM   940  O OG1  . THR A 1 7  ? -2.136 4.644  3.080   1.00 0.00 ? 7  THR A OG1  6  
ATOM   941  C CG2  . THR A 1 7  ? -0.750 6.528  2.480   1.00 0.00 ? 7  THR A CG2  6  
ATOM   942  H H    . THR A 1 7  ? -2.559 3.192  1.482   1.00 0.00 ? 7  THR A H    6  
ATOM   943  H HA   . THR A 1 7  ? -1.581 5.535  0.325   1.00 0.00 ? 7  THR A HA   6  
ATOM   944  H HB   . THR A 1 7  ? -0.121 4.506  2.691   1.00 0.00 ? 7  THR A HB   6  
ATOM   945  H HG1  . THR A 1 7  ? -2.933 4.903  2.610   1.00 0.00 ? 7  THR A HG1  6  
ATOM   946  H HG21 . THR A 1 7  ? -1.674 7.011  2.761   1.00 0.00 ? 7  THR A HG21 6  
ATOM   947  H HG22 . THR A 1 7  ? -0.397 6.939  1.546   1.00 0.00 ? 7  THR A HG22 6  
ATOM   948  H HG23 . THR A 1 7  ? -0.009 6.694  3.249   1.00 0.00 ? 7  THR A HG23 6  
ATOM   949  N N    . SER A 1 8  ? 0.763  3.231  0.722   1.00 0.00 ? 8  SER A N    6  
ATOM   950  C CA   . SER A 1 8  ? 2.058  2.780  0.224   1.00 0.00 ? 8  SER A CA   6  
ATOM   951  C C    . SER A 1 8  ? 1.909  2.064  -1.116  1.00 0.00 ? 8  SER A C    6  
ATOM   952  O O    . SER A 1 8  ? 2.819  2.084  -1.946  1.00 0.00 ? 8  SER A O    6  
ATOM   953  C CB   . SER A 1 8  ? 2.725  1.855  1.243   1.00 0.00 ? 8  SER A CB   6  
ATOM   954  O OG   . SER A 1 8  ? 4.085  2.203  1.433   1.00 0.00 ? 8  SER A OG   6  
ATOM   955  H H    . SER A 1 8  ? 0.326  2.728  1.440   1.00 0.00 ? 8  SER A H    6  
ATOM   956  H HA   . SER A 1 8  ? 2.680  3.653  0.083   1.00 0.00 ? 8  SER A HA   6  
ATOM   957  H HB2  . SER A 1 8  ? 2.211  1.934  2.189   1.00 0.00 ? 8  SER A HB2  6  
ATOM   958  H HB3  . SER A 1 8  ? 2.674  0.835  0.889   1.00 0.00 ? 8  SER A HB3  6  
ATOM   959  H HG   . SER A 1 8  ? 4.496  2.371  0.582   1.00 0.00 ? 8  SER A HG   6  
ATOM   960  N N    . ASP A 1 9  ? 0.758  1.431  -1.320  1.00 0.00 ? 9  ASP A N    6  
ATOM   961  C CA   . ASP A 1 9  ? 0.492  0.709  -2.559  1.00 0.00 ? 9  ASP A CA   6  
ATOM   962  C C    . ASP A 1 9  ? 0.537  1.650  -3.760  1.00 0.00 ? 9  ASP A C    6  
ATOM   963  O O    . ASP A 1 9  ? 0.833  1.229  -4.877  1.00 0.00 ? 9  ASP A O    6  
ATOM   964  C CB   . ASP A 1 9  ? -0.871 0.019  -2.489  1.00 0.00 ? 9  ASP A CB   6  
ATOM   965  C CG   . ASP A 1 9  ? -0.820 -1.285 -1.716  1.00 0.00 ? 9  ASP A CG   6  
ATOM   966  O OD1  . ASP A 1 9  ? 0.289  -1.838 -1.559  1.00 0.00 ? 9  ASP A OD1  6  
ATOM   967  O OD2  . ASP A 1 9  ? -1.888 -1.752 -1.269  1.00 0.00 ? 9  ASP A OD2  6  
ATOM   968  H H    . ASP A 1 9  ? 0.071  1.451  -0.621  1.00 0.00 ? 9  ASP A H    6  
ATOM   969  H HA   . ASP A 1 9  ? 1.260  -0.040 -2.676  1.00 0.00 ? 9  ASP A HA   6  
ATOM   970  H HB2  . ASP A 1 9  ? -1.576 0.675  -2.003  1.00 0.00 ? 9  ASP A HB2  6  
ATOM   971  H HB3  . ASP A 1 9  ? -1.212 -0.192 -3.493  1.00 0.00 ? 9  ASP A HB3  6  
ATOM   972  N N    . PHE A 1 10 ? 0.240  2.925  -3.521  1.00 0.00 ? 10 PHE A N    6  
ATOM   973  C CA   . PHE A 1 10 ? 0.247  3.928  -4.581  1.00 0.00 ? 10 PHE A CA   6  
ATOM   974  C C    . PHE A 1 10 ? -0.812 3.614  -5.636  1.00 0.00 ? 10 PHE A C    6  
ATOM   975  O O    . PHE A 1 10 ? -1.889 4.211  -5.644  1.00 0.00 ? 10 PHE A O    6  
ATOM   976  C CB   . PHE A 1 10 ? 1.630  4.007  -5.232  1.00 0.00 ? 10 PHE A CB   6  
ATOM   977  C CG   . PHE A 1 10 ? 2.592  4.888  -4.487  1.00 0.00 ? 10 PHE A CG   6  
ATOM   978  C CD1  . PHE A 1 10 ? 2.697  4.812  -3.107  1.00 0.00 ? 10 PHE A CD1  6  
ATOM   979  C CD2  . PHE A 1 10 ? 3.392  5.792  -5.167  1.00 0.00 ? 10 PHE A CD2  6  
ATOM   980  C CE1  . PHE A 1 10 ? 3.581  5.621  -2.420  1.00 0.00 ? 10 PHE A CE1  6  
ATOM   981  C CE2  . PHE A 1 10 ? 4.279  6.604  -4.486  1.00 0.00 ? 10 PHE A CE2  6  
ATOM   982  C CZ   . PHE A 1 10 ? 4.373  6.518  -3.110  1.00 0.00 ? 10 PHE A CZ   6  
ATOM   983  H H    . PHE A 1 10 ? 0.011  3.199  -2.609  1.00 0.00 ? 10 PHE A H    6  
ATOM   984  H HA   . PHE A 1 10 ? 0.015  4.882  -4.133  1.00 0.00 ? 10 PHE A HA   6  
ATOM   985  H HB2  . PHE A 1 10 ? 2.057  3.017  -5.280  1.00 0.00 ? 10 PHE A HB2  6  
ATOM   986  H HB3  . PHE A 1 10 ? 1.527  4.398  -6.234  1.00 0.00 ? 10 PHE A HB3  6  
ATOM   987  H HD1  . PHE A 1 10 ? 2.078  4.110  -2.567  1.00 0.00 ? 10 PHE A HD1  6  
ATOM   988  H HD2  . PHE A 1 10 ? 3.319  5.860  -6.243  1.00 0.00 ? 10 PHE A HD2  6  
ATOM   989  H HE1  . PHE A 1 10 ? 3.654  5.552  -1.345  1.00 0.00 ? 10 PHE A HE1  6  
ATOM   990  H HE2  . PHE A 1 10 ? 4.897  7.305  -5.028  1.00 0.00 ? 10 PHE A HE2  6  
ATOM   991  H HZ   . PHE A 1 10 ? 5.065  7.152  -2.575  1.00 0.00 ? 10 PHE A HZ   6  
ATOM   992  N N    . PHE A 1 11 ? -0.500 2.676  -6.524  1.00 0.00 ? 11 PHE A N    6  
ATOM   993  C CA   . PHE A 1 11 ? -1.426 2.285  -7.580  1.00 0.00 ? 11 PHE A CA   6  
ATOM   994  C C    . PHE A 1 11 ? -1.243 0.816  -7.947  1.00 0.00 ? 11 PHE A C    6  
ATOM   995  O O    . PHE A 1 11 ? -0.312 0.159  -7.479  1.00 0.00 ? 11 PHE A O    6  
ATOM   996  C CB   . PHE A 1 11 ? -1.221 3.161  -8.817  1.00 0.00 ? 11 PHE A CB   6  
ATOM   997  C CG   . PHE A 1 11 ? 0.145  3.029  -9.426  1.00 0.00 ? 11 PHE A CG   6  
ATOM   998  C CD1  . PHE A 1 11 ? 1.185  3.848  -9.012  1.00 0.00 ? 11 PHE A CD1  6  
ATOM   999  C CD2  . PHE A 1 11 ? 0.390  2.087  -10.412 1.00 0.00 ? 11 PHE A CD2  6  
ATOM   1000 C CE1  . PHE A 1 11 ? 2.443  3.728  -9.572  1.00 0.00 ? 11 PHE A CE1  6  
ATOM   1001 C CE2  . PHE A 1 11 ? 1.647  1.964  -10.975 1.00 0.00 ? 11 PHE A CE2  6  
ATOM   1002 C CZ   . PHE A 1 11 ? 2.674  2.785  -10.554 1.00 0.00 ? 11 PHE A CZ   6  
ATOM   1003 H H    . PHE A 1 11 ? 0.374  2.234  -6.466  1.00 0.00 ? 11 PHE A H    6  
ATOM   1004 H HA   . PHE A 1 11 ? -2.430 2.429  -7.210  1.00 0.00 ? 11 PHE A HA   6  
ATOM   1005 H HB2  . PHE A 1 11 ? -1.946 2.887  -9.568  1.00 0.00 ? 11 PHE A HB2  6  
ATOM   1006 H HB3  . PHE A 1 11 ? -1.367 4.196  -8.544  1.00 0.00 ? 11 PHE A HB3  6  
ATOM   1007 H HD1  . PHE A 1 11 ? 1.006  4.586  -8.245  1.00 0.00 ? 11 PHE A HD1  6  
ATOM   1008 H HD2  . PHE A 1 11 ? -0.413 1.445  -10.741 1.00 0.00 ? 11 PHE A HD2  6  
ATOM   1009 H HE1  . PHE A 1 11 ? 3.245  4.372  -9.242  1.00 0.00 ? 11 PHE A HE1  6  
ATOM   1010 H HE2  . PHE A 1 11 ? 1.824  1.225  -11.743 1.00 0.00 ? 11 PHE A HE2  6  
ATOM   1011 H HZ   . PHE A 1 11 ? 3.657  2.690  -10.992 1.00 0.00 ? 11 PHE A HZ   6  
HETATM 1012 N N    . NH2 A 1 12 ? -2.132 0.299  -8.787  1.00 0.00 ? 12 NH2 A N    6  
HETATM 1013 H HN1  . NH2 A 1 12 ? -2.038 -0.643 -9.039  1.00 0.00 ? 12 NH2 A HN1  6  
HETATM 1014 H HN2  . NH2 A 1 12 ? -2.847 0.881  -9.119  1.00 0.00 ? 12 NH2 A HN2  6  
ATOM   1015 N N    . HIS A 1 1  ? 1.988  -3.568 -0.417  1.00 0.00 ? 1  HIS A N    7  
ATOM   1016 C CA   . HIS A 1 1  ? 2.852  -4.369 0.490   1.00 0.00 ? 1  HIS A CA   7  
ATOM   1017 C C    . HIS A 1 1  ? 2.063  -4.880 1.692   1.00 0.00 ? 1  HIS A C    7  
ATOM   1018 O O    . HIS A 1 1  ? 2.519  -4.792 2.832   1.00 0.00 ? 1  HIS A O    7  
ATOM   1019 C CB   . HIS A 1 1  ? 4.023  -3.493 0.945   1.00 0.00 ? 1  HIS A CB   7  
ATOM   1020 C CG   . HIS A 1 1  ? 5.327  -3.860 0.309   1.00 0.00 ? 1  HIS A CG   7  
ATOM   1021 N ND1  . HIS A 1 1  ? 5.911  -3.116 -0.696  1.00 0.00 ? 1  HIS A ND1  7  
ATOM   1022 C CD2  . HIS A 1 1  ? 6.164  -4.899 0.539   1.00 0.00 ? 1  HIS A CD2  7  
ATOM   1023 C CE1  . HIS A 1 1  ? 7.049  -3.683 -1.055  1.00 0.00 ? 1  HIS A CE1  7  
ATOM   1024 N NE2  . HIS A 1 1  ? 7.226  -4.765 -0.322  1.00 0.00 ? 1  HIS A NE2  7  
ATOM   1025 H H1   . HIS A 1 1  ? 2.572  -3.077 -1.126  1.00 0.00 ? 1  HIS A H1   7  
ATOM   1026 H H2   . HIS A 1 1  ? 1.457  -2.860 0.128   1.00 0.00 ? 1  HIS A H2   7  
ATOM   1027 H H3   . HIS A 1 1  ? 1.313  -4.188 -0.909  1.00 0.00 ? 1  HIS A H3   7  
ATOM   1028 H HA   . HIS A 1 1  ? 3.233  -5.214 -0.062  1.00 0.00 ? 1  HIS A HA   7  
ATOM   1029 H HB2  . HIS A 1 1  ? 3.811  -2.464 0.696   1.00 0.00 ? 1  HIS A HB2  7  
ATOM   1030 H HB3  . HIS A 1 1  ? 4.138  -3.582 2.015   1.00 0.00 ? 1  HIS A HB3  7  
ATOM   1031 H HD1  . HIS A 1 1  ? 5.545  -2.296 -1.088  1.00 0.00 ? 1  HIS A HD1  7  
ATOM   1032 H HD2  . HIS A 1 1  ? 6.021  -5.687 1.265   1.00 0.00 ? 1  HIS A HD2  7  
ATOM   1033 H HE1  . HIS A 1 1  ? 7.722  -3.320 -1.819  1.00 0.00 ? 1  HIS A HE1  7  
ATOM   1034 H HE2  . HIS A 1 1  ? 8.035  -5.318 -0.316  1.00 0.00 ? 1  HIS A HE2  7  
HETATM 1035 N N    . AIB A 1 2  ? 0.878  -5.415 1.423   1.00 0.00 ? 2  AIB A N    7  
HETATM 1036 C CA   . AIB A 1 2  ? 0.011  -5.950 2.477   1.00 0.00 ? 2  AIB A CA   7  
HETATM 1037 C C    . AIB A 1 2  ? -0.292 -4.850 3.504   1.00 0.00 ? 2  AIB A C    7  
HETATM 1038 O O    . AIB A 1 2  ? -1.295 -4.144 3.389   1.00 0.00 ? 2  AIB A O    7  
HETATM 1039 C CB1  . AIB A 1 2  ? 0.683  -7.133 3.149   1.00 0.00 ? 2  AIB A CB1  7  
HETATM 1040 C CB2  . AIB A 1 2  ? -1.284 -6.447 1.865   1.00 0.00 ? 2  AIB A CB2  7  
HETATM 1041 H H    . AIB A 1 2  ? 0.576  -5.457 0.492   1.00 0.00 ? 2  AIB A H    7  
HETATM 1042 H HB11 . AIB A 1 2  ? 0.633  -7.993 2.497   1.00 0.00 ? 2  AIB A HB11 7  
HETATM 1043 H HB12 . AIB A 1 2  ? 0.177  -7.354 4.078   1.00 0.00 ? 2  AIB A HB12 7  
HETATM 1044 H HB13 . AIB A 1 2  ? 1.716  -6.892 3.350   1.00 0.00 ? 2  AIB A HB13 7  
HETATM 1045 H HB21 . AIB A 1 2  ? -1.765 -5.639 1.334   1.00 0.00 ? 2  AIB A HB21 7  
HETATM 1046 H HB22 . AIB A 1 2  ? -1.939 -6.802 2.648   1.00 0.00 ? 2  AIB A HB22 7  
HETATM 1047 H HB23 . AIB A 1 2  ? -1.072 -7.253 1.179   1.00 0.00 ? 2  AIB A HB23 7  
ATOM   1048 N N    . GLU A 1 3  ? 0.577  -4.707 4.503   1.00 0.00 ? 3  GLU A N    7  
ATOM   1049 C CA   . GLU A 1 3  ? 0.392  -3.693 5.535   1.00 0.00 ? 3  GLU A CA   7  
ATOM   1050 C C    . GLU A 1 3  ? 0.529  -2.291 4.951   1.00 0.00 ? 3  GLU A C    7  
ATOM   1051 O O    . GLU A 1 3  ? -0.013 -1.327 5.493   1.00 0.00 ? 3  GLU A O    7  
ATOM   1052 C CB   . GLU A 1 3  ? 1.405  -3.890 6.663   1.00 0.00 ? 3  GLU A CB   7  
ATOM   1053 C CG   . GLU A 1 3  ? 2.851  -3.865 6.195   1.00 0.00 ? 3  GLU A CG   7  
ATOM   1054 C CD   . GLU A 1 3  ? 3.732  -4.827 6.968   1.00 0.00 ? 3  GLU A CD   7  
ATOM   1055 O OE1  . GLU A 1 3  ? 3.490  -6.050 6.885   1.00 0.00 ? 3  GLU A OE1  7  
ATOM   1056 O OE2  . GLU A 1 3  ? 4.661  -4.358 7.658   1.00 0.00 ? 3  GLU A OE2  7  
ATOM   1057 H H    . GLU A 1 3  ? 1.360  -5.293 4.545   1.00 0.00 ? 3  GLU A H    7  
ATOM   1058 H HA   . GLU A 1 3  ? -0.605 -3.807 5.935   1.00 0.00 ? 3  GLU A HA   7  
ATOM   1059 H HB2  . GLU A 1 3  ? 1.273  -3.105 7.392   1.00 0.00 ? 3  GLU A HB2  7  
ATOM   1060 H HB3  . GLU A 1 3  ? 1.220  -4.844 7.135   1.00 0.00 ? 3  GLU A HB3  7  
ATOM   1061 H HG2  . GLU A 1 3  ? 2.882  -4.134 5.149   1.00 0.00 ? 3  GLU A HG2  7  
ATOM   1062 H HG3  . GLU A 1 3  ? 3.240  -2.865 6.320   1.00 0.00 ? 3  GLU A HG3  7  
ATOM   1063 N N    . GLY A 1 4  ? 1.256  -2.183 3.843   1.00 0.00 ? 4  GLY A N    7  
ATOM   1064 C CA   . GLY A 1 4  ? 1.448  -0.895 3.203   1.00 0.00 ? 4  GLY A CA   7  
ATOM   1065 C C    . GLY A 1 4  ? 0.137  -0.214 2.862   1.00 0.00 ? 4  GLY A C    7  
ATOM   1066 O O    . GLY A 1 4  ? 0.072  1.014  2.775   1.00 0.00 ? 4  GLY A O    7  
ATOM   1067 H H    . GLY A 1 4  ? 1.663  -2.985 3.454   1.00 0.00 ? 4  GLY A H    7  
ATOM   1068 H HA2  . GLY A 1 4  ? 2.011  -0.256 3.868   1.00 0.00 ? 4  GLY A HA2  7  
ATOM   1069 H HA3  . GLY A 1 4  ? 2.013  -1.039 2.295   1.00 0.00 ? 4  GLY A HA3  7  
ATOM   1070 N N    . THR A 1 5  ? -0.910 -1.011 2.669   1.00 0.00 ? 5  THR A N    7  
ATOM   1071 C CA   . THR A 1 5  ? -2.228 -0.479 2.336   1.00 0.00 ? 5  THR A CA   7  
ATOM   1072 C C    . THR A 1 5  ? -2.170 0.414  1.101   1.00 0.00 ? 5  THR A C    7  
ATOM   1073 O O    . THR A 1 5  ? -1.157 0.462  0.402   1.00 0.00 ? 5  THR A O    7  
ATOM   1074 C CB   . THR A 1 5  ? -2.824 0.322  3.510   1.00 0.00 ? 5  THR A CB   7  
ATOM   1075 O OG1  . THR A 1 5  ? -2.199 1.608  3.597   1.00 0.00 ? 5  THR A OG1  7  
ATOM   1076 C CG2  . THR A 1 5  ? -2.644 -0.424 4.825   1.00 0.00 ? 5  THR A CG2  7  
ATOM   1077 H H    . THR A 1 5  ? -0.795 -1.981 2.753   1.00 0.00 ? 5  THR A H    7  
ATOM   1078 H HA   . THR A 1 5  ? -2.881 -1.314 2.131   1.00 0.00 ? 5  THR A HA   7  
ATOM   1079 H HB   . THR A 1 5  ? -3.882 0.457  3.333   1.00 0.00 ? 5  THR A HB   7  
ATOM   1080 H HG1  . THR A 1 5  ? -2.581 2.101  4.326   1.00 0.00 ? 5  THR A HG1  7  
ATOM   1081 H HG21 . THR A 1 5  ? -1.819 0.008  5.372   1.00 0.00 ? 5  THR A HG21 7  
ATOM   1082 H HG22 . THR A 1 5  ? -2.437 -1.464 4.623   1.00 0.00 ? 5  THR A HG22 7  
ATOM   1083 H HG23 . THR A 1 5  ? -3.547 -0.343 5.412   1.00 0.00 ? 5  THR A HG23 7  
ATOM   1084 N N    . PHE A 1 6  ? -3.266 1.119  0.836   1.00 0.00 ? 6  PHE A N    7  
ATOM   1085 C CA   . PHE A 1 6  ? -3.350 2.011  -0.316  1.00 0.00 ? 6  PHE A CA   7  
ATOM   1086 C C    . PHE A 1 6  ? -2.177 2.990  -0.345  1.00 0.00 ? 6  PHE A C    7  
ATOM   1087 O O    . PHE A 1 6  ? -1.704 3.373  -1.416  1.00 0.00 ? 6  PHE A O    7  
ATOM   1088 C CB   . PHE A 1 6  ? -4.673 2.781  -0.290  1.00 0.00 ? 6  PHE A CB   7  
ATOM   1089 C CG   . PHE A 1 6  ? -4.826 3.755  -1.424  1.00 0.00 ? 6  PHE A CG   7  
ATOM   1090 C CD1  . PHE A 1 6  ? -4.516 3.380  -2.721  1.00 0.00 ? 6  PHE A CD1  7  
ATOM   1091 C CD2  . PHE A 1 6  ? -5.279 5.042  -1.192  1.00 0.00 ? 6  PHE A CD2  7  
ATOM   1092 C CE1  . PHE A 1 6  ? -4.655 4.274  -3.767  1.00 0.00 ? 6  PHE A CE1  7  
ATOM   1093 C CE2  . PHE A 1 6  ? -5.421 5.940  -2.233  1.00 0.00 ? 6  PHE A CE2  7  
ATOM   1094 C CZ   . PHE A 1 6  ? -5.108 5.555  -3.522  1.00 0.00 ? 6  PHE A CZ   7  
ATOM   1095 H H    . PHE A 1 6  ? -4.041 1.034  1.431   1.00 0.00 ? 6  PHE A H    7  
ATOM   1096 H HA   . PHE A 1 6  ? -3.318 1.403  -1.208  1.00 0.00 ? 6  PHE A HA   7  
ATOM   1097 H HB2  . PHE A 1 6  ? -5.490 2.079  -0.343  1.00 0.00 ? 6  PHE A HB2  7  
ATOM   1098 H HB3  . PHE A 1 6  ? -4.739 3.335  0.635   1.00 0.00 ? 6  PHE A HB3  7  
ATOM   1099 H HD1  . PHE A 1 6  ? -4.161 2.378  -2.914  1.00 0.00 ? 6  PHE A HD1  7  
ATOM   1100 H HD2  . PHE A 1 6  ? -5.524 5.345  -0.184  1.00 0.00 ? 6  PHE A HD2  7  
ATOM   1101 H HE1  . PHE A 1 6  ? -4.409 3.970  -4.774  1.00 0.00 ? 6  PHE A HE1  7  
ATOM   1102 H HE2  . PHE A 1 6  ? -5.775 6.942  -2.039  1.00 0.00 ? 6  PHE A HE2  7  
ATOM   1103 H HZ   . PHE A 1 6  ? -5.218 6.255  -4.337  1.00 0.00 ? 6  PHE A HZ   7  
ATOM   1104 N N    . THR A 1 7  ? -1.715 3.393  0.835   1.00 0.00 ? 7  THR A N    7  
ATOM   1105 C CA   . THR A 1 7  ? -0.599 4.329  0.939   1.00 0.00 ? 7  THR A CA   7  
ATOM   1106 C C    . THR A 1 7  ? 0.612  3.842  0.146   1.00 0.00 ? 7  THR A C    7  
ATOM   1107 O O    . THR A 1 7  ? 0.901  4.348  -0.937  1.00 0.00 ? 7  THR A O    7  
ATOM   1108 C CB   . THR A 1 7  ? -0.184 4.549  2.407   1.00 0.00 ? 7  THR A CB   7  
ATOM   1109 O OG1  . THR A 1 7  ? -0.524 3.399  3.191   1.00 0.00 ? 7  THR A OG1  7  
ATOM   1110 C CG2  . THR A 1 7  ? -0.867 5.781  2.982   1.00 0.00 ? 7  THR A CG2  7  
ATOM   1111 H H    . THR A 1 7  ? -2.133 3.055  1.653   1.00 0.00 ? 7  THR A H    7  
ATOM   1112 H HA   . THR A 1 7  ? -0.923 5.277  0.534   1.00 0.00 ? 7  THR A HA   7  
ATOM   1113 H HB   . THR A 1 7  ? 0.886  4.698  2.446   1.00 0.00 ? 7  THR A HB   7  
ATOM   1114 H HG1  . THR A 1 7  ? 0.266  2.879  3.358   1.00 0.00 ? 7  THR A HG1  7  
ATOM   1115 H HG21 . THR A 1 7  ? -1.198 5.572  3.989   1.00 0.00 ? 7  THR A HG21 7  
ATOM   1116 H HG22 . THR A 1 7  ? -1.717 6.040  2.369   1.00 0.00 ? 7  THR A HG22 7  
ATOM   1117 H HG23 . THR A 1 7  ? -0.168 6.605  2.996   1.00 0.00 ? 7  THR A HG23 7  
ATOM   1118 N N    . SER A 1 8  ? 1.316  2.857  0.695   1.00 0.00 ? 8  SER A N    7  
ATOM   1119 C CA   . SER A 1 8  ? 2.495  2.302  0.039   1.00 0.00 ? 8  SER A CA   7  
ATOM   1120 C C    . SER A 1 8  ? 2.130  1.663  -1.297  1.00 0.00 ? 8  SER A C    7  
ATOM   1121 O O    . SER A 1 8  ? 2.948  1.614  -2.215  1.00 0.00 ? 8  SER A O    7  
ATOM   1122 C CB   . SER A 1 8  ? 3.169  1.269  0.944   1.00 0.00 ? 8  SER A CB   7  
ATOM   1123 O OG   . SER A 1 8  ? 4.079  0.466  0.213   1.00 0.00 ? 8  SER A OG   7  
ATOM   1124 H H    . SER A 1 8  ? 1.036  2.494  1.561   1.00 0.00 ? 8  SER A H    7  
ATOM   1125 H HA   . SER A 1 8  ? 3.186  3.112  -0.140  1.00 0.00 ? 8  SER A HA   7  
ATOM   1126 H HB2  . SER A 1 8  ? 3.707  1.777  1.730   1.00 0.00 ? 8  SER A HB2  7  
ATOM   1127 H HB3  . SER A 1 8  ? 2.414  0.631  1.380   1.00 0.00 ? 8  SER A HB3  7  
ATOM   1128 H HG   . SER A 1 8  ? 4.184  -0.381 0.653   1.00 0.00 ? 8  SER A HG   7  
ATOM   1129 N N    . ASP A 1 9  ? 0.898  1.173  -1.399  1.00 0.00 ? 9  ASP A N    7  
ATOM   1130 C CA   . ASP A 1 9  ? 0.429  0.536  -2.624  1.00 0.00 ? 9  ASP A CA   7  
ATOM   1131 C C    . ASP A 1 9  ? 0.523  1.493  -3.808  1.00 0.00 ? 9  ASP A C    7  
ATOM   1132 O O    . ASP A 1 9  ? 0.707  1.068  -4.948  1.00 0.00 ? 9  ASP A O    7  
ATOM   1133 C CB   . ASP A 1 9  ? -1.014 0.057  -2.454  1.00 0.00 ? 9  ASP A CB   7  
ATOM   1134 C CG   . ASP A 1 9  ? -1.095 -1.325 -1.835  1.00 0.00 ? 9  ASP A CG   7  
ATOM   1135 O OD1  . ASP A 1 9  ? -0.108 -1.748 -1.198  1.00 0.00 ? 9  ASP A OD1  7  
ATOM   1136 O OD2  . ASP A 1 9  ? -2.146 -1.982 -1.986  1.00 0.00 ? 9  ASP A OD2  7  
ATOM   1137 H H    . ASP A 1 9  ? 0.292  1.241  -0.632  1.00 0.00 ? 9  ASP A H    7  
ATOM   1138 H HA   . ASP A 1 9  ? 1.062  -0.318 -2.816  1.00 0.00 ? 9  ASP A HA   7  
ATOM   1139 H HB2  . ASP A 1 9  ? -1.543 0.748  -1.816  1.00 0.00 ? 9  ASP A HB2  7  
ATOM   1140 H HB3  . ASP A 1 9  ? -1.494 0.027  -3.421  1.00 0.00 ? 9  ASP A HB3  7  
ATOM   1141 N N    . PHE A 1 10 ? 0.396  2.787  -3.530  1.00 0.00 ? 10 PHE A N    7  
ATOM   1142 C CA   . PHE A 1 10 ? 0.468  3.807  -4.572  1.00 0.00 ? 10 PHE A CA   7  
ATOM   1143 C C    . PHE A 1 10 ? -0.709 3.686  -5.536  1.00 0.00 ? 10 PHE A C    7  
ATOM   1144 O O    . PHE A 1 10 ? -1.659 4.467  -5.471  1.00 0.00 ? 10 PHE A O    7  
ATOM   1145 C CB   . PHE A 1 10 ? 1.788  3.695  -5.340  1.00 0.00 ? 10 PHE A CB   7  
ATOM   1146 C CG   . PHE A 1 10 ? 2.810  4.716  -4.926  1.00 0.00 ? 10 PHE A CG   7  
ATOM   1147 C CD1  . PHE A 1 10 ? 3.043  4.977  -3.586  1.00 0.00 ? 10 PHE A CD1  7  
ATOM   1148 C CD2  . PHE A 1 10 ? 3.536  5.414  -5.877  1.00 0.00 ? 10 PHE A CD2  7  
ATOM   1149 C CE1  . PHE A 1 10 ? 3.981  5.916  -3.201  1.00 0.00 ? 10 PHE A CE1  7  
ATOM   1150 C CE2  . PHE A 1 10 ? 4.476  6.354  -5.499  1.00 0.00 ? 10 PHE A CE2  7  
ATOM   1151 C CZ   . PHE A 1 10 ? 4.698  6.605  -4.160  1.00 0.00 ? 10 PHE A CZ   7  
ATOM   1152 H H    . PHE A 1 10 ? 0.251  3.064  -2.601  1.00 0.00 ? 10 PHE A H    7  
ATOM   1153 H HA   . PHE A 1 10 ? 0.424  4.772  -4.091  1.00 0.00 ? 10 PHE A HA   7  
ATOM   1154 H HB2  . PHE A 1 10 ? 2.212  2.716  -5.174  1.00 0.00 ? 10 PHE A HB2  7  
ATOM   1155 H HB3  . PHE A 1 10 ? 1.596  3.825  -6.395  1.00 0.00 ? 10 PHE A HB3  7  
ATOM   1156 H HD1  . PHE A 1 10 ? 2.482  4.438  -2.835  1.00 0.00 ? 10 PHE A HD1  7  
ATOM   1157 H HD2  . PHE A 1 10 ? 3.363  5.218  -6.925  1.00 0.00 ? 10 PHE A HD2  7  
ATOM   1158 H HE1  . PHE A 1 10 ? 4.153  6.111  -2.153  1.00 0.00 ? 10 PHE A HE1  7  
ATOM   1159 H HE2  . PHE A 1 10 ? 5.036  6.891  -6.250  1.00 0.00 ? 10 PHE A HE2  7  
ATOM   1160 H HZ   . PHE A 1 10 ? 5.432  7.339  -3.862  1.00 0.00 ? 10 PHE A HZ   7  
ATOM   1161 N N    . PHE A 1 11 ? -0.640 2.704  -6.429  1.00 0.00 ? 11 PHE A N    7  
ATOM   1162 C CA   . PHE A 1 11 ? -1.700 2.484  -7.406  1.00 0.00 ? 11 PHE A CA   7  
ATOM   1163 C C    . PHE A 1 11 ? -1.490 1.169  -8.147  1.00 0.00 ? 11 PHE A C    7  
ATOM   1164 O O    . PHE A 1 11 ? -0.454 0.520  -8.000  1.00 0.00 ? 11 PHE A O    7  
ATOM   1165 C CB   . PHE A 1 11 ? -1.753 3.644  -8.403  1.00 0.00 ? 11 PHE A CB   7  
ATOM   1166 C CG   . PHE A 1 11 ? -0.402 4.061  -8.913  1.00 0.00 ? 11 PHE A CG   7  
ATOM   1167 C CD1  . PHE A 1 11 ? 0.374  3.184  -9.653  1.00 0.00 ? 11 PHE A CD1  7  
ATOM   1168 C CD2  . PHE A 1 11 ? 0.089  5.330  -8.653  1.00 0.00 ? 11 PHE A CD2  7  
ATOM   1169 C CE1  . PHE A 1 11 ? 1.617  3.564  -10.125 1.00 0.00 ? 11 PHE A CE1  7  
ATOM   1170 C CE2  . PHE A 1 11 ? 1.331  5.717  -9.122  1.00 0.00 ? 11 PHE A CE2  7  
ATOM   1171 C CZ   . PHE A 1 11 ? 2.095  4.833  -9.858  1.00 0.00 ? 11 PHE A CZ   7  
ATOM   1172 H H    . PHE A 1 11 ? 0.142  2.114  -6.431  1.00 0.00 ? 11 PHE A H    7  
ATOM   1173 H HA   . PHE A 1 11 ? -2.637 2.437  -6.871  1.00 0.00 ? 11 PHE A HA   7  
ATOM   1174 H HB2  . PHE A 1 11 ? -2.352 3.351  -9.251  1.00 0.00 ? 11 PHE A HB2  7  
ATOM   1175 H HB3  . PHE A 1 11 ? -2.208 4.499  -7.925  1.00 0.00 ? 11 PHE A HB3  7  
ATOM   1176 H HD1  . PHE A 1 11 ? 0.001  2.192  -9.862  1.00 0.00 ? 11 PHE A HD1  7  
ATOM   1177 H HD2  . PHE A 1 11 ? -0.508 6.022  -8.078  1.00 0.00 ? 11 PHE A HD2  7  
ATOM   1178 H HE1  . PHE A 1 11 ? 2.213  2.872  -10.700 1.00 0.00 ? 11 PHE A HE1  7  
ATOM   1179 H HE2  . PHE A 1 11 ? 1.703  6.709  -8.913  1.00 0.00 ? 11 PHE A HE2  7  
ATOM   1180 H HZ   . PHE A 1 11 ? 3.065  5.133  -10.225 1.00 0.00 ? 11 PHE A HZ   7  
HETATM 1181 N N    . NH2 A 1 12 ? -2.475 0.775  -8.946  1.00 0.00 ? 12 NH2 A N    7  
HETATM 1182 H HN1  . NH2 A 1 12 ? -2.365 -0.068 -9.435  1.00 0.00 ? 12 NH2 A HN1  7  
HETATM 1183 H HN2  . NH2 A 1 12 ? -3.271 1.343  -9.014  1.00 0.00 ? 12 NH2 A HN2  7  
ATOM   1184 N N    . HIS A 1 1  ? 4.066  -7.852 2.949   1.00 0.00 ? 1  HIS A N    8  
ATOM   1185 C CA   . HIS A 1 1  ? 4.075  -6.427 3.370   1.00 0.00 ? 1  HIS A CA   8  
ATOM   1186 C C    . HIS A 1 1  ? 2.659  -5.865 3.438   1.00 0.00 ? 1  HIS A C    8  
ATOM   1187 O O    . HIS A 1 1  ? 2.258  -5.057 2.598   1.00 0.00 ? 1  HIS A O    8  
ATOM   1188 C CB   . HIS A 1 1  ? 4.916  -5.630 2.371   1.00 0.00 ? 1  HIS A CB   8  
ATOM   1189 C CG   . HIS A 1 1  ? 6.380  -5.639 2.679   1.00 0.00 ? 1  HIS A CG   8  
ATOM   1190 N ND1  . HIS A 1 1  ? 6.936  -4.918 3.716   1.00 0.00 ? 1  HIS A ND1  8  
ATOM   1191 C CD2  . HIS A 1 1  ? 7.408  -6.286 2.081   1.00 0.00 ? 1  HIS A CD2  8  
ATOM   1192 C CE1  . HIS A 1 1  ? 8.241  -5.122 3.742   1.00 0.00 ? 1  HIS A CE1  8  
ATOM   1193 N NE2  . HIS A 1 1  ? 8.553  -5.948 2.761   1.00 0.00 ? 1  HIS A NE2  8  
ATOM   1194 H H1   . HIS A 1 1  ? 3.845  -8.463 3.761   1.00 0.00 ? 1  HIS A H1   8  
ATOM   1195 H H2   . HIS A 1 1  ? 4.998  -8.119 2.573   1.00 0.00 ? 1  HIS A H2   8  
ATOM   1196 H H3   . HIS A 1 1  ? 3.350  -8.002 2.210   1.00 0.00 ? 1  HIS A H3   8  
ATOM   1197 H HA   . HIS A 1 1  ? 4.527  -6.360 4.348   1.00 0.00 ? 1  HIS A HA   8  
ATOM   1198 H HB2  . HIS A 1 1  ? 4.781  -6.047 1.384   1.00 0.00 ? 1  HIS A HB2  8  
ATOM   1199 H HB3  . HIS A 1 1  ? 4.580  -4.602 2.369   1.00 0.00 ? 1  HIS A HB3  8  
ATOM   1200 H HD1  . HIS A 1 1  ? 6.446  -4.343 4.340   1.00 0.00 ? 1  HIS A HD1  8  
ATOM   1201 H HD2  . HIS A 1 1  ? 7.341  -6.945 1.228   1.00 0.00 ? 1  HIS A HD2  8  
ATOM   1202 H HE1  . HIS A 1 1  ? 8.934  -4.687 4.446   1.00 0.00 ? 1  HIS A HE1  8  
ATOM   1203 H HE2  . HIS A 1 1  ? 9.464  -6.200 2.503   1.00 0.00 ? 1  HIS A HE2  8  
HETATM 1204 N N    . AIB A 1 2  ? 1.904  -6.297 4.443   1.00 0.00 ? 2  AIB A N    8  
HETATM 1205 C CA   . AIB A 1 2  ? 0.526  -5.838 4.624   1.00 0.00 ? 2  AIB A CA   8  
HETATM 1206 C C    . AIB A 1 2  ? 0.515  -4.320 4.821   1.00 0.00 ? 2  AIB A C    8  
HETATM 1207 O O    . AIB A 1 2  ? -0.371 -3.625 4.321   1.00 0.00 ? 2  AIB A O    8  
HETATM 1208 C CB1  . AIB A 1 2  ? -0.088 -6.519 5.831   1.00 0.00 ? 2  AIB A CB1  8  
HETATM 1209 C CB2  . AIB A 1 2  ? -0.306 -6.209 3.412   1.00 0.00 ? 2  AIB A CB2  8  
HETATM 1210 H H    . AIB A 1 2  ? 2.280  -6.941 5.079   1.00 0.00 ? 2  AIB A H    8  
HETATM 1211 H HB11 . AIB A 1 2  ? 0.316  -6.085 6.734   1.00 0.00 ? 2  AIB A HB11 8  
HETATM 1212 H HB12 . AIB A 1 2  ? 0.141  -7.574 5.805   1.00 0.00 ? 2  AIB A HB12 8  
HETATM 1213 H HB13 . AIB A 1 2  ? -1.159 -6.384 5.816   1.00 0.00 ? 2  AIB A HB13 8  
HETATM 1214 H HB21 . AIB A 1 2  ? -0.109 -5.511 2.612   1.00 0.00 ? 2  AIB A HB21 8  
HETATM 1215 H HB22 . AIB A 1 2  ? -1.354 -6.174 3.670   1.00 0.00 ? 2  AIB A HB22 8  
HETATM 1216 H HB23 . AIB A 1 2  ? -0.048 -7.207 3.090   1.00 0.00 ? 2  AIB A HB23 8  
ATOM   1217 N N    . GLU A 1 3  ? 1.508  -3.815 5.550   1.00 0.00 ? 3  GLU A N    8  
ATOM   1218 C CA   . GLU A 1 3  ? 1.618  -2.382 5.816   1.00 0.00 ? 3  GLU A CA   8  
ATOM   1219 C C    . GLU A 1 3  ? 1.411  -1.566 4.542   1.00 0.00 ? 3  GLU A C    8  
ATOM   1220 O O    . GLU A 1 3  ? 0.939  -0.430 4.591   1.00 0.00 ? 3  GLU A O    8  
ATOM   1221 C CB   . GLU A 1 3  ? 2.985  -2.061 6.428   1.00 0.00 ? 3  GLU A CB   8  
ATOM   1222 C CG   . GLU A 1 3  ? 2.904  -1.514 7.844   1.00 0.00 ? 3  GLU A CG   8  
ATOM   1223 C CD   . GLU A 1 3  ? 2.150  -0.201 7.919   1.00 0.00 ? 3  GLU A CD   8  
ATOM   1224 O OE1  . GLU A 1 3  ? 1.370  0.091  6.988   1.00 0.00 ? 3  GLU A OE1  8  
ATOM   1225 O OE2  . GLU A 1 3  ? 2.340  0.537  8.910   1.00 0.00 ? 3  GLU A OE2  8  
ATOM   1226 H H    . GLU A 1 3  ? 2.183  -4.421 5.919   1.00 0.00 ? 3  GLU A H    8  
ATOM   1227 H HA   . GLU A 1 3  ? 0.848  -2.118 6.525   1.00 0.00 ? 3  GLU A HA   8  
ATOM   1228 H HB2  . GLU A 1 3  ? 3.578  -2.963 6.447   1.00 0.00 ? 3  GLU A HB2  8  
ATOM   1229 H HB3  . GLU A 1 3  ? 3.482  -1.327 5.810   1.00 0.00 ? 3  GLU A HB3  8  
ATOM   1230 H HG2  . GLU A 1 3  ? 2.400  -2.237 8.467   1.00 0.00 ? 3  GLU A HG2  8  
ATOM   1231 H HG3  . GLU A 1 3  ? 3.907  -1.360 8.214   1.00 0.00 ? 3  GLU A HG3  8  
ATOM   1232 N N    . GLY A 1 4  ? 1.766  -2.154 3.403   1.00 0.00 ? 4  GLY A N    8  
ATOM   1233 C CA   . GLY A 1 4  ? 1.609  -1.468 2.134   1.00 0.00 ? 4  GLY A CA   8  
ATOM   1234 C C    . GLY A 1 4  ? 0.191  -0.975 1.912   1.00 0.00 ? 4  GLY A C    8  
ATOM   1235 O O    . GLY A 1 4  ? -0.031 0.216  1.696   1.00 0.00 ? 4  GLY A O    8  
ATOM   1236 H H    . GLY A 1 4  ? 2.135  -3.061 3.424   1.00 0.00 ? 4  GLY A H    8  
ATOM   1237 H HA2  . GLY A 1 4  ? 2.281  -0.623 2.108   1.00 0.00 ? 4  GLY A HA2  8  
ATOM   1238 H HA3  . GLY A 1 4  ? 1.871  -2.146 1.335   1.00 0.00 ? 4  GLY A HA3  8  
ATOM   1239 N N    . THR A 1 5  ? -0.769 -1.894 1.971   1.00 0.00 ? 5  THR A N    8  
ATOM   1240 C CA   . THR A 1 5  ? -2.177 -1.552 1.780   1.00 0.00 ? 5  THR A CA   8  
ATOM   1241 C C    . THR A 1 5  ? -2.376 -0.641 0.570   1.00 0.00 ? 5  THR A C    8  
ATOM   1242 O O    . THR A 1 5  ? -1.455 -0.430 -0.220  1.00 0.00 ? 5  THR A O    8  
ATOM   1243 C CB   . THR A 1 5  ? -2.760 -0.863 3.030   1.00 0.00 ? 5  THR A CB   8  
ATOM   1244 O OG1  . THR A 1 5  ? -1.908 -1.093 4.158   1.00 0.00 ? 5  THR A OG1  8  
ATOM   1245 C CG2  . THR A 1 5  ? -4.158 -1.383 3.332   1.00 0.00 ? 5  THR A CG2  8  
ATOM   1246 H H    . THR A 1 5  ? -0.526 -2.826 2.153   1.00 0.00 ? 5  THR A H    8  
ATOM   1247 H HA   . THR A 1 5  ? -2.723 -2.470 1.617   1.00 0.00 ? 5  THR A HA   8  
ATOM   1248 H HB   . THR A 1 5  ? -2.820 0.199  2.844   1.00 0.00 ? 5  THR A HB   8  
ATOM   1249 H HG1  . THR A 1 5  ? -2.334 -0.766 4.953   1.00 0.00 ? 5  THR A HG1  8  
ATOM   1250 H HG21 . THR A 1 5  ? -4.099 -2.162 4.078   1.00 0.00 ? 5  THR A HG21 8  
ATOM   1251 H HG22 . THR A 1 5  ? -4.596 -1.782 2.430   1.00 0.00 ? 5  THR A HG22 8  
ATOM   1252 H HG23 . THR A 1 5  ? -4.770 -0.575 3.703   1.00 0.00 ? 5  THR A HG23 8  
ATOM   1253 N N    . PHE A 1 6  ? -3.584 -0.103 0.433   1.00 0.00 ? 6  PHE A N    8  
ATOM   1254 C CA   . PHE A 1 6  ? -3.905 0.786  -0.675  1.00 0.00 ? 6  PHE A CA   8  
ATOM   1255 C C    . PHE A 1 6  ? -2.997 2.013  -0.665  1.00 0.00 ? 6  PHE A C    8  
ATOM   1256 O O    . PHE A 1 6  ? -2.650 2.550  -1.718  1.00 0.00 ? 6  PHE A O    8  
ATOM   1257 C CB   . PHE A 1 6  ? -5.369 1.220  -0.600  1.00 0.00 ? 6  PHE A CB   8  
ATOM   1258 C CG   . PHE A 1 6  ? -5.879 1.843  -1.869  1.00 0.00 ? 6  PHE A CG   8  
ATOM   1259 C CD1  . PHE A 1 6  ? -5.393 3.067  -2.300  1.00 0.00 ? 6  PHE A CD1  8  
ATOM   1260 C CD2  . PHE A 1 6  ? -6.844 1.203  -2.629  1.00 0.00 ? 6  PHE A CD2  8  
ATOM   1261 C CE1  . PHE A 1 6  ? -5.861 3.642  -3.467  1.00 0.00 ? 6  PHE A CE1  8  
ATOM   1262 C CE2  . PHE A 1 6  ? -7.316 1.773  -3.797  1.00 0.00 ? 6  PHE A CE2  8  
ATOM   1263 C CZ   . PHE A 1 6  ? -6.823 2.993  -4.216  1.00 0.00 ? 6  PHE A CZ   8  
ATOM   1264 H H    . PHE A 1 6  ? -4.276 -0.308 1.096   1.00 0.00 ? 6  PHE A H    8  
ATOM   1265 H HA   . PHE A 1 6  ? -3.745 0.243  -1.595  1.00 0.00 ? 6  PHE A HA   8  
ATOM   1266 H HB2  . PHE A 1 6  ? -5.982 0.358  -0.384  1.00 0.00 ? 6  PHE A HB2  8  
ATOM   1267 H HB3  . PHE A 1 6  ? -5.481 1.944  0.194   1.00 0.00 ? 6  PHE A HB3  8  
ATOM   1268 H HD1  . PHE A 1 6  ? -4.641 3.574  -1.715  1.00 0.00 ? 6  PHE A HD1  8  
ATOM   1269 H HD2  . PHE A 1 6  ? -7.230 0.248  -2.303  1.00 0.00 ? 6  PHE A HD2  8  
ATOM   1270 H HE1  . PHE A 1 6  ? -5.474 4.595  -3.792  1.00 0.00 ? 6  PHE A HE1  8  
ATOM   1271 H HE2  . PHE A 1 6  ? -8.068 1.263  -4.382  1.00 0.00 ? 6  PHE A HE2  8  
ATOM   1272 H HZ   . PHE A 1 6  ? -7.191 3.440  -5.129  1.00 0.00 ? 6  PHE A HZ   8  
ATOM   1273 N N    . THR A 1 7  ? -2.611 2.447  0.532   1.00 0.00 ? 7  THR A N    8  
ATOM   1274 C CA   . THR A 1 7  ? -1.740 3.607  0.681   1.00 0.00 ? 7  THR A CA   8  
ATOM   1275 C C    . THR A 1 7  ? -0.454 3.427  -0.117  1.00 0.00 ? 7  THR A C    8  
ATOM   1276 O O    . THR A 1 7  ? 0.081  4.384  -0.677  1.00 0.00 ? 7  THR A O    8  
ATOM   1277 C CB   . THR A 1 7  ? -1.384 3.858  2.157   1.00 0.00 ? 7  THR A CB   8  
ATOM   1278 O OG1  . THR A 1 7  ? -0.458 4.946  2.261   1.00 0.00 ? 7  THR A OG1  8  
ATOM   1279 C CG2  . THR A 1 7  ? -0.781 2.612  2.789   1.00 0.00 ? 7  THR A CG2  8  
ATOM   1280 H H    . THR A 1 7  ? -2.920 1.974  1.333   1.00 0.00 ? 7  THR A H    8  
ATOM   1281 H HA   . THR A 1 7  ? -2.268 4.471  0.306   1.00 0.00 ? 7  THR A HA   8  
ATOM   1282 H HB   . THR A 1 7  ? -2.288 4.112  2.692   1.00 0.00 ? 7  THR A HB   8  
ATOM   1283 H HG1  . THR A 1 7  ? 0.410  4.656  1.972   1.00 0.00 ? 7  THR A HG1  8  
ATOM   1284 H HG21 . THR A 1 7  ? -1.467 1.785  2.680   1.00 0.00 ? 7  THR A HG21 8  
ATOM   1285 H HG22 . THR A 1 7  ? -0.597 2.791  3.838   1.00 0.00 ? 7  THR A HG22 8  
ATOM   1286 H HG23 . THR A 1 7  ? 0.151  2.375  2.296   1.00 0.00 ? 7  THR A HG23 8  
ATOM   1287 N N    . SER A 1 8  ? 0.033  2.192  -0.170  1.00 0.00 ? 8  SER A N    8  
ATOM   1288 C CA   . SER A 1 8  ? 1.252  1.881  -0.906  1.00 0.00 ? 8  SER A CA   8  
ATOM   1289 C C    . SER A 1 8  ? 0.957  1.755  -2.397  1.00 0.00 ? 8  SER A C    8  
ATOM   1290 O O    . SER A 1 8  ? 1.758  2.163  -3.237  1.00 0.00 ? 8  SER A O    8  
ATOM   1291 C CB   . SER A 1 8  ? 1.874  0.585  -0.384  1.00 0.00 ? 8  SER A CB   8  
ATOM   1292 O OG   . SER A 1 8  ? 2.944  0.162  -1.212  1.00 0.00 ? 8  SER A OG   8  
ATOM   1293 H H    . SER A 1 8  ? -0.443 1.470  0.292   1.00 0.00 ? 8  SER A H    8  
ATOM   1294 H HA   . SER A 1 8  ? 1.947  2.692  -0.756  1.00 0.00 ? 8  SER A HA   8  
ATOM   1295 H HB2  . SER A 1 8  ? 2.251  0.747  0.615   1.00 0.00 ? 8  SER A HB2  8  
ATOM   1296 H HB3  . SER A 1 8  ? 1.122  -0.191 -0.364  1.00 0.00 ? 8  SER A HB3  8  
ATOM   1297 H HG   . SER A 1 8  ? 3.507  0.914  -1.415  1.00 0.00 ? 8  SER A HG   8  
ATOM   1298 N N    . ASP A 1 9  ? -0.206 1.192  -2.715  1.00 0.00 ? 9  ASP A N    8  
ATOM   1299 C CA   . ASP A 1 9  ? -0.615 1.017  -4.103  1.00 0.00 ? 9  ASP A CA   8  
ATOM   1300 C C    . ASP A 1 9  ? -0.724 2.364  -4.815  1.00 0.00 ? 9  ASP A C    8  
ATOM   1301 O O    . ASP A 1 9  ? -0.654 2.434  -6.042  1.00 0.00 ? 9  ASP A O    8  
ATOM   1302 C CB   . ASP A 1 9  ? -1.953 0.278  -4.172  1.00 0.00 ? 9  ASP A CB   8  
ATOM   1303 C CG   . ASP A 1 9  ? -1.778 -1.218 -4.337  1.00 0.00 ? 9  ASP A CG   8  
ATOM   1304 O OD1  . ASP A 1 9  ? -1.107 -1.636 -5.303  1.00 0.00 ? 9  ASP A OD1  8  
ATOM   1305 O OD2  . ASP A 1 9  ? -2.313 -1.974 -3.497  1.00 0.00 ? 9  ASP A OD2  8  
ATOM   1306 H H    . ASP A 1 9  ? -0.803 0.891  -1.999  1.00 0.00 ? 9  ASP A H    8  
ATOM   1307 H HA   . ASP A 1 9  ? 0.139  0.422  -4.598  1.00 0.00 ? 9  ASP A HA   8  
ATOM   1308 H HB2  . ASP A 1 9  ? -2.505 0.460  -3.262  1.00 0.00 ? 9  ASP A HB2  8  
ATOM   1309 H HB3  . ASP A 1 9  ? -2.520 0.651  -5.013  1.00 0.00 ? 9  ASP A HB3  8  
ATOM   1310 N N    . PHE A 1 10 ? -0.892 3.433  -4.036  1.00 0.00 ? 10 PHE A N    8  
ATOM   1311 C CA   . PHE A 1 10 ? -1.009 4.780  -4.591  1.00 0.00 ? 10 PHE A CA   8  
ATOM   1312 C C    . PHE A 1 10 ? 0.069  5.039  -5.641  1.00 0.00 ? 10 PHE A C    8  
ATOM   1313 O O    . PHE A 1 10 ? 1.259  4.866  -5.379  1.00 0.00 ? 10 PHE A O    8  
ATOM   1314 C CB   . PHE A 1 10 ? -0.904 5.822  -3.476  1.00 0.00 ? 10 PHE A CB   8  
ATOM   1315 C CG   . PHE A 1 10 ? -2.224 6.170  -2.849  1.00 0.00 ? 10 PHE A CG   8  
ATOM   1316 C CD1  . PHE A 1 10 ? -3.325 6.463  -3.637  1.00 0.00 ? 10 PHE A CD1  8  
ATOM   1317 C CD2  . PHE A 1 10 ? -2.363 6.208  -1.471  1.00 0.00 ? 10 PHE A CD2  8  
ATOM   1318 C CE1  . PHE A 1 10 ? -4.540 6.786  -3.064  1.00 0.00 ? 10 PHE A CE1  8  
ATOM   1319 C CE2  . PHE A 1 10 ? -3.575 6.530  -0.891  1.00 0.00 ? 10 PHE A CE2  8  
ATOM   1320 C CZ   . PHE A 1 10 ? -4.665 6.819  -1.687  1.00 0.00 ? 10 PHE A CZ   8  
ATOM   1321 H H    . PHE A 1 10 ? -0.939 3.313  -3.066  1.00 0.00 ? 10 PHE A H    8  
ATOM   1322 H HA   . PHE A 1 10 ? -1.978 4.863  -5.058  1.00 0.00 ? 10 PHE A HA   8  
ATOM   1323 H HB2  . PHE A 1 10 ? -0.259 5.442  -2.699  1.00 0.00 ? 10 PHE A HB2  8  
ATOM   1324 H HB3  . PHE A 1 10 ? -0.477 6.728  -3.880  1.00 0.00 ? 10 PHE A HB3  8  
ATOM   1325 H HD1  . PHE A 1 10 ? -3.229 6.438  -4.713  1.00 0.00 ? 10 PHE A HD1  8  
ATOM   1326 H HD2  . PHE A 1 10 ? -1.511 5.982  -0.848  1.00 0.00 ? 10 PHE A HD2  8  
ATOM   1327 H HE1  . PHE A 1 10 ? -5.391 7.011  -3.689  1.00 0.00 ? 10 PHE A HE1  8  
ATOM   1328 H HE2  . PHE A 1 10 ? -3.669 6.553  0.185   1.00 0.00 ? 10 PHE A HE2  8  
ATOM   1329 H HZ   . PHE A 1 10 ? -5.614 7.071  -1.237  1.00 0.00 ? 10 PHE A HZ   8  
ATOM   1330 N N    . PHE A 1 11 ? -0.357 5.456  -6.828  1.00 0.00 ? 11 PHE A N    8  
ATOM   1331 C CA   . PHE A 1 11 ? 0.572  5.738  -7.916  1.00 0.00 ? 11 PHE A CA   8  
ATOM   1332 C C    . PHE A 1 11 ? -0.165 6.278  -9.137  1.00 0.00 ? 11 PHE A C    8  
ATOM   1333 O O    . PHE A 1 11 ? -1.388 6.412  -9.127  1.00 0.00 ? 11 PHE A O    8  
ATOM   1334 C CB   . PHE A 1 11 ? 1.347  4.474  -8.292  1.00 0.00 ? 11 PHE A CB   8  
ATOM   1335 C CG   . PHE A 1 11 ? 2.759  4.743  -8.728  1.00 0.00 ? 11 PHE A CG   8  
ATOM   1336 C CD1  . PHE A 1 11 ? 3.577  5.586  -7.993  1.00 0.00 ? 11 PHE A CD1  8  
ATOM   1337 C CD2  . PHE A 1 11 ? 3.268  4.153  -9.874  1.00 0.00 ? 11 PHE A CD2  8  
ATOM   1338 C CE1  . PHE A 1 11 ? 4.876  5.835  -8.392  1.00 0.00 ? 11 PHE A CE1  8  
ATOM   1339 C CE2  . PHE A 1 11 ? 4.566  4.398  -10.278 1.00 0.00 ? 11 PHE A CE2  8  
ATOM   1340 C CZ   . PHE A 1 11 ? 5.371  5.241  -9.537  1.00 0.00 ? 11 PHE A CZ   8  
ATOM   1341 H H    . PHE A 1 11 ? -1.318 5.576  -6.978  1.00 0.00 ? 11 PHE A H    8  
ATOM   1342 H HA   . PHE A 1 11 ? 1.270  6.487  -7.570  1.00 0.00 ? 11 PHE A HA   8  
ATOM   1343 H HB2  . PHE A 1 11 ? 1.385  3.816  -7.437  1.00 0.00 ? 11 PHE A HB2  8  
ATOM   1344 H HB3  . PHE A 1 11 ? 0.837  3.975  -9.103  1.00 0.00 ? 11 PHE A HB3  8  
ATOM   1345 H HD1  . PHE A 1 11 ? 3.189  6.051  -7.099  1.00 0.00 ? 11 PHE A HD1  8  
ATOM   1346 H HD2  . PHE A 1 11 ? 2.639  3.494  -10.455 1.00 0.00 ? 11 PHE A HD2  8  
ATOM   1347 H HE1  . PHE A 1 11 ? 5.503  6.494  -7.810  1.00 0.00 ? 11 PHE A HE1  8  
ATOM   1348 H HE2  . PHE A 1 11 ? 4.952  3.932  -11.173 1.00 0.00 ? 11 PHE A HE2  8  
ATOM   1349 H HZ   . PHE A 1 11 ? 6.386  5.434  -9.850  1.00 0.00 ? 11 PHE A HZ   8  
HETATM 1350 N N    . NH2 A 1 12 ? 0.582  6.588  -10.190 1.00 0.00 ? 12 NH2 A N    8  
HETATM 1351 H HN1  . NH2 A 1 12 ? 0.133  6.937  -10.989 1.00 0.00 ? 12 NH2 A HN1  8  
HETATM 1352 H HN2  . NH2 A 1 12 ? 1.550  6.456  -10.127 1.00 0.00 ? 12 NH2 A HN2  8  
ATOM   1353 N N    . HIS A 1 1  ? 1.460  -3.368 -0.372  1.00 0.00 ? 1  HIS A N    9  
ATOM   1354 C CA   . HIS A 1 1  ? 1.919  -4.752 -0.080  1.00 0.00 ? 1  HIS A CA   9  
ATOM   1355 C C    . HIS A 1 1  ? 1.506  -5.181 1.325   1.00 0.00 ? 1  HIS A C    9  
ATOM   1356 O O    . HIS A 1 1  ? 2.340  -5.284 2.225   1.00 0.00 ? 1  HIS A O    9  
ATOM   1357 C CB   . HIS A 1 1  ? 3.446  -4.818 -0.228  1.00 0.00 ? 1  HIS A CB   9  
ATOM   1358 C CG   . HIS A 1 1  ? 4.133  -3.491 -0.106  1.00 0.00 ? 1  HIS A CG   9  
ATOM   1359 N ND1  . HIS A 1 1  ? 4.128  -2.743 1.054   1.00 0.00 ? 1  HIS A ND1  9  
ATOM   1360 C CD2  . HIS A 1 1  ? 4.851  -2.778 -1.007  1.00 0.00 ? 1  HIS A CD2  9  
ATOM   1361 C CE1  . HIS A 1 1  ? 4.811  -1.629 0.860   1.00 0.00 ? 1  HIS A CE1  9  
ATOM   1362 N NE2  . HIS A 1 1  ? 5.260  -1.626 -0.381  1.00 0.00 ? 1  HIS A NE2  9  
ATOM   1363 H H1   . HIS A 1 1  ? 1.802  -2.715 0.361   1.00 0.00 ? 1  HIS A H1   9  
ATOM   1364 H H2   . HIS A 1 1  ? 0.422  -3.333 -0.396  1.00 0.00 ? 1  HIS A H2   9  
ATOM   1365 H H3   . HIS A 1 1  ? 1.828  -3.058 -1.295  1.00 0.00 ? 1  HIS A H3   9  
ATOM   1366 H HA   . HIS A 1 1  ? 1.464  -5.421 -0.796  1.00 0.00 ? 1  HIS A HA   9  
ATOM   1367 H HB2  . HIS A 1 1  ? 3.846  -5.467 0.536   1.00 0.00 ? 1  HIS A HB2  9  
ATOM   1368 H HB3  . HIS A 1 1  ? 3.686  -5.227 -1.199  1.00 0.00 ? 1  HIS A HB3  9  
ATOM   1369 H HD1  . HIS A 1 1  ? 3.688  -2.992 1.893   1.00 0.00 ? 1  HIS A HD1  9  
ATOM   1370 H HD2  . HIS A 1 1  ? 5.062  -3.063 -2.028  1.00 0.00 ? 1  HIS A HD2  9  
ATOM   1371 H HE1  . HIS A 1 1  ? 4.975  -0.853 1.593   1.00 0.00 ? 1  HIS A HE1  9  
ATOM   1372 H HE2  . HIS A 1 1  ? 5.870  -0.959 -0.760  1.00 0.00 ? 1  HIS A HE2  9  
HETATM 1373 N N    . AIB A 1 2  ? 0.211  -5.431 1.502   1.00 0.00 ? 2  AIB A N    9  
HETATM 1374 C CA   . AIB A 1 2  ? -0.325 -5.852 2.798   1.00 0.00 ? 2  AIB A CA   9  
HETATM 1375 C C    . AIB A 1 2  ? -0.063 -4.758 3.840   1.00 0.00 ? 2  AIB A C    9  
HETATM 1376 O O    . AIB A 1 2  ? -0.928 -3.923 4.103   1.00 0.00 ? 2  AIB A O    9  
HETATM 1377 C CB1  . AIB A 1 2  ? 0.320  -7.157 3.229   1.00 0.00 ? 2  AIB A CB1  9  
HETATM 1378 C CB2  . AIB A 1 2  ? -1.817 -6.096 2.678   1.00 0.00 ? 2  AIB A CB2  9  
HETATM 1379 H H    . AIB A 1 2  ? -0.401 -5.331 0.743   1.00 0.00 ? 2  AIB A H    9  
HETATM 1380 H HB11 . AIB A 1 2  ? 0.236  -7.264 4.300   1.00 0.00 ? 2  AIB A HB11 9  
HETATM 1381 H HB12 . AIB A 1 2  ? 1.362  -7.152 2.948   1.00 0.00 ? 2  AIB A HB12 9  
HETATM 1382 H HB13 . AIB A 1 2  ? -0.180 -7.982 2.744   1.00 0.00 ? 2  AIB A HB13 9  
HETATM 1383 H HB21 . AIB A 1 2  ? -1.988 -7.081 2.269   1.00 0.00 ? 2  AIB A HB21 9  
HETATM 1384 H HB22 . AIB A 1 2  ? -2.251 -5.355 2.024   1.00 0.00 ? 2  AIB A HB22 9  
HETATM 1385 H HB23 . AIB A 1 2  ? -2.272 -6.027 3.654   1.00 0.00 ? 2  AIB A HB23 9  
ATOM   1386 N N    . GLU A 1 3  ? 1.131  -4.766 4.426   1.00 0.00 ? 3  GLU A N    9  
ATOM   1387 C CA   . GLU A 1 3  ? 1.496  -3.776 5.431   1.00 0.00 ? 3  GLU A CA   9  
ATOM   1388 C C    . GLU A 1 3  ? 1.565  -2.381 4.817   1.00 0.00 ? 3  GLU A C    9  
ATOM   1389 O O    . GLU A 1 3  ? 1.326  -1.381 5.495   1.00 0.00 ? 3  GLU A O    9  
ATOM   1390 C CB   . GLU A 1 3  ? 2.839  -4.133 6.068   1.00 0.00 ? 3  GLU A CB   9  
ATOM   1391 C CG   . GLU A 1 3  ? 3.210  -3.246 7.246   1.00 0.00 ? 3  GLU A CG   9  
ATOM   1392 C CD   . GLU A 1 3  ? 4.172  -2.138 6.861   1.00 0.00 ? 3  GLU A CD   9  
ATOM   1393 O OE1  . GLU A 1 3  ? 5.394  -2.398 6.829   1.00 0.00 ? 3  GLU A OE1  9  
ATOM   1394 O OE2  . GLU A 1 3  ? 3.703  -1.012 6.592   1.00 0.00 ? 3  GLU A OE2  9  
ATOM   1395 H H    . GLU A 1 3  ? 1.784  -5.454 4.175   1.00 0.00 ? 3  GLU A H    9  
ATOM   1396 H HA   . GLU A 1 3  ? 0.732  -3.782 6.194   1.00 0.00 ? 3  GLU A HA   9  
ATOM   1397 H HB2  . GLU A 1 3  ? 2.800  -5.155 6.414   1.00 0.00 ? 3  GLU A HB2  9  
ATOM   1398 H HB3  . GLU A 1 3  ? 3.614  -4.045 5.321   1.00 0.00 ? 3  GLU A HB3  9  
ATOM   1399 H HG2  . GLU A 1 3  ? 2.311  -2.798 7.641   1.00 0.00 ? 3  GLU A HG2  9  
ATOM   1400 H HG3  . GLU A 1 3  ? 3.673  -3.856 8.008   1.00 0.00 ? 3  GLU A HG3  9  
ATOM   1401 N N    . GLY A 1 4  ? 1.892  -2.320 3.531   1.00 0.00 ? 4  GLY A N    9  
ATOM   1402 C CA   . GLY A 1 4  ? 1.986  -1.044 2.847   1.00 0.00 ? 4  GLY A CA   9  
ATOM   1403 C C    . GLY A 1 4  ? 0.645  -0.344 2.737   1.00 0.00 ? 4  GLY A C    9  
ATOM   1404 O O    . GLY A 1 4  ? 0.585  0.881  2.636   1.00 0.00 ? 4  GLY A O    9  
ATOM   1405 H H    . GLY A 1 4  ? 2.071  -3.150 3.040   1.00 0.00 ? 4  GLY A H    9  
ATOM   1406 H HA2  . GLY A 1 4  ? 2.669  -0.407 3.391   1.00 0.00 ? 4  GLY A HA2  9  
ATOM   1407 H HA3  . GLY A 1 4  ? 2.376  -1.208 1.854   1.00 0.00 ? 4  GLY A HA3  9  
ATOM   1408 N N    . THR A 1 5  ? -0.433 -1.122 2.756   1.00 0.00 ? 5  THR A N    9  
ATOM   1409 C CA   . THR A 1 5  ? -1.779 -0.569 2.656   1.00 0.00 ? 5  THR A CA   9  
ATOM   1410 C C    . THR A 1 5  ? -1.930 0.287  1.403   1.00 0.00 ? 5  THR A C    9  
ATOM   1411 O O    . THR A 1 5  ? -0.971 0.490  0.659   1.00 0.00 ? 5  THR A O    9  
ATOM   1412 C CB   . THR A 1 5  ? -2.133 0.284  3.890   1.00 0.00 ? 5  THR A CB   9  
ATOM   1413 O OG1  . THR A 1 5  ? -1.483 1.558  3.810   1.00 0.00 ? 5  THR A OG1  9  
ATOM   1414 C CG2  . THR A 1 5  ? -1.717 -0.422 5.173   1.00 0.00 ? 5  THR A CG2  9  
ATOM   1415 H H    . THR A 1 5  ? -0.321 -2.093 2.838   1.00 0.00 ? 5  THR A H    9  
ATOM   1416 H HA   . THR A 1 5  ? -2.474 -1.393 2.602   1.00 0.00 ? 5  THR A HA   9  
ATOM   1417 H HB   . THR A 1 5  ? -3.202 0.434  3.910   1.00 0.00 ? 5  THR A HB   9  
ATOM   1418 H HG1  . THR A 1 5  ? -2.145 2.253  3.781   1.00 0.00 ? 5  THR A HG1  9  
ATOM   1419 H HG21 . THR A 1 5  ? -1.628 -1.483 4.988   1.00 0.00 ? 5  THR A HG21 9  
ATOM   1420 H HG22 . THR A 1 5  ? -2.464 -0.252 5.934   1.00 0.00 ? 5  THR A HG22 9  
ATOM   1421 H HG23 . THR A 1 5  ? -0.767 -0.033 5.507   1.00 0.00 ? 5  THR A HG23 9  
ATOM   1422 N N    . PHE A 1 6  ? -3.142 0.784  1.174   1.00 0.00 ? 6  PHE A N    9  
ATOM   1423 C CA   . PHE A 1 6  ? -3.422 1.618  0.009   1.00 0.00 ? 6  PHE A CA   9  
ATOM   1424 C C    . PHE A 1 6  ? -2.476 2.815  -0.052  1.00 0.00 ? 6  PHE A C    9  
ATOM   1425 O O    . PHE A 1 6  ? -2.061 3.235  -1.132  1.00 0.00 ? 6  PHE A O    9  
ATOM   1426 C CB   . PHE A 1 6  ? -4.874 2.101  0.042   1.00 0.00 ? 6  PHE A CB   9  
ATOM   1427 C CG   . PHE A 1 6  ? -5.242 2.987  -1.116  1.00 0.00 ? 6  PHE A CG   9  
ATOM   1428 C CD1  . PHE A 1 6  ? -4.851 2.662  -2.405  1.00 0.00 ? 6  PHE A CD1  9  
ATOM   1429 C CD2  . PHE A 1 6  ? -5.977 4.143  -0.913  1.00 0.00 ? 6  PHE A CD2  9  
ATOM   1430 C CE1  . PHE A 1 6  ? -5.189 3.474  -3.471  1.00 0.00 ? 6  PHE A CE1  9  
ATOM   1431 C CE2  . PHE A 1 6  ? -6.317 4.960  -1.974  1.00 0.00 ? 6  PHE A CE2  9  
ATOM   1432 C CZ   . PHE A 1 6  ? -5.922 4.625  -3.256  1.00 0.00 ? 6  PHE A CZ   9  
ATOM   1433 H H    . PHE A 1 6  ? -3.866 0.586  1.804   1.00 0.00 ? 6  PHE A H    9  
ATOM   1434 H HA   . PHE A 1 6  ? -3.275 1.013  -0.874  1.00 0.00 ? 6  PHE A HA   9  
ATOM   1435 H HB2  . PHE A 1 6  ? -5.531 1.244  0.025   1.00 0.00 ? 6  PHE A HB2  9  
ATOM   1436 H HB3  . PHE A 1 6  ? -5.040 2.658  0.952   1.00 0.00 ? 6  PHE A HB3  9  
ATOM   1437 H HD1  . PHE A 1 6  ? -4.279 1.762  -2.575  1.00 0.00 ? 6  PHE A HD1  9  
ATOM   1438 H HD2  . PHE A 1 6  ? -6.286 4.406  0.088   1.00 0.00 ? 6  PHE A HD2  9  
ATOM   1439 H HE1  . PHE A 1 6  ? -4.878 3.211  -4.472  1.00 0.00 ? 6  PHE A HE1  9  
ATOM   1440 H HE2  . PHE A 1 6  ? -6.890 5.858  -1.804  1.00 0.00 ? 6  PHE A HE2  9  
ATOM   1441 H HZ   . PHE A 1 6  ? -6.186 5.262  -4.087  1.00 0.00 ? 6  PHE A HZ   9  
ATOM   1442 N N    . THR A 1 7  ? -2.141 3.359  1.112   1.00 0.00 ? 7  THR A N    9  
ATOM   1443 C CA   . THR A 1 7  ? -1.247 4.509  1.189   1.00 0.00 ? 7  THR A CA   9  
ATOM   1444 C C    . THR A 1 7  ? 0.098  4.210  0.537   1.00 0.00 ? 7  THR A C    9  
ATOM   1445 O O    . THR A 1 7  ? 0.494  4.872  -0.422  1.00 0.00 ? 7  THR A O    9  
ATOM   1446 C CB   . THR A 1 7  ? -1.012 4.942  2.647   1.00 0.00 ? 7  THR A CB   9  
ATOM   1447 O OG1  . THR A 1 7  ? -2.265 5.059  3.332   1.00 0.00 ? 7  THR A OG1  9  
ATOM   1448 C CG2  . THR A 1 7  ? -0.273 6.270  2.704   1.00 0.00 ? 7  THR A CG2  9  
ATOM   1449 H H    . THR A 1 7  ? -2.506 2.981  1.939   1.00 0.00 ? 7  THR A H    9  
ATOM   1450 H HA   . THR A 1 7  ? -1.715 5.329  0.664   1.00 0.00 ? 7  THR A HA   9  
ATOM   1451 H HB   . THR A 1 7  ? -0.410 4.190  3.138   1.00 0.00 ? 7  THR A HB   9  
ATOM   1452 H HG1  . THR A 1 7  ? -2.770 5.782  2.953   1.00 0.00 ? 7  THR A HG1  9  
ATOM   1453 H HG21 . THR A 1 7  ? -0.377 6.780  1.759   1.00 0.00 ? 7  THR A HG21 9  
ATOM   1454 H HG22 . THR A 1 7  ? 0.774  6.091  2.903   1.00 0.00 ? 7  THR A HG22 9  
ATOM   1455 H HG23 . THR A 1 7  ? -0.690 6.881  3.491   1.00 0.00 ? 7  THR A HG23 9  
ATOM   1456 N N    . SER A 1 8  ? 0.798  3.211  1.063   1.00 0.00 ? 8  SER A N    9  
ATOM   1457 C CA   . SER A 1 8  ? 2.101  2.828  0.530   1.00 0.00 ? 8  SER A CA   9  
ATOM   1458 C C    . SER A 1 8  ? 1.955  2.089  -0.797  1.00 0.00 ? 8  SER A C    9  
ATOM   1459 O O    . SER A 1 8  ? 2.846  2.136  -1.644  1.00 0.00 ? 8  SER A O    9  
ATOM   1460 C CB   . SER A 1 8  ? 2.851  1.950  1.534   1.00 0.00 ? 8  SER A CB   9  
ATOM   1461 O OG   . SER A 1 8  ? 2.586  2.358  2.865   1.00 0.00 ? 8  SER A OG   9  
ATOM   1462 H H    . SER A 1 8  ? 0.431  2.720  1.829   1.00 0.00 ? 8  SER A H    9  
ATOM   1463 H HA   . SER A 1 8  ? 2.668  3.731  0.364   1.00 0.00 ? 8  SER A HA   9  
ATOM   1464 H HB2  . SER A 1 8  ? 2.538  0.924  1.417   1.00 0.00 ? 8  SER A HB2  9  
ATOM   1465 H HB3  . SER A 1 8  ? 3.912  2.026  1.351   1.00 0.00 ? 8  SER A HB3  9  
ATOM   1466 H HG   . SER A 1 8  ? 1.746  1.992  3.151   1.00 0.00 ? 8  SER A HG   9  
ATOM   1467 N N    . ASP A 1 9  ? 0.826  1.408  -0.973  1.00 0.00 ? 9  ASP A N    9  
ATOM   1468 C CA   . ASP A 1 9  ? 0.568  0.661  -2.200  1.00 0.00 ? 9  ASP A CA   9  
ATOM   1469 C C    . ASP A 1 9  ? 0.638  1.572  -3.420  1.00 0.00 ? 9  ASP A C    9  
ATOM   1470 O O    . ASP A 1 9  ? 1.635  1.583  -4.142  1.00 0.00 ? 9  ASP A O    9  
ATOM   1471 C CB   . ASP A 1 9  ? -0.802 -0.018 -2.134  1.00 0.00 ? 9  ASP A CB   9  
ATOM   1472 C CG   . ASP A 1 9  ? -0.727 -1.419 -1.561  1.00 0.00 ? 9  ASP A CG   9  
ATOM   1473 O OD1  . ASP A 1 9  ? -0.039 -2.270 -2.162  1.00 0.00 ? 9  ASP A OD1  9  
ATOM   1474 O OD2  . ASP A 1 9  ? -1.358 -1.665 -0.512  1.00 0.00 ? 9  ASP A OD2  9  
ATOM   1475 H H    . ASP A 1 9  ? 0.151  1.407  -0.262  1.00 0.00 ? 9  ASP A H    9  
ATOM   1476 H HA   . ASP A 1 9  ? 1.331  -0.099 -2.289  1.00 0.00 ? 9  ASP A HA   9  
ATOM   1477 H HB2  . ASP A 1 9  ? -1.459 0.571  -1.513  1.00 0.00 ? 9  ASP A HB2  9  
ATOM   1478 H HB3  . ASP A 1 9  ? -1.214 -0.077 -3.131  1.00 0.00 ? 9  ASP A HB3  9  
ATOM   1479 N N    . PHE A 1 10 ? -0.428 2.335  -3.647  1.00 0.00 ? 10 PHE A N    9  
ATOM   1480 C CA   . PHE A 1 10 ? -0.488 3.246  -4.783  1.00 0.00 ? 10 PHE A CA   9  
ATOM   1481 C C    . PHE A 1 10 ? -0.402 2.476  -6.098  1.00 0.00 ? 10 PHE A C    9  
ATOM   1482 O O    . PHE A 1 10 ? 0.247  1.434  -6.177  1.00 0.00 ? 10 PHE A O    9  
ATOM   1483 C CB   . PHE A 1 10 ? 0.644  4.274  -4.701  1.00 0.00 ? 10 PHE A CB   9  
ATOM   1484 C CG   . PHE A 1 10 ? 0.244  5.554  -4.023  1.00 0.00 ? 10 PHE A CG   9  
ATOM   1485 C CD1  . PHE A 1 10 ? -0.530 5.535  -2.874  1.00 0.00 ? 10 PHE A CD1  9  
ATOM   1486 C CD2  . PHE A 1 10 ? 0.645  6.778  -4.536  1.00 0.00 ? 10 PHE A CD2  9  
ATOM   1487 C CE1  . PHE A 1 10 ? -0.897 6.712  -2.249  1.00 0.00 ? 10 PHE A CE1  9  
ATOM   1488 C CE2  . PHE A 1 10 ? 0.280  7.958  -3.915  1.00 0.00 ? 10 PHE A CE2  9  
ATOM   1489 C CZ   . PHE A 1 10 ? -0.492 7.925  -2.770  1.00 0.00 ? 10 PHE A CZ   9  
ATOM   1490 H H    . PHE A 1 10 ? -1.193 2.280  -3.037  1.00 0.00 ? 10 PHE A H    9  
ATOM   1491 H HA   . PHE A 1 10 ? -1.436 3.763  -4.745  1.00 0.00 ? 10 PHE A HA   9  
ATOM   1492 H HB2  . PHE A 1 10 ? 1.467  3.849  -4.148  1.00 0.00 ? 10 PHE A HB2  9  
ATOM   1493 H HB3  . PHE A 1 10 ? 0.975  4.515  -5.701  1.00 0.00 ? 10 PHE A HB3  9  
ATOM   1494 H HD1  . PHE A 1 10 ? -0.848 4.587  -2.465  1.00 0.00 ? 10 PHE A HD1  9  
ATOM   1495 H HD2  . PHE A 1 10 ? 1.249  6.806  -5.432  1.00 0.00 ? 10 PHE A HD2  9  
ATOM   1496 H HE1  . PHE A 1 10 ? -1.502 6.683  -1.354  1.00 0.00 ? 10 PHE A HE1  9  
ATOM   1497 H HE2  . PHE A 1 10 ? 0.598  8.906  -4.325  1.00 0.00 ? 10 PHE A HE2  9  
ATOM   1498 H HZ   . PHE A 1 10 ? -0.778 8.846  -2.284  1.00 0.00 ? 10 PHE A HZ   9  
ATOM   1499 N N    . PHE A 1 11 ? -1.062 2.995  -7.127  1.00 0.00 ? 11 PHE A N    9  
ATOM   1500 C CA   . PHE A 1 11 ? -1.061 2.353  -8.436  1.00 0.00 ? 11 PHE A CA   9  
ATOM   1501 C C    . PHE A 1 11 ? -0.246 3.163  -9.439  1.00 0.00 ? 11 PHE A C    9  
ATOM   1502 O O    . PHE A 1 11 ? 0.072  4.328  -9.200  1.00 0.00 ? 11 PHE A O    9  
ATOM   1503 C CB   . PHE A 1 11 ? -2.494 2.182  -8.944  1.00 0.00 ? 11 PHE A CB   9  
ATOM   1504 C CG   . PHE A 1 11 ? -3.425 1.593  -7.923  1.00 0.00 ? 11 PHE A CG   9  
ATOM   1505 C CD1  . PHE A 1 11 ? -3.026 0.524  -7.136  1.00 0.00 ? 11 PHE A CD1  9  
ATOM   1506 C CD2  . PHE A 1 11 ? -4.701 2.107  -7.751  1.00 0.00 ? 11 PHE A CD2  9  
ATOM   1507 C CE1  . PHE A 1 11 ? -3.881 -0.020 -6.196  1.00 0.00 ? 11 PHE A CE1  9  
ATOM   1508 C CE2  . PHE A 1 11 ? -5.560 1.567  -6.812  1.00 0.00 ? 11 PHE A CE2  9  
ATOM   1509 C CZ   . PHE A 1 11 ? -5.150 0.502  -6.033  1.00 0.00 ? 11 PHE A CZ   9  
ATOM   1510 H H    . PHE A 1 11 ? -1.564 3.828  -7.003  1.00 0.00 ? 11 PHE A H    9  
ATOM   1511 H HA   . PHE A 1 11 ? -0.608 1.379  -8.327  1.00 0.00 ? 11 PHE A HA   9  
ATOM   1512 H HB2  . PHE A 1 11 ? -2.884 3.146  -9.232  1.00 0.00 ? 11 PHE A HB2  9  
ATOM   1513 H HB3  . PHE A 1 11 ? -2.487 1.529  -9.805  1.00 0.00 ? 11 PHE A HB3  9  
ATOM   1514 H HD1  . PHE A 1 11 ? -2.035 0.114  -7.261  1.00 0.00 ? 11 PHE A HD1  9  
ATOM   1515 H HD2  . PHE A 1 11 ? -5.023 2.940  -8.358  1.00 0.00 ? 11 PHE A HD2  9  
ATOM   1516 H HE1  . PHE A 1 11 ? -3.558 -0.853 -5.589  1.00 0.00 ? 11 PHE A HE1  9  
ATOM   1517 H HE2  . PHE A 1 11 ? -6.550 1.979  -6.687  1.00 0.00 ? 11 PHE A HE2  9  
ATOM   1518 H HZ   . PHE A 1 11 ? -5.819 0.079  -5.300  1.00 0.00 ? 11 PHE A HZ   9  
HETATM 1519 N N    . NH2 A 1 12 ? 0.092  2.544  -10.565 1.00 0.00 ? 12 NH2 A N    9  
HETATM 1520 H HN1  . NH2 A 1 12 ? 0.618  3.042  -11.226 1.00 0.00 ? 12 NH2 A HN1  9  
HETATM 1521 H HN2  . NH2 A 1 12 ? -0.196 1.616  -10.687 1.00 0.00 ? 12 NH2 A HN2  9  
ATOM   1522 N N    . HIS A 1 1  ? 3.429  -8.091 1.971   1.00 0.00 ? 1  HIS A N    10 
ATOM   1523 C CA   . HIS A 1 1  ? 3.490  -7.011 2.992   1.00 0.00 ? 1  HIS A CA   10 
ATOM   1524 C C    . HIS A 1 1  ? 2.200  -6.198 3.016   1.00 0.00 ? 1  HIS A C    10 
ATOM   1525 O O    . HIS A 1 1  ? 2.056  -5.219 2.284   1.00 0.00 ? 1  HIS A O    10 
ATOM   1526 C CB   . HIS A 1 1  ? 4.685  -6.098 2.687   1.00 0.00 ? 1  HIS A CB   10 
ATOM   1527 C CG   . HIS A 1 1  ? 5.095  -6.090 1.244   1.00 0.00 ? 1  HIS A CG   10 
ATOM   1528 N ND1  . HIS A 1 1  ? 5.986  -6.997 0.712   1.00 0.00 ? 1  HIS A ND1  10 
ATOM   1529 C CD2  . HIS A 1 1  ? 4.731  -5.279 0.223   1.00 0.00 ? 1  HIS A CD2  10 
ATOM   1530 C CE1  . HIS A 1 1  ? 6.153  -6.744 -0.574  1.00 0.00 ? 1  HIS A CE1  10 
ATOM   1531 N NE2  . HIS A 1 1  ? 5.402  -5.708 -0.896  1.00 0.00 ? 1  HIS A NE2  10 
ATOM   1532 H H1   . HIS A 1 1  ? 3.184  -7.691 1.042   1.00 0.00 ? 1  HIS A H1   10 
ATOM   1533 H H2   . HIS A 1 1  ? 2.707  -8.791 2.235   1.00 0.00 ? 1  HIS A H2   10 
ATOM   1534 H H3   . HIS A 1 1  ? 4.350  -8.568 1.900   1.00 0.00 ? 1  HIS A H3   10 
ATOM   1535 H HA   . HIS A 1 1  ? 3.633  -7.467 3.962   1.00 0.00 ? 1  HIS A HA   10 
ATOM   1536 H HB2  . HIS A 1 1  ? 4.432  -5.086 2.962   1.00 0.00 ? 1  HIS A HB2  10 
ATOM   1537 H HB3  . HIS A 1 1  ? 5.532  -6.422 3.271   1.00 0.00 ? 1  HIS A HB3  10 
ATOM   1538 H HD1  . HIS A 1 1  ? 6.432  -7.719 1.203   1.00 0.00 ? 1  HIS A HD1  10 
ATOM   1539 H HD2  . HIS A 1 1  ? 4.039  -4.450 0.278   1.00 0.00 ? 1  HIS A HD2  10 
ATOM   1540 H HE1  . HIS A 1 1  ? 6.795  -7.294 -1.248  1.00 0.00 ? 1  HIS A HE1  10 
ATOM   1541 H HE2  . HIS A 1 1  ? 5.410  -5.252 -1.763  1.00 0.00 ? 1  HIS A HE2  10 
HETATM 1542 N N    . AIB A 1 2  ? 1.263  -6.613 3.864   1.00 0.00 ? 2  AIB A N    10 
HETATM 1543 C CA   . AIB A 1 2  ? -0.023 -5.924 3.990   1.00 0.00 ? 2  AIB A CA   10 
HETATM 1544 C C    . AIB A 1 2  ? 0.208  -4.481 4.450   1.00 0.00 ? 2  AIB A C    10 
HETATM 1545 O O    . AIB A 1 2  ? -0.607 -3.598 4.181   1.00 0.00 ? 2  AIB A O    10 
HETATM 1546 C CB1  . AIB A 1 2  ? -0.898 -6.651 4.994   1.00 0.00 ? 2  AIB A CB1  10 
HETATM 1547 C CB2  . AIB A 1 2  ? -0.747 -5.932 2.658   1.00 0.00 ? 2  AIB A CB2  10 
HETATM 1548 H H    . AIB A 1 2  ? 1.439  -7.399 4.422   1.00 0.00 ? 2  AIB A H    10 
HETATM 1549 H HB11 . AIB A 1 2  ? -1.375 -7.492 4.512   1.00 0.00 ? 2  AIB A HB11 10 
HETATM 1550 H HB12 . AIB A 1 2  ? -1.652 -5.975 5.369   1.00 0.00 ? 2  AIB A HB12 10 
HETATM 1551 H HB13 . AIB A 1 2  ? -0.290 -7.003 5.813   1.00 0.00 ? 2  AIB A HB13 10 
HETATM 1552 H HB21 . AIB A 1 2  ? -0.288 -5.211 1.996   1.00 0.00 ? 2  AIB A HB21 10 
HETATM 1553 H HB22 . AIB A 1 2  ? -1.784 -5.672 2.810   1.00 0.00 ? 2  AIB A HB22 10 
HETATM 1554 H HB23 . AIB A 1 2  ? -0.682 -6.915 2.218   1.00 0.00 ? 2  AIB A HB23 10 
ATOM   1555 N N    . GLU A 1 3  ? 1.320  -4.251 5.144   1.00 0.00 ? 3  GLU A N    10 
ATOM   1556 C CA   . GLU A 1 3  ? 1.653  -2.918 5.639   1.00 0.00 ? 3  GLU A CA   10 
ATOM   1557 C C    . GLU A 1 3  ? 1.572  -1.879 4.524   1.00 0.00 ? 3  GLU A C    10 
ATOM   1558 O O    . GLU A 1 3  ? 1.339  -0.698 4.780   1.00 0.00 ? 3  GLU A O    10 
ATOM   1559 C CB   . GLU A 1 3  ? 3.054  -2.914 6.256   1.00 0.00 ? 3  GLU A CB   10 
ATOM   1560 C CG   . GLU A 1 3  ? 4.160  -3.226 5.259   1.00 0.00 ? 3  GLU A CG   10 
ATOM   1561 C CD   . GLU A 1 3  ? 4.888  -4.517 5.579   1.00 0.00 ? 3  GLU A CD   10 
ATOM   1562 O OE1  . GLU A 1 3  ? 4.213  -5.559 5.719   1.00 0.00 ? 3  GLU A OE1  10 
ATOM   1563 O OE2  . GLU A 1 3  ? 6.131  -4.487 5.690   1.00 0.00 ? 3  GLU A OE2  10 
ATOM   1564 H H    . GLU A 1 3  ? 1.932  -4.994 5.329   1.00 0.00 ? 3  GLU A H    10 
ATOM   1565 H HA   . GLU A 1 3  ? 0.935  -2.662 6.404   1.00 0.00 ? 3  GLU A HA   10 
ATOM   1566 H HB2  . GLU A 1 3  ? 3.245  -1.940 6.679   1.00 0.00 ? 3  GLU A HB2  10 
ATOM   1567 H HB3  . GLU A 1 3  ? 3.090  -3.652 7.043   1.00 0.00 ? 3  GLU A HB3  10 
ATOM   1568 H HG2  . GLU A 1 3  ? 3.726  -3.310 4.274   1.00 0.00 ? 3  GLU A HG2  10 
ATOM   1569 H HG3  . GLU A 1 3  ? 4.874  -2.415 5.269   1.00 0.00 ? 3  GLU A HG3  10 
ATOM   1570 N N    . GLY A 1 4  ? 1.763  -2.325 3.286   1.00 0.00 ? 4  GLY A N    10 
ATOM   1571 C CA   . GLY A 1 4  ? 1.703  -1.420 2.155   1.00 0.00 ? 4  GLY A CA   10 
ATOM   1572 C C    . GLY A 1 4  ? 0.369  -0.707 2.053   1.00 0.00 ? 4  GLY A C    10 
ATOM   1573 O O    . GLY A 1 4  ? 0.317  0.517  1.941   1.00 0.00 ? 4  GLY A O    10 
ATOM   1574 H H    . GLY A 1 4  ? 1.944  -3.278 3.140   1.00 0.00 ? 4  GLY A H    10 
ATOM   1575 H HA2  . GLY A 1 4  ? 2.486  -0.682 2.256   1.00 0.00 ? 4  GLY A HA2  10 
ATOM   1576 H HA3  . GLY A 1 4  ? 1.870  -1.983 1.248   1.00 0.00 ? 4  GLY A HA3  10 
ATOM   1577 N N    . THR A 1 5  ? -0.714 -1.478 2.092   1.00 0.00 ? 5  THR A N    10 
ATOM   1578 C CA   . THR A 1 5  ? -2.059 -0.917 2.005   1.00 0.00 ? 5  THR A CA   10 
ATOM   1579 C C    . THR A 1 5  ? -2.201 -0.007 0.787   1.00 0.00 ? 5  THR A C    10 
ATOM   1580 O O    . THR A 1 5  ? -1.300 0.074  -0.048  1.00 0.00 ? 5  THR A O    10 
ATOM   1581 C CB   . THR A 1 5  ? -2.422 -0.119 3.276   1.00 0.00 ? 5  THR A CB   10 
ATOM   1582 O OG1  . THR A 1 5  ? -1.258 0.062  4.092   1.00 0.00 ? 5  THR A OG1  10 
ATOM   1583 C CG2  . THR A 1 5  ? -3.498 -0.836 4.077   1.00 0.00 ? 5  THR A CG2  10 
ATOM   1584 H H    . THR A 1 5  ? -0.608 -2.448 2.184   1.00 0.00 ? 5  THR A H    10 
ATOM   1585 H HA   . THR A 1 5  ? -2.756 -1.737 1.910   1.00 0.00 ? 5  THR A HA   10 
ATOM   1586 H HB   . THR A 1 5  ? -2.799 0.850  2.983   1.00 0.00 ? 5  THR A HB   10 
ATOM   1587 H HG1  . THR A 1 5  ? -0.742 0.798  3.756   1.00 0.00 ? 5  THR A HG1  10 
ATOM   1588 H HG21 . THR A 1 5  ? -3.063 -1.680 4.590   1.00 0.00 ? 5  THR A HG21 10 
ATOM   1589 H HG22 . THR A 1 5  ? -4.274 -1.181 3.409   1.00 0.00 ? 5  THR A HG22 10 
ATOM   1590 H HG23 . THR A 1 5  ? -3.922 -0.155 4.800   1.00 0.00 ? 5  THR A HG23 10 
ATOM   1591 N N    . PHE A 1 6  ? -3.339 0.672  0.692   1.00 0.00 ? 6  PHE A N    10 
ATOM   1592 C CA   . PHE A 1 6  ? -3.599 1.576  -0.423  1.00 0.00 ? 6  PHE A CA   10 
ATOM   1593 C C    . PHE A 1 6  ? -2.678 2.790  -0.367  1.00 0.00 ? 6  PHE A C    10 
ATOM   1594 O O    . PHE A 1 6  ? -2.305 3.348  -1.399  1.00 0.00 ? 6  PHE A O    10 
ATOM   1595 C CB   . PHE A 1 6  ? -5.060 2.027  -0.409  1.00 0.00 ? 6  PHE A CB   10 
ATOM   1596 C CG   . PHE A 1 6  ? -5.422 2.930  -1.554  1.00 0.00 ? 6  PHE A CG   10 
ATOM   1597 C CD1  . PHE A 1 6  ? -5.263 2.506  -2.864  1.00 0.00 ? 6  PHE A CD1  10 
ATOM   1598 C CD2  . PHE A 1 6  ? -5.919 4.201  -1.319  1.00 0.00 ? 6  PHE A CD2  10 
ATOM   1599 C CE1  . PHE A 1 6  ? -5.595 3.335  -3.919  1.00 0.00 ? 6  PHE A CE1  10 
ATOM   1600 C CE2  . PHE A 1 6  ? -6.252 5.034  -2.370  1.00 0.00 ? 6  PHE A CE2  10 
ATOM   1601 C CZ   . PHE A 1 6  ? -6.090 4.600  -3.671  1.00 0.00 ? 6  PHE A CZ   10 
ATOM   1602 H H    . PHE A 1 6  ? -4.019 0.565  1.389   1.00 0.00 ? 6  PHE A H    10 
ATOM   1603 H HA   . PHE A 1 6  ? -3.407 1.036  -1.337  1.00 0.00 ? 6  PHE A HA   10 
ATOM   1604 H HB2  . PHE A 1 6  ? -5.699 1.157  -0.458  1.00 0.00 ? 6  PHE A HB2  10 
ATOM   1605 H HB3  . PHE A 1 6  ? -5.256 2.559  0.510   1.00 0.00 ? 6  PHE A HB3  10 
ATOM   1606 H HD1  . PHE A 1 6  ? -4.877 1.517  -3.057  1.00 0.00 ? 6  PHE A HD1  10 
ATOM   1607 H HD2  . PHE A 1 6  ? -6.047 4.541  -0.303  1.00 0.00 ? 6  PHE A HD2  10 
ATOM   1608 H HE1  . PHE A 1 6  ? -5.466 2.993  -4.935  1.00 0.00 ? 6  PHE A HE1  10 
ATOM   1609 H HE2  . PHE A 1 6  ? -6.640 6.023  -2.174  1.00 0.00 ? 6  PHE A HE2  10 
ATOM   1610 H HZ   . PHE A 1 6  ? -6.350 5.250  -4.495  1.00 0.00 ? 6  PHE A HZ   10 
ATOM   1611 N N    . THR A 1 7  ? -2.313 3.196  0.846   1.00 0.00 ? 7  THR A N    10 
ATOM   1612 C CA   . THR A 1 7  ? -1.435 4.344  1.038   1.00 0.00 ? 7  THR A CA   10 
ATOM   1613 C C    . THR A 1 7  ? -0.113 4.158  0.302   1.00 0.00 ? 7  THR A C    10 
ATOM   1614 O O    . THR A 1 7  ? 0.393  5.085  -0.331  1.00 0.00 ? 7  THR A O    10 
ATOM   1615 C CB   . THR A 1 7  ? -1.148 4.588  2.532   1.00 0.00 ? 7  THR A CB   10 
ATOM   1616 O OG1  . THR A 1 7  ? -0.218 5.667  2.683   1.00 0.00 ? 7  THR A OG1  10 
ATOM   1617 C CG2  . THR A 1 7  ? -0.586 3.334  3.186   1.00 0.00 ? 7  THR A CG2  10 
ATOM   1618 H H    . THR A 1 7  ? -2.643 2.710  1.631   1.00 0.00 ? 7  THR A H    10 
ATOM   1619 H HA   . THR A 1 7  ? -1.936 5.216  0.643   1.00 0.00 ? 7  THR A HA   10 
ATOM   1620 H HB   . THR A 1 7  ? -2.074 4.848  3.024   1.00 0.00 ? 7  THR A HB   10 
ATOM   1621 H HG1  . THR A 1 7  ? 0.649  5.388  2.380   1.00 0.00 ? 7  THR A HG1  10 
ATOM   1622 H HG21 . THR A 1 7  ? 0.493  3.359  3.145   1.00 0.00 ? 7  THR A HG21 10 
ATOM   1623 H HG22 . THR A 1 7  ? -0.947 2.462  2.662   1.00 0.00 ? 7  THR A HG22 10 
ATOM   1624 H HG23 . THR A 1 7  ? -0.905 3.293  4.217   1.00 0.00 ? 7  THR A HG23 10 
ATOM   1625 N N    . SER A 1 8  ? 0.442  2.953  0.389   1.00 0.00 ? 8  SER A N    10 
ATOM   1626 C CA   . SER A 1 8  ? 1.706  2.645  -0.270  1.00 0.00 ? 8  SER A CA   10 
ATOM   1627 C C    . SER A 1 8  ? 1.493  2.355  -1.753  1.00 0.00 ? 8  SER A C    10 
ATOM   1628 O O    . SER A 1 8  ? 2.381  2.585  -2.574  1.00 0.00 ? 8  SER A O    10 
ATOM   1629 C CB   . SER A 1 8  ? 2.377  1.446  0.403   1.00 0.00 ? 8  SER A CB   10 
ATOM   1630 O OG   . SER A 1 8  ? 3.683  1.238  -0.107  1.00 0.00 ? 8  SER A OG   10 
ATOM   1631 H H    . SER A 1 8  ? -0.009 2.255  0.908   1.00 0.00 ? 8  SER A H    10 
ATOM   1632 H HA   . SER A 1 8  ? 2.350  3.507  -0.173  1.00 0.00 ? 8  SER A HA   10 
ATOM   1633 H HB2  . SER A 1 8  ? 2.444  1.624  1.466   1.00 0.00 ? 8  SER A HB2  10 
ATOM   1634 H HB3  . SER A 1 8  ? 1.787  0.559  0.223   1.00 0.00 ? 8  SER A HB3  10 
ATOM   1635 H HG   . SER A 1 8  ? 3.710  0.405  -0.585  1.00 0.00 ? 8  SER A HG   10 
ATOM   1636 N N    . ASP A 1 9  ? 0.310  1.849  -2.089  1.00 0.00 ? 9  ASP A N    10 
ATOM   1637 C CA   . ASP A 1 9  ? -0.019 1.527  -3.473  1.00 0.00 ? 9  ASP A CA   10 
ATOM   1638 C C    . ASP A 1 9  ? 0.102  2.760  -4.364  1.00 0.00 ? 9  ASP A C    10 
ATOM   1639 O O    . ASP A 1 9  ? 1.036  2.876  -5.155  1.00 0.00 ? 9  ASP A O    10 
ATOM   1640 C CB   . ASP A 1 9  ? -1.435 0.951  -3.562  1.00 0.00 ? 9  ASP A CB   10 
ATOM   1641 C CG   . ASP A 1 9  ? -1.483 -0.350 -4.337  1.00 0.00 ? 9  ASP A CG   10 
ATOM   1642 O OD1  . ASP A 1 9  ? -0.889 -1.343 -3.866  1.00 0.00 ? 9  ASP A OD1  10 
ATOM   1643 O OD2  . ASP A 1 9  ? -2.113 -0.377 -5.414  1.00 0.00 ? 9  ASP A OD2  10 
ATOM   1644 H H    . ASP A 1 9  ? -0.357 1.686  -1.389  1.00 0.00 ? 9  ASP A H    10 
ATOM   1645 H HA   . ASP A 1 9  ? 0.684  0.782  -3.814  1.00 0.00 ? 9  ASP A HA   10 
ATOM   1646 H HB2  . ASP A 1 9  ? -1.804 0.767  -2.563  1.00 0.00 ? 9  ASP A HB2  10 
ATOM   1647 H HB3  . ASP A 1 9  ? -2.079 1.665  -4.052  1.00 0.00 ? 9  ASP A HB3  10 
ATOM   1648 N N    . PHE A 1 10 ? -0.851 3.679  -4.225  1.00 0.00 ? 10 PHE A N    10 
ATOM   1649 C CA   . PHE A 1 10 ? -0.858 4.908  -5.016  1.00 0.00 ? 10 PHE A CA   10 
ATOM   1650 C C    . PHE A 1 10 ? -1.084 4.606  -6.495  1.00 0.00 ? 10 PHE A C    10 
ATOM   1651 O O    . PHE A 1 10 ? -2.150 4.891  -7.040  1.00 0.00 ? 10 PHE A O    10 
ATOM   1652 C CB   . PHE A 1 10 ? 0.455  5.673  -4.831  1.00 0.00 ? 10 PHE A CB   10 
ATOM   1653 C CG   . PHE A 1 10 ? 0.475  7.005  -5.525  1.00 0.00 ? 10 PHE A CG   10 
ATOM   1654 C CD1  . PHE A 1 10 ? -0.357 8.031  -5.108  1.00 0.00 ? 10 PHE A CD1  10 
ATOM   1655 C CD2  . PHE A 1 10 ? 1.328  7.232  -6.594  1.00 0.00 ? 10 PHE A CD2  10 
ATOM   1656 C CE1  . PHE A 1 10 ? -0.340 9.258  -5.743  1.00 0.00 ? 10 PHE A CE1  10 
ATOM   1657 C CE2  . PHE A 1 10 ? 1.349  8.456  -7.234  1.00 0.00 ? 10 PHE A CE2  10 
ATOM   1658 C CZ   . PHE A 1 10 ? 0.513  9.472  -6.808  1.00 0.00 ? 10 PHE A CZ   10 
ATOM   1659 H H    . PHE A 1 10 ? -1.569 3.527  -3.576  1.00 0.00 ? 10 PHE A H    10 
ATOM   1660 H HA   . PHE A 1 10 ? -1.673 5.521  -4.661  1.00 0.00 ? 10 PHE A HA   10 
ATOM   1661 H HB2  . PHE A 1 10 ? 0.618  5.845  -3.778  1.00 0.00 ? 10 PHE A HB2  10 
ATOM   1662 H HB3  . PHE A 1 10 ? 1.268  5.080  -5.225  1.00 0.00 ? 10 PHE A HB3  10 
ATOM   1663 H HD1  . PHE A 1 10 ? -1.025 7.866  -4.275  1.00 0.00 ? 10 PHE A HD1  10 
ATOM   1664 H HD2  . PHE A 1 10 ? 1.981  6.439  -6.928  1.00 0.00 ? 10 PHE A HD2  10 
ATOM   1665 H HE1  . PHE A 1 10 ? -0.995 10.049 -5.408  1.00 0.00 ? 10 PHE A HE1  10 
ATOM   1666 H HE2  . PHE A 1 10 ? 2.018  8.620  -8.067  1.00 0.00 ? 10 PHE A HE2  10 
ATOM   1667 H HZ   . PHE A 1 10 ? 0.528  10.429 -7.306  1.00 0.00 ? 10 PHE A HZ   10 
ATOM   1668 N N    . PHE A 1 11 ? -0.076 4.027  -7.140  1.00 0.00 ? 11 PHE A N    10 
ATOM   1669 C CA   . PHE A 1 11 ? -0.167 3.687  -8.555  1.00 0.00 ? 11 PHE A CA   10 
ATOM   1670 C C    . PHE A 1 11 ? -1.343 2.749  -8.815  1.00 0.00 ? 11 PHE A C    10 
ATOM   1671 O O    . PHE A 1 11 ? -2.063 2.898  -9.803  1.00 0.00 ? 11 PHE A O    10 
ATOM   1672 C CB   . PHE A 1 11 ? 1.132  3.035  -9.031  1.00 0.00 ? 11 PHE A CB   10 
ATOM   1673 C CG   . PHE A 1 11 ? 1.240  2.931  -10.525 1.00 0.00 ? 11 PHE A CG   10 
ATOM   1674 C CD1  . PHE A 1 11 ? 1.304  4.070  -11.310 1.00 0.00 ? 11 PHE A CD1  10 
ATOM   1675 C CD2  . PHE A 1 11 ? 1.274  1.691  -11.144 1.00 0.00 ? 11 PHE A CD2  10 
ATOM   1676 C CE1  . PHE A 1 11 ? 1.402  3.977  -12.686 1.00 0.00 ? 11 PHE A CE1  10 
ATOM   1677 C CE2  . PHE A 1 11 ? 1.371  1.591  -12.519 1.00 0.00 ? 11 PHE A CE2  10 
ATOM   1678 C CZ   . PHE A 1 11 ? 1.436  2.735  -13.290 1.00 0.00 ? 11 PHE A CZ   10 
ATOM   1679 H H    . PHE A 1 11 ? 0.749  3.823  -6.652  1.00 0.00 ? 11 PHE A H    10 
ATOM   1680 H HA   . PHE A 1 11 ? -0.324 4.602  -9.106  1.00 0.00 ? 11 PHE A HA   10 
ATOM   1681 H HB2  . PHE A 1 11 ? 1.969  3.620  -8.679  1.00 0.00 ? 11 PHE A HB2  10 
ATOM   1682 H HB3  . PHE A 1 11 ? 1.199  2.039  -8.621  1.00 0.00 ? 11 PHE A HB3  10 
ATOM   1683 H HD1  . PHE A 1 11 ? 1.279  5.042  -10.838 1.00 0.00 ? 11 PHE A HD1  10 
ATOM   1684 H HD2  . PHE A 1 11 ? 1.223  0.797  -10.542 1.00 0.00 ? 11 PHE A HD2  10 
ATOM   1685 H HE1  . PHE A 1 11 ? 1.452  4.872  -13.286 1.00 0.00 ? 11 PHE A HE1  10 
ATOM   1686 H HE2  . PHE A 1 11 ? 1.398  0.619  -12.990 1.00 0.00 ? 11 PHE A HE2  10 
ATOM   1687 H HZ   . PHE A 1 11 ? 1.512  2.659  -14.365 1.00 0.00 ? 11 PHE A HZ   10 
HETATM 1688 N N    . NH2 A 1 12 ? -1.538 1.782  -7.925  1.00 0.00 ? 12 NH2 A N    10 
HETATM 1689 H HN1  . NH2 A 1 12 ? -2.286 1.165  -8.068  1.00 0.00 ? 12 NH2 A HN1  10 
HETATM 1690 H HN2  . NH2 A 1 12 ? -0.924 1.724  -7.164  1.00 0.00 ? 12 NH2 A HN2  10 
# 
